data_9GRN
#
_entry.id   9GRN
#
_cell.length_a   249.475
_cell.length_b   90.516
_cell.length_c   200.898
_cell.angle_alpha   90.00
_cell.angle_beta   126.91
_cell.angle_gamma   90.00
#
_symmetry.space_group_name_H-M   'C 1 2 1'
#
loop_
_entity.id
_entity.type
_entity.pdbx_description
1 polymer 'Inositol hexakisphosphate and diphosphoinositol-pentakisphosphate kinase'
2 non-polymer GLYCEROL
3 non-polymer 'ZINC ION'
4 non-polymer [1-MYRISTOYL-GLYCEROL-3-YL]PHOSPHONYLCHOLINE
5 non-polymer 'ACETATE ION'
6 water water
#
_entity_poly.entity_id   1
_entity_poly.type   'polypeptide(L)'
_entity_poly.pdbx_seq_one_letter_code
;GAKWVFKGLAIIIRHADRTPKQKFKHSFTSPIFISLLKGHKEEVVIRNVNDLKIVLQALRIALDEKAGNPAKIKVLANAL
EKKLNFPGTKIQLKPVLNKENEVEKVQFILKWGGEPTHSAKYQATELGEQMRQDFDLLNKSILQNIKIFSSSERRVLHTA
QYWTRALFGADELGSDEISIRKDLLDDSNAAKDLMDKVKKKLKPLLREGKEAPPQFAWPSKMPEPYLVIKRVVELMNYHK
KIMDNNFAKKDVNSMQTRWCTSEDPSLFKERWDKLFKEFNNAEKVDPSKISELYDTMKYDALHNRQFLENIFDPGSSGQF
DEPRFMQLRELYKLAKVLFDFICPKEYGISDAEKLDIGLLTSLPLAKQILNDIGDMKNRETPACVAYFTKESHIYTLLNI
IYESGIPMRIARNALPELDYLSQITFELYESTDASGQKSHSIRLKMSPGCHTQDPLDVQLDDRHYISCIPKISLTKHLDM
DYVQQKLRNKFTRVIMPPKFTPVNITS
;
_entity_poly.pdbx_strand_id   A,B,C,D
#
# COMPACT_ATOMS: atom_id res chain seq x y z
N VAL A 5 -3.50 12.46 -4.99
CA VAL A 5 -4.51 12.36 -3.95
C VAL A 5 -4.76 10.89 -3.61
N PHE A 6 -3.71 10.08 -3.73
CA PHE A 6 -3.85 8.64 -3.57
C PHE A 6 -4.18 8.26 -2.14
N LYS A 7 -4.99 7.20 -1.99
CA LYS A 7 -5.39 6.69 -0.68
C LYS A 7 -5.27 5.18 -0.53
N GLY A 8 -5.29 4.41 -1.61
CA GLY A 8 -5.17 2.96 -1.47
C GLY A 8 -5.38 2.26 -2.80
N LEU A 9 -5.05 0.97 -2.81
CA LEU A 9 -5.11 0.15 -4.01
C LEU A 9 -5.56 -1.26 -3.68
N ALA A 10 -6.56 -1.76 -4.40
CA ALA A 10 -7.01 -3.14 -4.36
C ALA A 10 -6.79 -3.75 -5.74
N ILE A 11 -5.76 -4.59 -5.88
CA ILE A 11 -5.33 -5.10 -7.17
C ILE A 11 -5.53 -6.62 -7.23
N ILE A 12 -6.24 -7.07 -8.26
CA ILE A 12 -6.44 -8.49 -8.55
C ILE A 12 -5.51 -8.87 -9.70
N ILE A 13 -4.76 -9.96 -9.53
CA ILE A 13 -3.69 -10.32 -10.44
C ILE A 13 -3.85 -11.77 -10.86
N ARG A 14 -3.64 -12.04 -12.15
CA ARG A 14 -3.70 -13.40 -12.68
C ARG A 14 -2.34 -14.09 -12.56
N HIS A 15 -2.37 -15.42 -12.55
CA HIS A 15 -1.14 -16.19 -12.50
C HIS A 15 -0.32 -16.00 -13.78
N ALA A 16 0.98 -16.29 -13.67
CA ALA A 16 1.93 -16.04 -14.74
C ALA A 16 1.97 -17.21 -15.72
N ASP A 17 2.91 -17.15 -16.67
CA ASP A 17 2.97 -18.11 -17.76
C ASP A 17 2.99 -19.54 -17.25
N ARG A 18 2.25 -20.42 -17.94
CA ARG A 18 2.12 -21.82 -17.57
C ARG A 18 2.18 -22.68 -18.82
N THR A 19 2.57 -23.95 -18.64
CA THR A 19 2.64 -24.88 -19.76
C THR A 19 1.27 -25.42 -20.15
N PRO A 20 1.10 -25.79 -21.42
CA PRO A 20 -0.18 -26.39 -21.86
C PRO A 20 -0.42 -27.72 -21.18
N LYS A 21 -1.69 -28.01 -20.89
CA LYS A 21 -2.04 -29.32 -20.35
C LYS A 21 -2.02 -30.33 -21.48
N GLN A 22 -1.28 -31.42 -21.28
CA GLN A 22 -1.08 -32.45 -22.28
C GLN A 22 -1.20 -33.84 -21.67
N LYS A 23 -1.66 -34.80 -22.46
CA LYS A 23 -1.82 -36.16 -21.98
C LYS A 23 -1.71 -37.13 -23.15
N PHE A 24 -1.08 -38.28 -22.89
CA PHE A 24 -1.10 -39.45 -23.75
C PHE A 24 -1.94 -40.59 -23.16
N LYS A 25 -2.76 -41.22 -24.00
CA LYS A 25 -3.60 -42.34 -23.59
C LYS A 25 -3.43 -43.47 -24.59
N HIS A 26 -3.18 -44.67 -24.06
CA HIS A 26 -3.12 -45.89 -24.86
C HIS A 26 -3.48 -47.10 -23.99
N SER A 27 -4.07 -48.11 -24.61
CA SER A 27 -4.50 -49.32 -23.91
C SER A 27 -3.62 -50.48 -24.33
N PHE A 28 -3.18 -51.28 -23.34
CA PHE A 28 -2.33 -52.44 -23.58
C PHE A 28 -2.91 -53.68 -22.91
N THR A 29 -2.58 -54.84 -23.48
CA THR A 29 -3.03 -56.13 -22.96
C THR A 29 -1.87 -57.02 -22.52
N SER A 30 -0.62 -56.61 -22.74
CA SER A 30 0.51 -57.46 -22.40
C SER A 30 0.57 -57.64 -20.89
N PRO A 31 1.04 -58.80 -20.40
CA PRO A 31 1.05 -59.01 -18.95
C PRO A 31 1.86 -57.97 -18.18
N ILE A 32 2.99 -57.53 -18.73
CA ILE A 32 3.82 -56.55 -18.02
C ILE A 32 3.05 -55.27 -17.76
N PHE A 33 2.19 -54.87 -18.70
CA PHE A 33 1.38 -53.68 -18.50
C PHE A 33 0.27 -53.93 -17.49
N ILE A 34 -0.37 -55.10 -17.55
CA ILE A 34 -1.41 -55.42 -16.58
C ILE A 34 -0.84 -55.47 -15.17
N SER A 35 0.41 -55.92 -15.02
CA SER A 35 1.00 -56.03 -13.69
C SER A 35 1.21 -54.68 -13.02
N LEU A 36 1.24 -53.60 -13.81
CA LEU A 36 1.37 -52.26 -13.23
C LEU A 36 0.18 -51.93 -12.32
N LEU A 37 -0.97 -52.54 -12.57
CA LEU A 37 -2.14 -52.34 -11.73
C LEU A 37 -1.96 -52.94 -10.34
N LYS A 38 -0.97 -53.80 -10.15
CA LYS A 38 -0.70 -54.43 -8.86
C LYS A 38 -1.97 -55.09 -8.30
N GLY A 39 -2.66 -55.85 -9.16
CA GLY A 39 -3.79 -56.65 -8.74
C GLY A 39 -5.10 -55.91 -8.61
N HIS A 40 -5.07 -54.58 -8.57
CA HIS A 40 -6.30 -53.81 -8.41
C HIS A 40 -7.17 -53.94 -9.65
N LYS A 41 -8.48 -53.95 -9.43
CA LYS A 41 -9.47 -54.07 -10.50
C LYS A 41 -10.27 -52.78 -10.69
N GLU A 42 -9.75 -51.65 -10.19
CA GLU A 42 -10.34 -50.34 -10.40
C GLU A 42 -9.26 -49.38 -10.86
N GLU A 43 -9.67 -48.16 -11.19
CA GLU A 43 -8.71 -47.17 -11.65
C GLU A 43 -7.61 -46.97 -10.62
N VAL A 44 -6.36 -46.90 -11.09
CA VAL A 44 -5.19 -46.72 -10.24
C VAL A 44 -4.49 -45.44 -10.67
N VAL A 45 -4.18 -44.58 -9.71
CA VAL A 45 -3.47 -43.33 -9.96
C VAL A 45 -2.08 -43.42 -9.37
N ILE A 46 -1.09 -42.99 -10.13
CA ILE A 46 0.31 -43.00 -9.71
C ILE A 46 0.82 -41.57 -9.75
N ARG A 47 1.28 -41.08 -8.61
CA ARG A 47 1.89 -39.75 -8.52
C ARG A 47 3.18 -39.74 -7.72
N ASN A 48 3.52 -40.83 -7.05
CA ASN A 48 4.78 -40.91 -6.34
C ASN A 48 5.93 -41.04 -7.34
N VAL A 49 6.93 -40.17 -7.21
CA VAL A 49 8.01 -40.13 -8.18
C VAL A 49 8.70 -41.49 -8.26
N ASN A 50 8.84 -42.17 -7.12
CA ASN A 50 9.50 -43.46 -7.10
C ASN A 50 8.67 -44.51 -7.83
N ASP A 51 7.35 -44.45 -7.69
CA ASP A 51 6.47 -45.35 -8.43
C ASP A 51 6.54 -45.08 -9.94
N LEU A 52 6.71 -43.82 -10.33
CA LEU A 52 6.86 -43.51 -11.76
C LEU A 52 8.16 -44.07 -12.32
N LYS A 53 9.23 -44.11 -11.53
CA LYS A 53 10.46 -44.73 -12.02
C LYS A 53 10.27 -46.23 -12.23
N ILE A 54 9.49 -46.88 -11.37
CA ILE A 54 9.20 -48.30 -11.55
C ILE A 54 8.38 -48.52 -12.82
N VAL A 55 7.34 -47.70 -13.03
CA VAL A 55 6.57 -47.83 -14.26
C VAL A 55 7.47 -47.58 -15.46
N LEU A 56 8.34 -46.57 -15.35
CA LEU A 56 9.31 -46.28 -16.39
C LEU A 56 10.15 -47.52 -16.69
N GLN A 57 10.59 -48.22 -15.65
CA GLN A 57 11.34 -49.45 -15.83
C GLN A 57 10.53 -50.50 -16.57
N ALA A 58 9.23 -50.59 -16.25
CA ALA A 58 8.36 -51.52 -16.97
C ALA A 58 8.34 -51.22 -18.46
N LEU A 59 8.37 -49.95 -18.85
CA LEU A 59 8.36 -49.64 -20.29
C LEU A 59 9.66 -50.09 -20.95
N ARG A 60 10.79 -49.97 -20.26
CA ARG A 60 12.06 -50.44 -20.83
C ARG A 60 12.07 -51.96 -20.95
N ILE A 61 11.46 -52.67 -20.01
CA ILE A 61 11.31 -54.12 -20.14
C ILE A 61 10.47 -54.44 -21.38
N ALA A 62 9.31 -53.79 -21.51
CA ALA A 62 8.45 -54.01 -22.66
C ALA A 62 9.23 -53.80 -23.95
N LEU A 63 10.06 -52.76 -24.01
CA LEU A 63 10.87 -52.48 -25.19
C LEU A 63 11.79 -53.65 -25.54
N ASP A 64 12.55 -54.16 -24.56
CA ASP A 64 13.50 -55.23 -24.86
C ASP A 64 12.77 -56.48 -25.33
N GLU A 65 11.63 -56.80 -24.73
CA GLU A 65 10.83 -57.96 -25.12
C GLU A 65 9.48 -57.39 -25.56
N LYS A 66 9.30 -57.29 -26.88
CA LYS A 66 8.14 -56.63 -27.46
C LYS A 66 6.86 -57.04 -26.75
N ALA A 67 6.23 -56.07 -26.09
CA ALA A 67 4.97 -56.26 -25.39
C ALA A 67 3.82 -55.47 -25.97
N GLY A 68 4.08 -54.28 -26.51
CA GLY A 68 3.06 -53.43 -27.08
C GLY A 68 3.55 -52.72 -28.32
N ASN A 69 2.74 -51.80 -28.86
CA ASN A 69 3.16 -50.99 -30.00
C ASN A 69 4.49 -50.32 -29.67
N PRO A 70 5.61 -50.81 -30.22
CA PRO A 70 6.91 -50.23 -29.81
C PRO A 70 7.02 -48.73 -30.02
N ALA A 71 6.52 -48.20 -31.14
CA ALA A 71 6.58 -46.77 -31.37
C ALA A 71 5.86 -45.99 -30.27
N LYS A 72 4.70 -46.49 -29.84
CA LYS A 72 3.92 -45.80 -28.81
C LYS A 72 4.49 -45.97 -27.42
N ILE A 73 5.20 -47.06 -27.12
CA ILE A 73 5.80 -47.14 -25.79
C ILE A 73 6.96 -46.16 -25.68
N LYS A 74 7.69 -45.95 -26.77
CA LYS A 74 8.78 -44.99 -26.76
C LYS A 74 8.29 -43.58 -26.44
N VAL A 75 7.20 -43.14 -27.10
CA VAL A 75 6.73 -41.78 -26.85
C VAL A 75 6.28 -41.60 -25.41
N LEU A 76 5.56 -42.59 -24.86
CA LEU A 76 5.16 -42.50 -23.46
C LEU A 76 6.40 -42.51 -22.56
N ALA A 77 7.31 -43.45 -22.82
CA ALA A 77 8.50 -43.59 -21.99
C ALA A 77 9.37 -42.35 -22.09
N ASN A 78 9.60 -41.84 -23.30
CA ASN A 78 10.43 -40.65 -23.46
C ASN A 78 9.79 -39.46 -22.78
N ALA A 79 8.46 -39.32 -22.91
CA ALA A 79 7.77 -38.22 -22.25
C ALA A 79 7.82 -38.36 -20.73
N LEU A 80 7.63 -39.59 -20.24
CA LEU A 80 7.70 -39.82 -18.80
C LEU A 80 9.08 -39.51 -18.23
N GLU A 81 10.14 -39.95 -18.91
CA GLU A 81 11.48 -39.72 -18.37
C GLU A 81 11.73 -38.23 -18.16
N LYS A 82 11.26 -37.40 -19.09
CA LYS A 82 11.51 -35.97 -19.02
C LYS A 82 10.56 -35.29 -18.04
N LYS A 83 9.39 -35.89 -17.80
CA LYS A 83 8.31 -35.24 -17.05
C LYS A 83 8.03 -35.90 -15.71
N LEU A 84 8.76 -36.97 -15.36
CA LEU A 84 8.46 -37.72 -14.14
C LEU A 84 8.70 -36.91 -12.87
N ASN A 85 9.55 -35.89 -12.92
CA ASN A 85 9.88 -35.08 -11.75
C ASN A 85 9.02 -33.83 -11.62
N PHE A 86 7.96 -33.69 -12.44
CA PHE A 86 7.19 -32.45 -12.38
C PHE A 86 5.94 -32.66 -11.53
N PRO A 87 5.68 -31.81 -10.53
CA PRO A 87 4.42 -31.93 -9.79
C PRO A 87 3.24 -31.76 -10.74
N GLY A 88 2.21 -32.57 -10.52
CA GLY A 88 1.05 -32.59 -11.39
C GLY A 88 1.11 -33.68 -12.43
N THR A 89 2.28 -34.27 -12.64
CA THR A 89 2.42 -35.39 -13.57
C THR A 89 1.90 -36.65 -12.88
N LYS A 90 1.01 -37.38 -13.56
CA LYS A 90 0.42 -38.56 -12.96
C LYS A 90 0.14 -39.59 -14.05
N ILE A 91 -0.10 -40.82 -13.60
CA ILE A 91 -0.49 -41.92 -14.47
C ILE A 91 -1.82 -42.45 -13.95
N GLN A 92 -2.75 -42.70 -14.86
CA GLN A 92 -4.02 -43.32 -14.52
C GLN A 92 -4.10 -44.65 -15.25
N LEU A 93 -4.43 -45.71 -14.51
CA LEU A 93 -4.58 -47.05 -15.06
C LEU A 93 -6.03 -47.45 -14.93
N LYS A 94 -6.74 -47.48 -16.05
CA LYS A 94 -8.15 -47.86 -16.06
C LYS A 94 -8.25 -49.29 -16.56
N PRO A 95 -8.51 -50.28 -15.71
CA PRO A 95 -8.63 -51.65 -16.20
C PRO A 95 -9.95 -51.86 -16.91
N VAL A 96 -9.91 -52.72 -17.93
CA VAL A 96 -11.11 -53.11 -18.67
C VAL A 96 -11.42 -54.56 -18.34
N LEU A 97 -12.63 -54.81 -17.86
CA LEU A 97 -13.04 -56.11 -17.36
C LEU A 97 -13.93 -56.77 -18.40
N ASN A 98 -13.69 -58.06 -18.63
CA ASN A 98 -14.49 -58.80 -19.59
C ASN A 98 -15.67 -59.43 -18.86
N LYS A 99 -16.41 -60.31 -19.54
CA LYS A 99 -17.61 -60.88 -18.94
C LYS A 99 -17.34 -61.68 -17.68
N GLU A 100 -16.09 -62.11 -17.43
CA GLU A 100 -15.76 -62.88 -16.25
C GLU A 100 -14.97 -62.07 -15.22
N ASN A 101 -15.17 -60.76 -15.18
CA ASN A 101 -14.53 -59.90 -14.17
C ASN A 101 -13.02 -60.06 -14.18
N GLU A 102 -12.44 -60.32 -15.35
CA GLU A 102 -11.00 -60.42 -15.51
C GLU A 102 -10.49 -59.21 -16.28
N VAL A 103 -9.37 -58.65 -15.84
CA VAL A 103 -8.74 -57.56 -16.59
C VAL A 103 -8.14 -58.16 -17.86
N GLU A 104 -8.67 -57.76 -19.01
CA GLU A 104 -8.15 -58.22 -20.29
C GLU A 104 -7.30 -57.17 -20.99
N LYS A 105 -7.39 -55.92 -20.55
CA LYS A 105 -6.68 -54.81 -21.17
C LYS A 105 -6.71 -53.67 -20.15
N VAL A 106 -5.66 -52.86 -20.15
CA VAL A 106 -5.56 -51.72 -19.25
C VAL A 106 -5.26 -50.49 -20.08
N GLN A 107 -5.99 -49.42 -19.81
CA GLN A 107 -5.73 -48.13 -20.43
C GLN A 107 -4.68 -47.40 -19.61
N PHE A 108 -3.58 -47.02 -20.27
CA PHE A 108 -2.49 -46.28 -19.67
C PHE A 108 -2.61 -44.81 -20.06
N ILE A 109 -2.97 -43.96 -19.11
CA ILE A 109 -3.15 -42.53 -19.38
C ILE A 109 -2.06 -41.80 -18.60
N LEU A 110 -1.17 -41.13 -19.34
CA LEU A 110 -0.12 -40.30 -18.78
C LEU A 110 -0.51 -38.83 -18.96
N LYS A 111 -0.66 -38.10 -17.85
CA LYS A 111 -1.03 -36.69 -17.91
C LYS A 111 0.12 -35.88 -17.32
N TRP A 112 0.35 -34.69 -17.89
CA TRP A 112 1.33 -33.77 -17.34
C TRP A 112 0.99 -32.34 -17.75
N GLY A 113 1.77 -31.40 -17.23
CA GLY A 113 1.64 -29.99 -17.53
C GLY A 113 0.78 -29.19 -16.56
N GLY A 114 0.45 -27.99 -17.03
CA GLY A 114 -0.26 -27.00 -16.24
C GLY A 114 0.57 -26.34 -15.16
N GLU A 115 1.94 -26.55 -15.18
CA GLU A 115 2.88 -25.96 -14.25
C GLU A 115 3.33 -24.59 -14.72
N PRO A 116 3.72 -23.69 -13.82
CA PRO A 116 4.30 -22.42 -14.26
C PRO A 116 5.60 -22.68 -15.02
N THR A 117 5.79 -21.93 -16.11
CA THR A 117 6.98 -22.11 -16.91
C THR A 117 8.18 -21.42 -16.27
N HIS A 118 9.37 -21.70 -16.83
CA HIS A 118 10.57 -21.06 -16.35
C HIS A 118 10.51 -19.54 -16.50
N SER A 119 9.61 -19.05 -17.35
CA SER A 119 9.47 -17.61 -17.56
C SER A 119 8.63 -16.93 -16.48
N ALA A 120 7.82 -17.68 -15.74
CA ALA A 120 6.88 -17.03 -14.82
C ALA A 120 7.59 -16.20 -13.76
N LYS A 121 8.72 -16.69 -13.23
CA LYS A 121 9.36 -15.96 -12.14
C LYS A 121 9.84 -14.58 -12.60
N TYR A 122 10.26 -14.47 -13.87
CA TYR A 122 10.72 -13.21 -14.41
C TYR A 122 9.58 -12.21 -14.54
N GLN A 123 8.44 -12.65 -15.07
CA GLN A 123 7.30 -11.77 -15.23
C GLN A 123 6.81 -11.26 -13.89
N ALA A 124 6.73 -12.13 -12.90
CA ALA A 124 6.26 -11.74 -11.57
C ALA A 124 7.25 -10.81 -10.87
N THR A 125 8.56 -11.08 -10.98
CA THR A 125 9.53 -10.19 -10.36
C THR A 125 9.51 -8.78 -10.94
N GLU A 126 9.44 -8.64 -12.27
CA GLU A 126 9.32 -7.30 -12.85
C GLU A 126 8.15 -6.54 -12.26
N LEU A 127 7.00 -7.20 -12.10
CA LEU A 127 5.82 -6.51 -11.61
C LEU A 127 6.00 -6.13 -10.15
N GLY A 128 6.64 -7.00 -9.37
CA GLY A 128 6.84 -6.67 -7.97
C GLY A 128 7.80 -5.50 -7.82
N GLU A 129 8.84 -5.47 -8.66
CA GLU A 129 9.78 -4.36 -8.62
C GLU A 129 9.11 -3.08 -9.10
N GLN A 130 8.39 -3.17 -10.23
CA GLN A 130 7.67 -2.02 -10.74
C GLN A 130 6.72 -1.47 -9.69
N MET A 131 6.01 -2.37 -9.00
CA MET A 131 5.06 -1.91 -7.98
C MET A 131 5.80 -1.33 -6.78
N ARG A 132 6.96 -1.87 -6.42
CA ARG A 132 7.78 -1.25 -5.38
C ARG A 132 8.22 0.15 -5.79
N GLN A 133 8.70 0.29 -7.02
CA GLN A 133 9.03 1.62 -7.53
C GLN A 133 7.83 2.55 -7.45
N ASP A 134 6.69 2.09 -7.98
CA ASP A 134 5.50 2.93 -7.98
C ASP A 134 5.12 3.35 -6.56
N PHE A 135 5.17 2.40 -5.62
CA PHE A 135 4.74 2.70 -4.26
C PHE A 135 5.71 3.61 -3.53
N ASP A 136 7.02 3.38 -3.67
CA ASP A 136 8.02 4.23 -3.05
C ASP A 136 8.05 5.64 -3.64
N LEU A 137 7.26 5.90 -4.67
CA LEU A 137 7.12 7.24 -5.24
C LEU A 137 5.80 7.89 -4.86
N LEU A 138 4.76 7.10 -4.63
CA LEU A 138 3.47 7.64 -4.20
C LEU A 138 3.44 7.86 -2.70
N ASN A 139 3.69 6.80 -1.93
CA ASN A 139 3.74 6.91 -0.47
C ASN A 139 4.51 5.73 0.08
N LYS A 140 5.67 5.99 0.70
CA LYS A 140 6.49 4.90 1.21
C LYS A 140 5.80 4.11 2.30
N SER A 141 4.82 4.71 3.00
CA SER A 141 4.14 4.01 4.07
C SER A 141 3.27 2.86 3.58
N ILE A 142 2.94 2.85 2.29
CA ILE A 142 2.11 1.79 1.73
C ILE A 142 2.78 0.43 1.87
N LEU A 143 4.10 0.38 1.74
CA LEU A 143 4.82 -0.89 1.82
C LEU A 143 4.62 -1.54 3.19
N GLN A 144 4.32 -0.75 4.21
CA GLN A 144 4.12 -1.26 5.56
C GLN A 144 2.72 -1.82 5.77
N ASN A 145 1.86 -1.76 4.76
CA ASN A 145 0.48 -2.22 4.83
C ASN A 145 0.14 -3.07 3.62
N ILE A 146 0.93 -4.11 3.36
CA ILE A 146 0.70 -5.00 2.23
C ILE A 146 0.05 -6.27 2.74
N LYS A 147 -1.05 -6.67 2.09
CA LYS A 147 -1.74 -7.93 2.35
C LYS A 147 -1.87 -8.72 1.05
N ILE A 148 -1.51 -10.01 1.09
CA ILE A 148 -1.34 -10.83 -0.12
C ILE A 148 -2.18 -12.08 0.06
N PHE A 149 -3.06 -12.34 -0.90
CA PHE A 149 -3.83 -13.58 -0.98
C PHE A 149 -3.47 -14.39 -2.22
N SER A 150 -3.74 -15.69 -2.16
CA SER A 150 -3.46 -16.60 -3.25
C SER A 150 -4.46 -17.76 -3.22
N SER A 151 -4.80 -18.26 -4.42
CA SER A 151 -5.57 -19.49 -4.53
C SER A 151 -4.73 -20.67 -4.07
N SER A 152 -5.38 -21.84 -3.96
CA SER A 152 -4.66 -23.04 -3.55
C SER A 152 -3.85 -23.67 -4.67
N GLU A 153 -4.13 -23.35 -5.92
CA GLU A 153 -3.37 -23.93 -7.03
C GLU A 153 -1.91 -23.52 -6.97
N ARG A 154 -1.03 -24.46 -7.32
CA ARG A 154 0.40 -24.21 -7.23
C ARG A 154 0.85 -23.10 -8.17
N ARG A 155 0.30 -23.05 -9.38
CA ARG A 155 0.71 -22.01 -10.32
C ARG A 155 0.34 -20.62 -9.83
N VAL A 156 -0.73 -20.49 -9.04
CA VAL A 156 -1.14 -19.17 -8.58
C VAL A 156 -0.23 -18.72 -7.44
N LEU A 157 -0.03 -19.58 -6.45
CA LEU A 157 0.86 -19.25 -5.34
C LEU A 157 2.27 -18.98 -5.84
N HIS A 158 2.74 -19.77 -6.81
CA HIS A 158 4.04 -19.51 -7.42
C HIS A 158 4.16 -18.06 -7.89
N THR A 159 3.15 -17.58 -8.62
CA THR A 159 3.18 -16.20 -9.07
C THR A 159 3.20 -15.23 -7.90
N ALA A 160 2.39 -15.52 -6.87
CA ALA A 160 2.30 -14.65 -5.70
C ALA A 160 3.64 -14.59 -4.96
N GLN A 161 4.35 -15.71 -4.90
CA GLN A 161 5.58 -15.76 -4.10
C GLN A 161 6.67 -14.88 -4.70
N TYR A 162 6.86 -14.96 -6.02
CA TYR A 162 7.90 -14.16 -6.65
C TYR A 162 7.53 -12.69 -6.71
N TRP A 163 6.23 -12.37 -6.84
CA TRP A 163 5.81 -10.98 -6.78
C TRP A 163 6.07 -10.40 -5.39
N THR A 164 5.78 -11.17 -4.34
CA THR A 164 6.04 -10.68 -2.98
C THR A 164 7.53 -10.47 -2.75
N ARG A 165 8.37 -11.41 -3.20
CA ARG A 165 9.81 -11.23 -3.07
C ARG A 165 10.26 -9.98 -3.79
N ALA A 166 9.73 -9.76 -4.99
CA ALA A 166 10.11 -8.58 -5.78
C ALA A 166 9.56 -7.32 -5.14
N LEU A 167 8.41 -7.41 -4.48
CA LEU A 167 7.82 -6.22 -3.89
C LEU A 167 8.66 -5.74 -2.71
N PHE A 168 9.14 -6.65 -1.88
CA PHE A 168 9.94 -6.26 -0.72
C PHE A 168 11.43 -6.34 -1.04
N ASP A 176 3.91 -16.78 7.79
CA ASP A 176 3.65 -16.59 6.37
C ASP A 176 2.85 -15.31 6.14
N GLU A 177 3.21 -14.56 5.10
CA GLU A 177 2.50 -13.33 4.78
C GLU A 177 1.44 -13.52 3.71
N ILE A 178 1.58 -14.54 2.85
CA ILE A 178 0.56 -14.84 1.85
C ILE A 178 -0.52 -15.70 2.51
N SER A 179 -1.77 -15.27 2.39
CA SER A 179 -2.91 -15.89 3.08
C SER A 179 -3.84 -16.56 2.06
N ILE A 180 -3.68 -17.87 1.89
CA ILE A 180 -4.56 -18.61 1.00
C ILE A 180 -6.01 -18.47 1.47
N ARG A 181 -6.91 -18.18 0.53
CA ARG A 181 -8.34 -17.97 0.80
C ARG A 181 -9.14 -18.76 -0.23
N LYS A 182 -9.43 -20.02 0.10
CA LYS A 182 -10.13 -20.90 -0.84
C LYS A 182 -11.54 -20.41 -1.16
N ASP A 183 -12.25 -19.84 -0.18
CA ASP A 183 -13.62 -19.41 -0.42
C ASP A 183 -13.73 -18.29 -1.44
N LEU A 184 -12.71 -17.44 -1.57
CA LEU A 184 -12.80 -16.29 -2.47
C LEU A 184 -12.16 -16.55 -3.83
N LEU A 185 -11.02 -17.24 -3.87
CA LEU A 185 -10.17 -17.23 -5.05
C LEU A 185 -9.95 -18.60 -5.67
N ASP A 186 -10.38 -19.68 -5.02
CA ASP A 186 -10.33 -20.99 -5.64
C ASP A 186 -11.65 -21.26 -6.37
N ASP A 187 -11.61 -22.24 -7.27
CA ASP A 187 -12.79 -22.58 -8.06
C ASP A 187 -13.89 -23.19 -7.19
N SER A 188 -15.14 -22.87 -7.55
CA SER A 188 -16.33 -23.37 -6.88
C SER A 188 -17.22 -24.04 -7.92
N ASN A 189 -17.79 -25.20 -7.58
CA ASN A 189 -18.69 -25.88 -8.50
C ASN A 189 -20.02 -25.19 -8.63
N ALA A 190 -20.20 -23.99 -8.07
CA ALA A 190 -21.47 -23.30 -8.20
C ALA A 190 -21.71 -22.88 -9.64
N ALA A 191 -20.68 -22.38 -10.32
CA ALA A 191 -20.83 -21.95 -11.70
C ALA A 191 -20.58 -23.05 -12.72
N LYS A 192 -20.04 -24.20 -12.31
CA LYS A 192 -19.80 -25.25 -13.30
C LYS A 192 -21.11 -25.86 -13.78
N ASP A 193 -22.14 -25.85 -12.93
CA ASP A 193 -23.46 -26.29 -13.35
C ASP A 193 -24.02 -25.36 -14.42
N LEU A 194 -23.75 -24.06 -14.29
CA LEU A 194 -24.25 -23.06 -15.22
C LEU A 194 -23.35 -22.81 -16.42
N MET A 195 -22.03 -23.02 -16.29
CA MET A 195 -21.18 -22.91 -17.47
C MET A 195 -21.37 -24.04 -18.47
N ASP A 196 -21.89 -25.18 -18.04
CA ASP A 196 -22.21 -26.23 -19.00
C ASP A 196 -23.45 -25.86 -19.83
N LYS A 197 -24.47 -25.29 -19.19
CA LYS A 197 -25.62 -24.78 -19.93
C LYS A 197 -25.18 -23.78 -20.99
N VAL A 198 -24.14 -23.00 -20.70
CA VAL A 198 -23.62 -22.01 -21.63
C VAL A 198 -22.78 -22.68 -22.72
N LYS A 199 -21.94 -23.63 -22.33
CA LYS A 199 -21.07 -24.31 -23.30
C LYS A 199 -21.87 -24.94 -24.43
N LYS A 200 -23.02 -25.53 -24.11
CA LYS A 200 -23.83 -26.14 -25.16
C LYS A 200 -24.41 -25.09 -26.09
N LYS A 201 -24.65 -23.89 -25.56
CA LYS A 201 -25.15 -22.77 -26.35
C LYS A 201 -24.10 -22.20 -27.31
N LEU A 202 -22.80 -22.42 -27.08
CA LEU A 202 -21.81 -21.86 -28.00
C LEU A 202 -21.56 -22.73 -29.23
N LYS A 203 -21.81 -24.03 -29.13
CA LYS A 203 -21.55 -24.92 -30.27
C LYS A 203 -22.34 -24.47 -31.50
N PRO A 204 -23.65 -24.20 -31.42
CA PRO A 204 -24.42 -23.76 -32.59
C PRO A 204 -23.96 -22.43 -33.19
N LEU A 205 -23.40 -21.54 -32.36
CA LEU A 205 -22.91 -20.25 -32.84
C LEU A 205 -21.83 -20.42 -33.90
N LEU A 206 -21.01 -21.44 -33.78
CA LEU A 206 -19.90 -21.66 -34.70
C LEU A 206 -20.28 -22.43 -35.98
N ARG A 207 -21.26 -23.33 -35.95
CA ARG A 207 -21.53 -24.12 -37.15
C ARG A 207 -22.62 -23.46 -37.99
N GLU A 208 -23.04 -24.16 -39.05
CA GLU A 208 -23.92 -23.64 -40.09
C GLU A 208 -23.57 -22.21 -40.46
N GLY A 209 -24.58 -21.33 -40.62
CA GLY A 209 -24.36 -20.03 -41.22
C GLY A 209 -24.81 -18.87 -40.36
N LYS A 210 -24.55 -18.95 -39.05
CA LYS A 210 -24.97 -17.89 -38.15
C LYS A 210 -24.23 -16.60 -38.47
N GLU A 211 -24.99 -15.55 -38.80
CA GLU A 211 -24.43 -14.30 -39.30
C GLU A 211 -23.82 -13.51 -38.13
N ALA A 212 -22.65 -13.97 -37.70
CA ALA A 212 -21.91 -13.35 -36.60
C ALA A 212 -22.87 -12.98 -35.47
N PRO A 213 -23.77 -13.90 -35.13
CA PRO A 213 -24.96 -13.58 -34.29
C PRO A 213 -25.04 -12.10 -33.91
N PRO A 214 -25.32 -11.74 -32.62
CA PRO A 214 -25.12 -10.33 -32.25
C PRO A 214 -23.65 -10.01 -32.05
N GLN A 215 -23.35 -8.81 -31.52
CA GLN A 215 -21.98 -8.30 -31.47
C GLN A 215 -20.96 -9.39 -31.17
N PHE A 216 -21.10 -10.02 -30.00
CA PHE A 216 -20.35 -11.24 -29.67
C PHE A 216 -18.85 -11.11 -29.96
N ALA A 217 -18.29 -9.90 -29.88
CA ALA A 217 -16.85 -9.74 -30.01
C ALA A 217 -16.35 -10.35 -31.32
N TRP A 218 -16.70 -9.69 -32.42
CA TRP A 218 -16.32 -10.21 -33.73
C TRP A 218 -16.07 -9.08 -34.74
N PRO A 219 -14.96 -9.12 -35.48
CA PRO A 219 -14.66 -8.03 -36.42
C PRO A 219 -15.65 -7.95 -37.56
N SER A 220 -15.82 -6.72 -38.07
CA SER A 220 -16.74 -6.51 -39.18
C SER A 220 -16.17 -7.09 -40.47
N LYS A 221 -14.86 -6.95 -40.69
CA LYS A 221 -14.25 -7.45 -41.92
C LYS A 221 -14.15 -8.97 -41.98
N MET A 222 -14.42 -9.67 -40.88
CA MET A 222 -14.27 -11.11 -40.90
C MET A 222 -15.50 -11.77 -41.53
N PRO A 223 -15.32 -12.85 -42.30
CA PRO A 223 -16.47 -13.61 -42.80
C PRO A 223 -17.19 -14.32 -41.67
N GLU A 224 -18.18 -15.16 -42.01
CA GLU A 224 -18.99 -15.80 -40.98
C GLU A 224 -18.12 -16.72 -40.13
N PRO A 225 -18.48 -16.94 -38.86
CA PRO A 225 -17.64 -17.79 -38.00
C PRO A 225 -17.34 -19.14 -38.61
N TYR A 226 -18.33 -19.76 -39.26
CA TYR A 226 -18.11 -21.10 -39.82
C TYR A 226 -17.10 -21.09 -40.95
N LEU A 227 -17.01 -19.98 -41.69
CA LEU A 227 -15.97 -19.89 -42.71
C LEU A 227 -14.58 -19.81 -42.09
N VAL A 228 -14.42 -19.00 -41.04
CA VAL A 228 -13.13 -18.91 -40.37
C VAL A 228 -12.66 -20.29 -39.89
N ILE A 229 -13.55 -21.05 -39.25
CA ILE A 229 -13.19 -22.39 -38.78
C ILE A 229 -12.71 -23.24 -39.96
N LYS A 230 -13.45 -23.22 -41.07
CA LYS A 230 -13.10 -24.07 -42.21
C LYS A 230 -11.73 -23.70 -42.76
N ARG A 231 -11.37 -22.42 -42.72
CA ARG A 231 -10.07 -22.01 -43.22
C ARG A 231 -8.96 -22.42 -42.26
N VAL A 232 -9.22 -22.37 -40.96
CA VAL A 232 -8.25 -22.86 -39.98
C VAL A 232 -7.95 -24.33 -40.23
N VAL A 233 -8.99 -25.13 -40.40
CA VAL A 233 -8.79 -26.56 -40.69
C VAL A 233 -7.88 -26.72 -41.90
N GLU A 234 -8.15 -25.95 -42.97
CA GLU A 234 -7.29 -26.00 -44.15
C GLU A 234 -5.84 -25.65 -43.81
N LEU A 235 -5.61 -24.60 -43.01
CA LEU A 235 -4.23 -24.28 -42.65
C LEU A 235 -3.61 -25.34 -41.77
N MET A 236 -4.43 -25.99 -40.93
CA MET A 236 -3.91 -27.02 -40.04
C MET A 236 -3.55 -28.27 -40.83
N ASN A 237 -4.46 -28.73 -41.69
CA ASN A 237 -4.16 -29.85 -42.56
C ASN A 237 -2.93 -29.55 -43.42
N TYR A 238 -2.75 -28.28 -43.79
CA TYR A 238 -1.58 -27.89 -44.57
C TYR A 238 -0.29 -28.09 -43.77
N HIS A 239 -0.25 -27.60 -42.53
CA HIS A 239 0.97 -27.68 -41.73
C HIS A 239 1.29 -29.10 -41.26
N LYS A 240 0.28 -29.96 -41.05
CA LYS A 240 0.57 -31.34 -40.67
C LYS A 240 1.43 -32.00 -41.74
N LYS A 241 1.12 -31.76 -43.01
CA LYS A 241 1.88 -32.38 -44.09
C LYS A 241 3.30 -31.82 -44.14
N ILE A 242 3.45 -30.53 -43.86
CA ILE A 242 4.80 -29.95 -43.79
C ILE A 242 5.56 -30.63 -42.66
N MET A 243 4.93 -30.76 -41.49
CA MET A 243 5.60 -31.35 -40.33
C MET A 243 6.06 -32.76 -40.65
N ASP A 244 5.15 -33.58 -41.18
CA ASP A 244 5.49 -34.95 -41.55
C ASP A 244 6.66 -34.96 -42.53
N ASN A 245 6.58 -34.11 -43.56
CA ASN A 245 7.63 -34.07 -44.56
C ASN A 245 8.97 -33.68 -43.95
N ASN A 246 8.95 -32.77 -42.97
CA ASN A 246 10.18 -32.35 -42.32
C ASN A 246 10.74 -33.42 -41.39
N PHE A 247 9.88 -34.09 -40.62
CA PHE A 247 10.33 -35.20 -39.79
C PHE A 247 10.93 -36.34 -40.61
N ALA A 248 10.31 -36.66 -41.75
CA ALA A 248 10.74 -37.82 -42.51
C ALA A 248 12.06 -37.60 -43.23
N LYS A 249 12.38 -36.35 -43.59
CA LYS A 249 13.52 -36.08 -44.45
C LYS A 249 14.68 -35.42 -43.71
N LYS A 250 14.42 -34.41 -42.90
CA LYS A 250 15.47 -33.63 -42.28
C LYS A 250 15.75 -34.10 -40.85
N ASP A 251 16.91 -33.71 -40.35
CA ASP A 251 17.29 -33.97 -38.95
C ASP A 251 16.52 -33.01 -38.05
N VAL A 252 15.58 -33.56 -37.28
CA VAL A 252 14.71 -32.75 -36.43
C VAL A 252 15.42 -32.31 -35.16
N ASN A 253 16.41 -33.07 -34.70
CA ASN A 253 17.10 -32.76 -33.45
C ASN A 253 18.02 -31.55 -33.55
N SER A 254 18.24 -31.01 -34.74
CA SER A 254 19.09 -29.83 -34.92
C SER A 254 18.31 -28.57 -35.30
N MET A 255 17.00 -28.61 -35.18
CA MET A 255 16.15 -27.47 -35.55
C MET A 255 15.99 -26.43 -34.44
N GLN A 256 16.48 -26.68 -33.24
CA GLN A 256 16.48 -25.67 -32.19
C GLN A 256 17.50 -26.03 -31.12
N THR A 257 18.38 -25.08 -30.80
CA THR A 257 19.48 -25.34 -29.88
C THR A 257 19.08 -25.29 -28.41
N ARG A 258 17.90 -24.76 -28.07
CA ARG A 258 17.48 -24.60 -26.68
C ARG A 258 16.14 -25.26 -26.46
N TRP A 259 16.09 -26.15 -25.47
CA TRP A 259 14.85 -26.80 -25.05
C TRP A 259 14.65 -26.60 -23.56
N CYS A 260 13.83 -25.61 -23.20
CA CYS A 260 13.46 -25.39 -21.82
C CYS A 260 12.37 -26.37 -21.40
N THR A 261 12.13 -26.46 -20.09
CA THR A 261 11.05 -27.28 -19.55
C THR A 261 11.24 -28.76 -19.90
N SER A 262 12.44 -29.15 -20.34
CA SER A 262 12.77 -30.54 -20.62
C SER A 262 12.09 -31.07 -21.87
N GLU A 263 11.56 -30.20 -22.73
CA GLU A 263 10.89 -30.66 -23.93
C GLU A 263 11.90 -31.02 -25.01
N ASP A 264 11.47 -31.88 -25.94
CA ASP A 264 12.31 -32.26 -27.07
C ASP A 264 11.38 -32.37 -28.29
N PRO A 265 11.90 -32.61 -29.49
CA PRO A 265 11.02 -32.56 -30.67
C PRO A 265 9.85 -33.54 -30.60
N SER A 266 10.00 -34.64 -29.87
CA SER A 266 8.92 -35.63 -29.79
C SER A 266 7.72 -35.08 -29.04
N LEU A 267 7.94 -34.41 -27.90
CA LEU A 267 6.82 -33.79 -27.18
C LEU A 267 6.21 -32.66 -27.98
N PHE A 268 7.00 -31.95 -28.78
CA PHE A 268 6.46 -30.93 -29.65
C PHE A 268 5.45 -31.56 -30.61
N LYS A 269 5.88 -32.63 -31.29
CA LYS A 269 5.00 -33.30 -32.26
C LYS A 269 3.72 -33.80 -31.62
N GLU A 270 3.80 -34.27 -30.37
CA GLU A 270 2.61 -34.79 -29.71
C GLU A 270 1.57 -33.69 -29.48
N ARG A 271 2.02 -32.52 -29.00
CA ARG A 271 1.07 -31.44 -28.77
C ARG A 271 0.35 -31.08 -30.05
N TRP A 272 1.09 -31.03 -31.16
CA TRP A 272 0.50 -30.61 -32.41
C TRP A 272 -0.22 -31.76 -33.11
N ASP A 273 0.31 -32.98 -32.99
CA ASP A 273 -0.39 -34.14 -33.53
C ASP A 273 -1.80 -34.26 -33.00
N LYS A 274 -1.99 -34.02 -31.70
CA LYS A 274 -3.34 -34.05 -31.15
C LYS A 274 -4.20 -32.95 -31.79
N LEU A 275 -3.69 -31.72 -31.81
CA LEU A 275 -4.47 -30.62 -32.35
C LEU A 275 -4.77 -30.84 -33.83
N PHE A 276 -3.79 -31.32 -34.58
CA PHE A 276 -4.03 -31.64 -36.00
C PHE A 276 -5.14 -32.66 -36.13
N LYS A 277 -5.21 -33.63 -35.20
CA LYS A 277 -6.28 -34.62 -35.19
C LYS A 277 -7.62 -33.96 -34.91
N GLU A 278 -7.64 -32.96 -34.03
CA GLU A 278 -8.88 -32.31 -33.63
C GLU A 278 -9.28 -31.17 -34.56
N PHE A 279 -8.44 -30.78 -35.50
CA PHE A 279 -8.74 -29.72 -36.46
C PHE A 279 -8.51 -30.19 -37.88
N ASN A 280 -9.02 -31.37 -38.23
CA ASN A 280 -8.97 -31.88 -39.59
C ASN A 280 -10.36 -32.06 -40.20
N ASN A 281 -11.41 -31.63 -39.51
CA ASN A 281 -12.77 -31.68 -40.05
C ASN A 281 -13.55 -30.53 -39.45
N ALA A 282 -13.88 -29.54 -40.28
CA ALA A 282 -14.57 -28.35 -39.80
C ALA A 282 -15.91 -28.66 -39.18
N GLU A 283 -16.60 -29.70 -39.65
CA GLU A 283 -17.90 -30.05 -39.09
C GLU A 283 -17.80 -30.77 -37.74
N LYS A 284 -16.60 -30.94 -37.20
CA LYS A 284 -16.41 -31.64 -35.94
C LYS A 284 -15.63 -30.80 -34.93
N VAL A 285 -15.15 -29.62 -35.33
CA VAL A 285 -14.32 -28.82 -34.43
C VAL A 285 -15.13 -28.48 -33.19
N ASP A 286 -14.56 -28.81 -32.03
CA ASP A 286 -15.20 -28.54 -30.75
C ASP A 286 -14.80 -27.17 -30.23
N PRO A 287 -15.76 -26.30 -29.88
CA PRO A 287 -15.38 -24.96 -29.40
C PRO A 287 -14.48 -24.97 -28.16
N SER A 288 -14.53 -26.01 -27.33
CA SER A 288 -13.63 -26.05 -26.18
C SER A 288 -12.18 -26.19 -26.63
N LYS A 289 -11.95 -26.73 -27.83
CA LYS A 289 -10.62 -27.00 -28.34
C LYS A 289 -10.00 -25.79 -29.06
N ILE A 290 -10.77 -24.72 -29.23
CA ILE A 290 -10.21 -23.50 -29.78
C ILE A 290 -9.21 -22.90 -28.78
N SER A 291 -9.56 -22.92 -27.50
CA SER A 291 -8.66 -22.39 -26.48
C SER A 291 -7.40 -23.23 -26.35
N GLU A 292 -7.52 -24.55 -26.54
CA GLU A 292 -6.35 -25.41 -26.50
C GLU A 292 -5.41 -25.09 -27.66
N LEU A 293 -5.95 -24.95 -28.88
CA LEU A 293 -5.14 -24.59 -30.03
C LEU A 293 -4.40 -23.27 -29.77
N TYR A 294 -5.12 -22.27 -29.26
CA TYR A 294 -4.52 -20.96 -29.05
C TYR A 294 -3.52 -20.97 -27.90
N ASP A 295 -3.73 -21.83 -26.91
CA ASP A 295 -2.79 -21.89 -25.78
C ASP A 295 -1.46 -22.47 -26.22
N THR A 296 -1.50 -23.51 -27.06
CA THR A 296 -0.27 -24.10 -27.56
C THR A 296 0.48 -23.16 -28.50
N MET A 297 -0.24 -22.37 -29.29
CA MET A 297 0.43 -21.45 -30.20
C MET A 297 1.20 -20.37 -29.45
N LYS A 298 0.63 -19.78 -28.39
CA LYS A 298 1.42 -18.89 -27.55
C LYS A 298 2.63 -19.61 -26.95
N TYR A 299 2.43 -20.83 -26.45
CA TYR A 299 3.52 -21.53 -25.77
C TYR A 299 4.67 -21.77 -26.74
N ASP A 300 4.37 -22.30 -27.93
CA ASP A 300 5.44 -22.64 -28.86
C ASP A 300 6.08 -21.37 -29.40
N ALA A 301 5.27 -20.36 -29.74
CA ALA A 301 5.78 -19.07 -30.16
C ALA A 301 6.61 -18.40 -29.08
N LEU A 302 6.47 -18.82 -27.82
CA LEU A 302 7.20 -18.21 -26.72
C LEU A 302 8.44 -19.04 -26.36
N HIS A 303 8.34 -20.36 -26.43
CA HIS A 303 9.41 -21.23 -25.96
C HIS A 303 10.02 -22.12 -27.03
N ASN A 304 9.39 -22.28 -28.20
CA ASN A 304 9.96 -23.14 -29.24
C ASN A 304 9.84 -22.49 -30.62
N ARG A 305 10.11 -21.18 -30.71
CA ARG A 305 10.00 -20.51 -32.01
C ARG A 305 10.90 -21.15 -33.06
N GLN A 306 12.18 -21.35 -32.74
CA GLN A 306 13.09 -21.85 -33.75
C GLN A 306 12.58 -23.16 -34.33
N PHE A 307 12.29 -24.13 -33.47
CA PHE A 307 11.83 -25.42 -33.98
C PHE A 307 10.53 -25.22 -34.75
N LEU A 308 9.65 -24.35 -34.24
CA LEU A 308 8.41 -24.01 -34.93
C LEU A 308 8.69 -23.51 -36.35
N GLU A 309 9.67 -22.60 -36.49
CA GLU A 309 10.03 -22.11 -37.83
C GLU A 309 10.49 -23.26 -38.71
N ASN A 310 11.43 -24.07 -38.22
CA ASN A 310 12.11 -25.01 -39.08
C ASN A 310 11.23 -26.20 -39.39
N ILE A 311 10.46 -26.66 -38.40
CA ILE A 311 9.64 -27.85 -38.56
C ILE A 311 8.43 -27.55 -39.42
N PHE A 312 8.07 -26.27 -39.57
CA PHE A 312 7.00 -25.84 -40.47
C PHE A 312 7.53 -25.08 -41.67
N ASP A 313 8.84 -25.11 -41.90
CA ASP A 313 9.43 -24.38 -43.01
C ASP A 313 9.17 -25.16 -44.30
N PRO A 314 8.44 -24.61 -45.28
CA PRO A 314 8.16 -25.39 -46.49
C PRO A 314 9.39 -25.68 -47.32
N GLY A 315 10.38 -24.79 -47.33
CA GLY A 315 11.56 -24.99 -48.14
C GLY A 315 11.84 -23.82 -49.06
N SER A 316 11.52 -23.99 -50.35
CA SER A 316 11.80 -22.98 -51.36
C SER A 316 10.90 -23.25 -52.55
N SER A 317 10.26 -22.20 -53.05
CA SER A 317 9.25 -22.34 -54.09
C SER A 317 9.67 -21.56 -55.33
N GLY A 318 10.85 -21.85 -55.84
CA GLY A 318 11.31 -21.14 -57.03
C GLY A 318 12.00 -19.85 -56.68
N GLN A 319 11.22 -18.83 -56.32
CA GLN A 319 11.75 -17.49 -56.17
C GLN A 319 12.54 -17.35 -54.87
N PHE A 320 13.42 -16.36 -54.86
CA PHE A 320 14.35 -16.13 -53.76
C PHE A 320 13.72 -15.26 -52.69
N ASP A 321 13.95 -15.62 -51.42
CA ASP A 321 13.44 -14.85 -50.29
C ASP A 321 11.93 -14.67 -50.38
N GLU A 322 11.27 -15.43 -51.24
CA GLU A 322 9.83 -15.35 -51.36
C GLU A 322 9.23 -15.71 -50.01
N PRO A 323 8.41 -14.86 -49.41
CA PRO A 323 7.89 -15.19 -48.08
C PRO A 323 7.19 -16.53 -48.09
N ARG A 324 7.44 -17.31 -47.04
CA ARG A 324 6.98 -18.68 -46.95
C ARG A 324 6.08 -18.92 -45.75
N PHE A 325 6.22 -18.13 -44.68
CA PHE A 325 5.37 -18.26 -43.51
C PHE A 325 4.14 -17.38 -43.64
N MET A 326 3.45 -17.55 -44.77
CA MET A 326 2.22 -16.84 -45.07
C MET A 326 1.01 -17.60 -44.53
N GLN A 327 0.98 -18.91 -44.78
CA GLN A 327 -0.07 -19.78 -44.26
C GLN A 327 -0.03 -19.90 -42.73
N LEU A 328 1.15 -19.74 -42.12
CA LEU A 328 1.25 -19.82 -40.66
C LEU A 328 0.79 -18.55 -39.98
N ARG A 329 1.24 -17.38 -40.44
CA ARG A 329 0.74 -16.12 -39.88
C ARG A 329 -0.78 -16.06 -39.98
N GLU A 330 -1.33 -16.45 -41.13
CA GLU A 330 -2.79 -16.47 -41.29
C GLU A 330 -3.42 -17.36 -40.22
N LEU A 331 -2.81 -18.51 -39.94
CA LEU A 331 -3.37 -19.43 -38.95
C LEU A 331 -3.37 -18.82 -37.56
N TYR A 332 -2.29 -18.13 -37.19
CA TYR A 332 -2.27 -17.46 -35.89
C TYR A 332 -3.36 -16.40 -35.82
N LYS A 333 -3.52 -15.62 -36.89
CA LYS A 333 -4.50 -14.54 -36.90
C LYS A 333 -5.92 -15.10 -36.74
N LEU A 334 -6.23 -16.18 -37.46
CA LEU A 334 -7.56 -16.77 -37.41
C LEU A 334 -7.85 -17.42 -36.06
N ALA A 335 -6.84 -17.98 -35.40
CA ALA A 335 -7.04 -18.59 -34.09
C ALA A 335 -7.39 -17.54 -33.05
N LYS A 336 -6.78 -16.35 -33.15
CA LYS A 336 -7.10 -15.28 -32.22
C LYS A 336 -8.54 -14.79 -32.36
N VAL A 337 -9.09 -14.80 -33.56
CA VAL A 337 -10.49 -14.44 -33.73
C VAL A 337 -11.39 -15.42 -32.99
N LEU A 338 -11.14 -16.72 -33.19
CA LEU A 338 -11.92 -17.76 -32.52
C LEU A 338 -11.77 -17.70 -31.00
N PHE A 339 -10.58 -17.34 -30.51
CA PHE A 339 -10.35 -17.26 -29.07
C PHE A 339 -11.00 -16.04 -28.45
N ASP A 340 -11.28 -15.00 -29.24
CA ASP A 340 -11.86 -13.74 -28.80
C ASP A 340 -13.38 -13.78 -28.78
N PHE A 341 -14.00 -14.78 -29.40
CA PHE A 341 -15.44 -14.84 -29.55
C PHE A 341 -16.01 -16.19 -29.12
N ILE A 342 -15.18 -17.09 -28.60
CA ILE A 342 -15.69 -18.30 -27.97
C ILE A 342 -15.33 -18.31 -26.48
N CYS A 343 -14.04 -18.20 -26.15
CA CYS A 343 -13.65 -18.39 -24.76
C CYS A 343 -14.22 -17.33 -23.83
N PRO A 344 -14.21 -16.04 -24.17
CA PRO A 344 -14.82 -15.07 -23.26
C PRO A 344 -16.30 -15.29 -23.07
N LYS A 345 -16.95 -16.02 -23.97
CA LYS A 345 -18.38 -16.26 -23.88
C LYS A 345 -18.69 -17.61 -23.23
N GLU A 346 -17.68 -18.34 -22.76
CA GLU A 346 -17.90 -19.44 -21.82
C GLU A 346 -18.32 -18.97 -20.44
N TYR A 347 -18.06 -17.70 -20.11
CA TYR A 347 -18.49 -17.11 -18.86
C TYR A 347 -19.81 -16.36 -18.98
N GLY A 348 -20.57 -16.63 -20.04
CA GLY A 348 -21.86 -16.02 -20.25
C GLY A 348 -21.97 -15.39 -21.62
N ILE A 349 -23.05 -15.69 -22.32
CA ILE A 349 -23.31 -15.12 -23.64
C ILE A 349 -24.17 -13.89 -23.46
N SER A 350 -25.37 -14.09 -22.92
CA SER A 350 -26.26 -12.98 -22.62
C SER A 350 -25.75 -12.21 -21.40
N ASP A 351 -26.29 -11.01 -21.20
CA ASP A 351 -25.89 -10.24 -20.03
C ASP A 351 -26.30 -10.97 -18.75
N ALA A 352 -27.46 -11.61 -18.76
CA ALA A 352 -27.89 -12.37 -17.59
C ALA A 352 -26.99 -13.56 -17.32
N GLU A 353 -26.51 -14.22 -18.37
CA GLU A 353 -25.59 -15.35 -18.18
C GLU A 353 -24.25 -14.86 -17.65
N LYS A 354 -23.71 -13.81 -18.28
CA LYS A 354 -22.47 -13.22 -17.79
C LYS A 354 -22.64 -12.78 -16.34
N LEU A 355 -23.85 -12.38 -15.97
CA LEU A 355 -24.13 -11.90 -14.63
C LEU A 355 -24.20 -13.05 -13.63
N ASP A 356 -25.00 -14.08 -13.92
CA ASP A 356 -25.18 -15.17 -12.97
C ASP A 356 -23.87 -15.94 -12.79
N ILE A 357 -23.20 -16.27 -13.88
CA ILE A 357 -21.90 -16.92 -13.76
C ILE A 357 -20.92 -16.02 -13.01
N GLY A 358 -20.94 -14.72 -13.32
CA GLY A 358 -20.05 -13.78 -12.63
C GLY A 358 -20.25 -13.75 -11.13
N LEU A 359 -21.50 -13.80 -10.67
CA LEU A 359 -21.73 -13.79 -9.23
C LEU A 359 -21.36 -15.11 -8.59
N LEU A 360 -21.83 -16.22 -9.17
CA LEU A 360 -21.51 -17.53 -8.59
C LEU A 360 -20.01 -17.73 -8.43
N THR A 361 -19.21 -17.12 -9.29
CA THR A 361 -17.76 -17.32 -9.22
C THR A 361 -17.06 -16.34 -8.28
N SER A 362 -17.40 -15.04 -8.33
CA SER A 362 -16.57 -14.02 -7.69
C SER A 362 -17.36 -13.12 -6.74
N LEU A 363 -18.55 -13.52 -6.31
CA LEU A 363 -19.28 -12.67 -5.35
C LEU A 363 -18.53 -12.49 -4.05
N PRO A 364 -17.97 -13.53 -3.42
CA PRO A 364 -17.22 -13.32 -2.18
C PRO A 364 -16.07 -12.33 -2.32
N LEU A 365 -15.26 -12.48 -3.36
CA LEU A 365 -14.16 -11.55 -3.59
C LEU A 365 -14.66 -10.12 -3.78
N ALA A 366 -15.77 -9.95 -4.51
CA ALA A 366 -16.29 -8.61 -4.75
C ALA A 366 -16.72 -7.91 -3.48
N LYS A 367 -17.41 -8.62 -2.58
CA LYS A 367 -17.77 -8.02 -1.30
C LYS A 367 -16.54 -7.65 -0.48
N GLN A 368 -15.51 -8.50 -0.50
CA GLN A 368 -14.29 -8.22 0.24
C GLN A 368 -13.62 -6.94 -0.25
N ILE A 369 -13.59 -6.74 -1.56
CA ILE A 369 -12.92 -5.56 -2.13
C ILE A 369 -13.59 -4.28 -1.67
N LEU A 370 -14.93 -4.20 -1.77
CA LEU A 370 -15.60 -2.98 -1.38
C LEU A 370 -15.36 -2.66 0.09
N ASN A 371 -15.36 -3.69 0.94
CA ASN A 371 -15.09 -3.49 2.35
C ASN A 371 -13.65 -3.03 2.59
N ASP A 372 -12.69 -3.61 1.86
CA ASP A 372 -11.30 -3.17 1.98
C ASP A 372 -11.13 -1.72 1.52
N ILE A 373 -11.82 -1.32 0.45
CA ILE A 373 -11.79 0.09 0.06
C ILE A 373 -12.42 0.95 1.13
N GLY A 374 -13.50 0.47 1.76
CA GLY A 374 -14.12 1.21 2.83
C GLY A 374 -13.20 1.38 4.03
N ASP A 375 -12.41 0.34 4.34
CA ASP A 375 -11.46 0.48 5.44
C ASP A 375 -10.38 1.49 5.09
N MET A 376 -9.87 1.45 3.86
CA MET A 376 -8.79 2.36 3.49
C MET A 376 -9.22 3.82 3.60
N LYS A 377 -10.50 4.09 3.33
CA LYS A 377 -11.01 5.45 3.48
C LYS A 377 -10.92 5.89 4.94
N ASN A 378 -11.21 4.98 5.88
CA ASN A 378 -11.25 5.34 7.29
C ASN A 378 -9.87 5.29 7.92
N ARG A 379 -8.97 4.46 7.40
CA ARG A 379 -7.61 4.45 7.90
C ARG A 379 -6.87 5.67 7.33
N GLU A 380 -5.77 6.03 7.98
CA GLU A 380 -4.91 7.08 7.44
C GLU A 380 -3.49 6.56 7.20
N PRO A 382 -2.45 5.00 3.60
CA PRO A 382 -2.75 4.13 2.45
C PRO A 382 -2.20 2.72 2.60
N ALA A 383 -2.86 1.77 1.94
CA ALA A 383 -2.54 0.36 2.03
C ALA A 383 -2.78 -0.29 0.68
N CYS A 384 -2.34 -1.54 0.53
CA CYS A 384 -2.61 -2.31 -0.67
C CYS A 384 -2.93 -3.74 -0.31
N VAL A 385 -3.88 -4.33 -1.05
CA VAL A 385 -4.27 -5.72 -0.92
C VAL A 385 -4.20 -6.37 -2.29
N ALA A 386 -3.37 -7.39 -2.44
CA ALA A 386 -3.20 -8.10 -3.70
C ALA A 386 -3.81 -9.50 -3.62
N TYR A 387 -4.69 -9.80 -4.58
CA TYR A 387 -5.32 -11.12 -4.71
C TYR A 387 -4.80 -11.78 -5.98
N PHE A 388 -4.06 -12.88 -5.82
CA PHE A 388 -3.59 -13.66 -6.95
C PHE A 388 -4.58 -14.80 -7.21
N THR A 389 -5.15 -14.84 -8.41
CA THR A 389 -6.29 -15.68 -8.71
C THR A 389 -6.09 -16.38 -10.05
N LYS A 390 -6.86 -17.44 -10.25
CA LYS A 390 -6.89 -18.14 -11.53
C LYS A 390 -7.53 -17.26 -12.60
N GLU A 391 -7.39 -17.71 -13.85
CA GLU A 391 -7.86 -16.91 -14.99
C GLU A 391 -9.36 -16.65 -14.92
N SER A 392 -10.13 -17.58 -14.35
CA SER A 392 -11.59 -17.49 -14.46
C SER A 392 -12.12 -16.28 -13.70
N HIS A 393 -11.52 -15.95 -12.56
CA HIS A 393 -12.07 -14.89 -11.73
C HIS A 393 -11.89 -13.52 -12.36
N ILE A 394 -10.89 -13.35 -13.23
CA ILE A 394 -10.67 -12.05 -13.86
C ILE A 394 -11.82 -11.72 -14.81
N TYR A 395 -12.17 -12.65 -15.71
CA TYR A 395 -13.30 -12.41 -16.60
C TYR A 395 -14.58 -12.12 -15.80
N THR A 396 -14.89 -13.00 -14.84
CA THR A 396 -16.16 -12.89 -14.13
C THR A 396 -16.22 -11.61 -13.31
N LEU A 397 -15.12 -11.22 -12.68
CA LEU A 397 -15.15 -10.01 -11.87
C LEU A 397 -15.34 -8.80 -12.76
N LEU A 398 -14.70 -8.82 -13.93
CA LEU A 398 -14.86 -7.77 -14.93
C LEU A 398 -16.31 -7.69 -15.41
N ASN A 399 -16.97 -8.84 -15.58
CA ASN A 399 -18.36 -8.85 -16.03
C ASN A 399 -19.27 -8.17 -15.01
N ILE A 400 -19.02 -8.38 -13.72
CA ILE A 400 -19.77 -7.68 -12.68
C ILE A 400 -19.60 -6.19 -12.82
N ILE A 401 -18.37 -5.74 -13.13
CA ILE A 401 -18.09 -4.32 -13.25
C ILE A 401 -18.96 -3.67 -14.32
N TYR A 402 -19.02 -4.30 -15.50
CA TYR A 402 -19.76 -3.71 -16.62
C TYR A 402 -21.26 -3.74 -16.40
N GLU A 403 -21.80 -4.90 -16.01
CA GLU A 403 -23.25 -4.99 -15.86
C GLU A 403 -23.79 -4.14 -14.71
N SER A 404 -22.92 -3.46 -13.95
CA SER A 404 -23.37 -2.58 -12.88
C SER A 404 -23.92 -1.24 -13.39
N GLY A 405 -23.66 -0.88 -14.65
CA GLY A 405 -24.09 0.41 -15.16
C GLY A 405 -23.18 1.57 -14.83
N ILE A 406 -22.01 1.31 -14.28
CA ILE A 406 -21.06 2.38 -13.95
C ILE A 406 -20.46 2.94 -15.23
N PRO A 407 -20.35 4.26 -15.37
CA PRO A 407 -19.84 4.84 -16.62
C PRO A 407 -18.41 4.39 -16.92
N MET A 408 -18.22 3.85 -18.11
CA MET A 408 -16.94 3.33 -18.57
C MET A 408 -16.31 4.24 -19.63
N ARG A 409 -14.99 4.12 -19.76
CA ARG A 409 -14.27 4.79 -20.83
C ARG A 409 -14.15 3.91 -22.07
N ILE A 410 -14.26 2.59 -21.90
CA ILE A 410 -14.01 1.62 -22.96
C ILE A 410 -15.06 0.52 -22.88
N ALA A 411 -15.52 0.06 -24.05
CA ALA A 411 -16.50 -1.01 -24.12
C ALA A 411 -15.83 -2.36 -23.91
N ARG A 412 -16.64 -3.34 -23.52
CA ARG A 412 -16.09 -4.65 -23.15
C ARG A 412 -15.38 -5.29 -24.34
N ASN A 413 -16.02 -5.25 -25.51
CA ASN A 413 -15.43 -5.88 -26.70
C ASN A 413 -14.05 -5.32 -27.02
N ALA A 414 -13.80 -4.05 -26.67
CA ALA A 414 -12.53 -3.41 -27.00
C ALA A 414 -11.38 -3.79 -26.08
N LEU A 415 -11.64 -4.43 -24.94
CA LEU A 415 -10.56 -4.75 -24.03
C LEU A 415 -9.65 -5.83 -24.62
N PRO A 416 -8.33 -5.73 -24.42
CA PRO A 416 -7.42 -6.77 -24.89
C PRO A 416 -7.61 -8.07 -24.11
N GLU A 417 -7.03 -9.13 -24.64
CA GLU A 417 -7.13 -10.44 -23.98
C GLU A 417 -6.58 -10.35 -22.57
N LEU A 418 -7.31 -10.96 -21.64
CA LEU A 418 -6.87 -11.08 -20.25
C LEU A 418 -5.83 -12.20 -20.19
N ASP A 419 -4.59 -11.82 -20.51
CA ASP A 419 -3.49 -12.77 -20.63
C ASP A 419 -2.86 -13.01 -19.26
N TYR A 420 -1.70 -13.65 -19.23
CA TYR A 420 -1.04 -13.98 -17.98
C TYR A 420 -0.58 -12.71 -17.28
N LEU A 421 -0.78 -12.67 -15.96
CA LEU A 421 -0.47 -11.49 -15.14
C LEU A 421 -1.36 -10.31 -15.52
N SER A 422 -2.55 -10.59 -16.06
CA SER A 422 -3.53 -9.55 -16.24
C SER A 422 -3.97 -9.04 -14.87
N GLN A 423 -4.26 -7.75 -14.77
CA GLN A 423 -4.56 -7.17 -13.48
C GLN A 423 -5.84 -6.34 -13.54
N ILE A 424 -6.56 -6.32 -12.43
CA ILE A 424 -7.65 -5.38 -12.19
C ILE A 424 -7.32 -4.58 -10.94
N THR A 425 -7.44 -3.26 -11.03
CA THR A 425 -6.97 -2.36 -9.99
C THR A 425 -8.14 -1.49 -9.53
N PHE A 426 -8.25 -1.30 -8.22
CA PHE A 426 -9.25 -0.41 -7.64
C PHE A 426 -8.44 0.62 -6.84
N GLU A 427 -8.22 1.78 -7.45
CA GLU A 427 -7.43 2.83 -6.84
C GLU A 427 -8.36 3.78 -6.08
N LEU A 428 -8.08 3.97 -4.80
CA LEU A 428 -8.84 4.89 -3.95
C LEU A 428 -8.01 6.13 -3.70
N TYR A 429 -8.61 7.28 -3.94
CA TYR A 429 -7.90 8.56 -3.82
C TYR A 429 -8.51 9.41 -2.71
N HIS A 440 -12.90 12.23 -2.25
CA HIS A 440 -12.91 10.78 -2.32
C HIS A 440 -13.40 10.32 -3.70
N SER A 441 -12.69 9.37 -4.29
CA SER A 441 -12.82 9.06 -5.71
C SER A 441 -12.18 7.70 -5.97
N ILE A 442 -12.84 6.89 -6.80
CA ILE A 442 -12.36 5.56 -7.17
C ILE A 442 -12.07 5.55 -8.66
N ARG A 443 -10.90 5.03 -9.04
CA ARG A 443 -10.48 4.86 -10.42
C ARG A 443 -10.15 3.40 -10.71
N LEU A 444 -10.78 2.84 -11.75
CA LEU A 444 -10.58 1.46 -12.14
C LEU A 444 -9.62 1.40 -13.31
N LYS A 445 -8.60 0.55 -13.22
CA LYS A 445 -7.62 0.35 -14.29
C LYS A 445 -7.41 -1.13 -14.49
N MET A 446 -7.01 -1.51 -15.71
CA MET A 446 -6.71 -2.90 -16.02
C MET A 446 -5.43 -2.97 -16.84
N SER A 447 -4.84 -4.16 -16.86
CA SER A 447 -3.69 -4.47 -17.69
C SER A 447 -3.92 -5.86 -18.29
N PRO A 448 -3.65 -6.06 -19.57
CA PRO A 448 -3.75 -7.41 -20.15
C PRO A 448 -2.61 -8.34 -19.76
N GLY A 449 -1.65 -7.87 -18.97
CA GLY A 449 -0.56 -8.71 -18.55
C GLY A 449 0.55 -8.76 -19.58
N CYS A 450 1.25 -9.90 -19.63
CA CYS A 450 2.33 -10.10 -20.59
C CYS A 450 1.71 -10.65 -21.86
N HIS A 451 1.26 -9.74 -22.73
CA HIS A 451 0.53 -10.07 -23.95
C HIS A 451 1.16 -9.32 -25.13
N THR A 452 1.25 -10.00 -26.26
CA THR A 452 1.78 -9.40 -27.48
C THR A 452 0.83 -9.61 -28.65
N GLN A 453 0.72 -8.59 -29.51
CA GLN A 453 -0.11 -8.66 -30.69
C GLN A 453 0.59 -9.30 -31.89
N ASP A 454 1.87 -9.63 -31.79
CA ASP A 454 2.63 -10.21 -32.90
C ASP A 454 3.56 -11.29 -32.36
N PRO A 455 3.00 -12.41 -31.91
CA PRO A 455 3.84 -13.44 -31.27
C PRO A 455 4.93 -13.98 -32.18
N LEU A 456 4.72 -13.97 -33.49
CA LEU A 456 5.70 -14.52 -34.42
C LEU A 456 6.80 -13.52 -34.77
N ASP A 457 6.74 -12.29 -34.27
CA ASP A 457 7.71 -11.26 -34.58
C ASP A 457 8.36 -10.65 -33.34
N VAL A 458 7.80 -10.89 -32.15
CA VAL A 458 8.33 -10.28 -30.94
C VAL A 458 9.77 -10.71 -30.70
N GLN A 459 10.59 -9.77 -30.24
CA GLN A 459 11.97 -10.04 -29.91
C GLN A 459 12.02 -10.68 -28.53
N LEU A 460 12.55 -11.90 -28.48
CA LEU A 460 12.56 -12.70 -27.26
C LEU A 460 13.97 -12.86 -26.73
N ASP A 461 14.07 -13.06 -25.42
CA ASP A 461 15.34 -13.40 -24.82
C ASP A 461 15.46 -14.91 -24.74
N ASP A 462 16.58 -15.40 -24.22
CA ASP A 462 16.70 -16.84 -24.04
C ASP A 462 15.74 -17.31 -22.97
N ARG A 463 15.29 -16.38 -22.11
CA ARG A 463 14.35 -16.64 -21.04
C ARG A 463 12.93 -16.88 -21.56
N HIS A 464 12.68 -16.60 -22.84
CA HIS A 464 11.36 -16.80 -23.43
C HIS A 464 10.30 -15.99 -22.68
N TYR A 465 10.64 -14.74 -22.39
CA TYR A 465 9.91 -13.90 -21.46
C TYR A 465 9.54 -12.58 -22.14
N ILE A 466 8.26 -12.22 -22.10
CA ILE A 466 7.75 -10.96 -22.65
C ILE A 466 7.48 -9.97 -21.53
N SER A 467 7.88 -8.72 -21.74
CA SER A 467 7.61 -7.67 -20.77
C SER A 467 6.10 -7.43 -20.63
N CYS A 468 5.71 -6.85 -19.50
CA CYS A 468 4.30 -6.63 -19.20
C CYS A 468 3.82 -5.28 -19.74
N ILE A 469 2.54 -5.24 -20.08
CA ILE A 469 1.90 -4.04 -20.64
C ILE A 469 1.46 -3.11 -19.52
N PRO A 470 1.69 -1.80 -19.64
CA PRO A 470 1.25 -0.87 -18.58
C PRO A 470 -0.26 -0.88 -18.40
N LYS A 471 -0.69 -0.39 -17.24
CA LYS A 471 -2.12 -0.35 -16.93
C LYS A 471 -2.82 0.74 -17.74
N ILE A 472 -4.10 0.50 -18.03
CA ILE A 472 -4.95 1.44 -18.73
C ILE A 472 -6.20 1.70 -17.89
N SER A 473 -6.76 2.90 -18.02
CA SER A 473 -7.88 3.30 -17.21
C SER A 473 -9.19 2.80 -17.81
N LEU A 474 -9.98 2.09 -17.01
CA LEU A 474 -11.30 1.64 -17.43
C LEU A 474 -12.36 2.69 -17.15
N THR A 475 -12.18 3.49 -16.10
CA THR A 475 -13.08 4.57 -15.76
C THR A 475 -12.24 5.77 -15.35
N LYS A 476 -12.91 6.90 -15.17
CA LYS A 476 -12.27 8.08 -14.64
C LYS A 476 -12.48 8.11 -13.12
N HIS A 477 -12.10 9.22 -12.47
CA HIS A 477 -12.33 9.33 -11.04
C HIS A 477 -13.82 9.49 -10.79
N LEU A 478 -14.41 8.50 -10.13
CA LEU A 478 -15.84 8.45 -9.89
C LEU A 478 -16.09 8.53 -8.39
N ASP A 479 -17.16 9.22 -8.02
CA ASP A 479 -17.50 9.40 -6.61
C ASP A 479 -17.63 8.06 -5.91
N MET A 480 -16.96 7.95 -4.76
CA MET A 480 -16.97 6.70 -4.01
C MET A 480 -18.40 6.29 -3.66
N ASP A 481 -19.16 7.20 -3.06
CA ASP A 481 -20.52 6.88 -2.62
C ASP A 481 -21.38 6.41 -3.80
N TYR A 482 -21.10 6.91 -5.00
CA TYR A 482 -21.83 6.48 -6.19
C TYR A 482 -21.51 5.04 -6.56
N VAL A 483 -20.23 4.68 -6.58
CA VAL A 483 -19.80 3.37 -7.05
C VAL A 483 -20.28 2.26 -6.12
N GLN A 484 -20.61 2.58 -4.87
CA GLN A 484 -21.14 1.56 -3.98
C GLN A 484 -22.63 1.31 -4.21
N GLN A 485 -23.41 2.32 -4.62
CA GLN A 485 -24.83 2.05 -4.84
C GLN A 485 -25.02 1.17 -6.07
N LYS A 486 -24.35 1.50 -7.17
CA LYS A 486 -24.47 0.71 -8.39
C LYS A 486 -24.04 -0.73 -8.17
N LEU A 487 -23.03 -0.94 -7.32
CA LEU A 487 -22.58 -2.30 -7.03
C LEU A 487 -23.56 -3.01 -6.11
N ARG A 488 -23.99 -2.35 -5.03
CA ARG A 488 -24.89 -3.02 -4.09
C ARG A 488 -26.28 -3.20 -4.66
N ASN A 489 -26.62 -2.51 -5.76
CA ASN A 489 -27.89 -2.72 -6.42
C ASN A 489 -27.90 -4.02 -7.21
N LYS A 490 -26.72 -4.44 -7.72
CA LYS A 490 -26.60 -5.68 -8.48
C LYS A 490 -26.58 -6.91 -7.60
N PHE A 491 -26.54 -6.75 -6.28
CA PHE A 491 -26.50 -7.88 -5.35
C PHE A 491 -27.94 -8.21 -4.90
N THR A 492 -28.71 -8.72 -5.86
CA THR A 492 -30.09 -9.13 -5.60
C THR A 492 -30.36 -10.48 -6.25
N GLY B 1 28.36 -8.23 -31.72
CA GLY B 1 27.19 -8.89 -31.18
C GLY B 1 26.40 -8.02 -30.23
N ALA B 2 27.07 -7.03 -29.63
CA ALA B 2 26.45 -6.17 -28.64
C ALA B 2 25.61 -5.10 -29.33
N LYS B 3 24.30 -5.18 -29.17
CA LYS B 3 23.38 -4.17 -29.68
C LYS B 3 23.10 -3.18 -28.56
N TRP B 4 23.65 -1.98 -28.68
CA TRP B 4 23.51 -0.95 -27.65
C TRP B 4 22.24 -0.16 -27.90
N VAL B 5 21.21 -0.42 -27.10
CA VAL B 5 19.91 0.23 -27.23
C VAL B 5 19.80 1.29 -26.15
N PHE B 6 19.43 2.50 -26.55
CA PHE B 6 19.12 3.54 -25.57
C PHE B 6 17.96 3.09 -24.70
N LYS B 7 18.12 3.22 -23.38
CA LYS B 7 17.11 2.80 -22.44
C LYS B 7 16.85 3.81 -21.33
N GLY B 8 17.56 4.92 -21.31
CA GLY B 8 17.34 5.89 -20.25
C GLY B 8 18.18 7.15 -20.35
N LEU B 9 17.56 8.28 -20.01
CA LEU B 9 18.22 9.58 -19.98
C LEU B 9 17.92 10.24 -18.64
N ALA B 10 18.97 10.69 -17.97
CA ALA B 10 18.84 11.50 -16.75
C ALA B 10 19.44 12.86 -17.08
N ILE B 11 18.59 13.85 -17.28
CA ILE B 11 18.99 15.17 -17.78
C ILE B 11 18.69 16.20 -16.70
N ILE B 12 19.71 16.98 -16.34
CA ILE B 12 19.57 18.10 -15.42
C ILE B 12 19.55 19.37 -16.25
N ILE B 13 18.56 20.24 -16.01
CA ILE B 13 18.30 21.39 -16.86
C ILE B 13 18.22 22.64 -15.99
N ARG B 14 18.85 23.71 -16.44
CA ARG B 14 18.77 24.99 -15.74
C ARG B 14 17.58 25.80 -16.22
N HIS B 15 17.14 26.73 -15.39
CA HIS B 15 16.03 27.60 -15.76
C HIS B 15 16.41 28.49 -16.92
N ALA B 16 15.39 29.01 -17.60
CA ALA B 16 15.58 29.78 -18.83
C ALA B 16 15.85 31.24 -18.49
N ASP B 17 15.86 32.10 -19.52
CA ASP B 17 16.27 33.49 -19.37
C ASP B 17 15.51 34.17 -18.24
N ARG B 18 16.24 35.01 -17.50
CA ARG B 18 15.71 35.70 -16.32
C ARG B 18 16.15 37.15 -16.34
N THR B 19 15.35 38.01 -15.70
CA THR B 19 15.72 39.42 -15.59
C THR B 19 16.73 39.65 -14.46
N PRO B 20 17.56 40.69 -14.58
CA PRO B 20 18.46 41.03 -13.46
C PRO B 20 17.65 41.46 -12.25
N LYS B 21 18.13 41.10 -11.06
CA LYS B 21 17.50 41.60 -9.85
C LYS B 21 17.95 43.02 -9.61
N GLN B 22 16.98 43.89 -9.33
CA GLN B 22 17.20 45.33 -9.21
C GLN B 22 16.53 45.87 -7.95
N LYS B 23 17.14 46.93 -7.40
CA LYS B 23 16.60 47.55 -6.19
C LYS B 23 17.02 49.01 -6.22
N PHE B 24 16.12 49.87 -5.76
CA PHE B 24 16.39 51.26 -5.41
C PHE B 24 16.34 51.49 -3.91
N LYS B 25 17.29 52.26 -3.39
CA LYS B 25 17.29 52.57 -1.96
C LYS B 25 17.44 54.08 -1.85
N HIS B 26 16.55 54.69 -1.07
CA HIS B 26 16.58 56.10 -0.74
C HIS B 26 15.91 56.29 0.61
N SER B 27 16.35 57.31 1.34
CA SER B 27 15.82 57.62 2.66
C SER B 27 15.03 58.92 2.54
N PHE B 28 13.83 58.96 3.13
CA PHE B 28 12.99 60.13 3.07
C PHE B 28 12.52 60.53 4.47
N THR B 29 12.25 61.82 4.63
CA THR B 29 11.80 62.39 5.89
C THR B 29 10.44 63.06 5.82
N SER B 30 9.83 63.19 4.64
CA SER B 30 8.57 63.89 4.54
C SER B 30 7.48 63.12 5.29
N PRO B 31 6.51 63.82 5.87
CA PRO B 31 5.45 63.11 6.62
C PRO B 31 4.71 62.10 5.77
N ILE B 32 4.44 62.44 4.51
CA ILE B 32 3.69 61.54 3.64
C ILE B 32 4.42 60.21 3.49
N PHE B 33 5.75 60.25 3.46
CA PHE B 33 6.52 59.01 3.38
C PHE B 33 6.49 58.26 4.69
N ILE B 34 6.57 58.97 5.82
CA ILE B 34 6.51 58.32 7.12
C ILE B 34 5.17 57.66 7.34
N SER B 35 4.09 58.25 6.80
CA SER B 35 2.76 57.68 7.02
C SER B 35 2.60 56.34 6.32
N LEU B 36 3.44 56.04 5.34
CA LEU B 36 3.39 54.75 4.65
C LEU B 36 3.66 53.60 5.60
N LEU B 37 4.42 53.84 6.68
CA LEU B 37 4.66 52.79 7.66
C LEU B 37 3.41 52.40 8.42
N LYS B 38 2.34 53.20 8.35
CA LYS B 38 1.08 52.91 9.03
C LYS B 38 1.31 52.62 10.50
N GLY B 39 2.12 53.49 11.13
CA GLY B 39 2.34 53.45 12.56
C GLY B 39 3.38 52.45 13.01
N HIS B 40 3.74 51.47 12.18
CA HIS B 40 4.72 50.48 12.57
C HIS B 40 6.09 51.12 12.71
N LYS B 41 6.85 50.65 13.71
CA LYS B 41 8.19 51.16 14.01
C LYS B 41 9.27 50.12 13.75
N GLU B 42 8.99 49.10 12.95
CA GLU B 42 9.95 48.10 12.52
C GLU B 42 9.85 47.95 11.00
N GLU B 43 10.72 47.12 10.43
CA GLU B 43 10.72 46.92 9.00
C GLU B 43 9.35 46.47 8.52
N VAL B 44 8.89 47.09 7.43
CA VAL B 44 7.59 46.78 6.84
C VAL B 44 7.80 46.35 5.40
N VAL B 45 7.22 45.22 5.02
CA VAL B 45 7.30 44.70 3.66
C VAL B 45 5.93 44.81 3.02
N ILE B 46 5.90 45.29 1.78
CA ILE B 46 4.65 45.45 1.04
C ILE B 46 4.74 44.61 -0.23
N ARG B 47 3.81 43.66 -0.39
CA ARG B 47 3.75 42.84 -1.59
C ARG B 47 2.34 42.67 -2.15
N ASN B 48 1.31 43.11 -1.45
CA ASN B 48 -0.05 43.03 -1.99
C ASN B 48 -0.22 44.07 -3.09
N VAL B 49 -0.65 43.62 -4.28
CA VAL B 49 -0.65 44.48 -5.45
C VAL B 49 -1.47 45.75 -5.18
N ASN B 50 -2.55 45.62 -4.43
CA ASN B 50 -3.40 46.77 -4.13
C ASN B 50 -2.69 47.76 -3.21
N ASP B 51 -1.91 47.26 -2.24
CA ASP B 51 -1.12 48.12 -1.37
C ASP B 51 -0.03 48.88 -2.13
N LEU B 52 0.58 48.27 -3.15
CA LEU B 52 1.56 49.00 -3.95
C LEU B 52 0.91 50.13 -4.73
N LYS B 53 -0.35 49.96 -5.16
CA LYS B 53 -1.03 51.05 -5.83
C LYS B 53 -1.26 52.23 -4.89
N ILE B 54 -1.52 51.97 -3.61
CA ILE B 54 -1.67 53.05 -2.65
C ILE B 54 -0.34 53.79 -2.47
N VAL B 55 0.75 53.05 -2.31
CA VAL B 55 2.05 53.71 -2.18
C VAL B 55 2.36 54.51 -3.43
N LEU B 56 2.05 53.93 -4.61
CA LEU B 56 2.23 54.66 -5.85
C LEU B 56 1.48 55.99 -5.81
N GLN B 57 0.23 55.96 -5.33
CA GLN B 57 -0.55 57.18 -5.18
C GLN B 57 0.12 58.13 -4.20
N ALA B 58 0.65 57.59 -3.09
CA ALA B 58 1.37 58.43 -2.14
C ALA B 58 2.56 59.09 -2.80
N LEU B 59 3.26 58.38 -3.69
CA LEU B 59 4.40 58.99 -4.37
C LEU B 59 3.91 60.10 -5.30
N ARG B 60 2.76 59.89 -5.93
CA ARG B 60 2.18 60.92 -6.78
C ARG B 60 1.74 62.13 -5.96
N ILE B 61 1.20 61.89 -4.76
CA ILE B 61 0.90 63.01 -3.86
C ILE B 61 2.20 63.72 -3.51
N ALA B 62 3.20 62.96 -3.07
CA ALA B 62 4.50 63.55 -2.74
C ALA B 62 5.01 64.34 -3.93
N LEU B 63 4.82 63.79 -5.12
CA LEU B 63 5.22 64.44 -6.36
C LEU B 63 4.53 65.79 -6.48
N ASP B 64 3.20 65.83 -6.27
CA ASP B 64 2.49 67.08 -6.42
C ASP B 64 3.01 68.10 -5.43
N GLU B 65 3.33 67.65 -4.21
CA GLU B 65 3.88 68.53 -3.18
C GLU B 65 5.37 68.81 -3.37
N LYS B 66 6.04 68.04 -4.23
CA LYS B 66 7.49 68.13 -4.38
C LYS B 66 8.18 67.99 -3.03
N ALA B 67 7.64 67.10 -2.19
CA ALA B 67 8.20 66.87 -0.86
C ALA B 67 9.20 65.72 -0.97
N GLY B 68 10.46 66.02 -0.72
CA GLY B 68 11.54 65.10 -0.98
C GLY B 68 12.15 65.36 -2.35
N ASN B 69 13.36 64.84 -2.55
CA ASN B 69 14.06 65.04 -3.82
C ASN B 69 13.13 64.66 -4.98
N PRO B 70 12.56 65.64 -5.70
CA PRO B 70 11.62 65.27 -6.76
C PRO B 70 12.22 64.33 -7.79
N ALA B 71 13.48 64.56 -8.17
CA ALA B 71 14.13 63.68 -9.15
C ALA B 71 14.18 62.23 -8.67
N LYS B 72 14.47 62.02 -7.38
CA LYS B 72 14.55 60.67 -6.85
C LYS B 72 13.18 60.04 -6.69
N ILE B 73 12.14 60.85 -6.48
CA ILE B 73 10.79 60.32 -6.40
C ILE B 73 10.32 59.87 -7.78
N LYS B 74 10.74 60.57 -8.84
CA LYS B 74 10.34 60.18 -10.19
C LYS B 74 10.81 58.76 -10.50
N VAL B 75 12.07 58.45 -10.21
CA VAL B 75 12.58 57.12 -10.53
C VAL B 75 11.83 56.05 -9.76
N LEU B 76 11.56 56.28 -8.47
CA LEU B 76 10.80 55.30 -7.71
C LEU B 76 9.40 55.14 -8.29
N ALA B 77 8.71 56.25 -8.56
CA ALA B 77 7.35 56.17 -9.07
C ALA B 77 7.31 55.48 -10.42
N ASN B 78 8.20 55.87 -11.33
CA ASN B 78 8.21 55.26 -12.66
C ASN B 78 8.55 53.77 -12.58
N ALA B 79 9.51 53.40 -11.73
CA ALA B 79 9.86 52.00 -11.60
C ALA B 79 8.72 51.18 -11.00
N LEU B 80 8.07 51.69 -9.96
CA LEU B 80 6.95 50.97 -9.36
C LEU B 80 5.79 50.81 -10.34
N GLU B 81 5.44 51.88 -11.06
CA GLU B 81 4.31 51.83 -11.98
C GLU B 81 4.53 50.77 -13.05
N LYS B 82 5.76 50.64 -13.55
CA LYS B 82 6.01 49.69 -14.63
C LYS B 82 6.11 48.27 -14.12
N LYS B 83 6.45 48.10 -12.84
CA LYS B 83 6.79 46.83 -12.24
C LYS B 83 5.76 46.40 -11.20
N LEU B 84 4.68 47.18 -11.06
CA LEU B 84 3.73 46.99 -9.97
C LEU B 84 3.02 45.64 -10.02
N ASN B 85 2.82 45.08 -11.21
CA ASN B 85 2.09 43.83 -11.38
C ASN B 85 2.98 42.59 -11.48
N PHE B 86 4.29 42.72 -11.22
CA PHE B 86 5.15 41.56 -11.44
C PHE B 86 5.41 40.82 -10.13
N PRO B 87 5.16 39.51 -10.06
CA PRO B 87 5.53 38.77 -8.85
C PRO B 87 7.02 38.90 -8.57
N GLY B 88 7.35 39.03 -7.30
CA GLY B 88 8.72 39.27 -6.87
C GLY B 88 9.01 40.73 -6.63
N THR B 89 8.15 41.63 -7.10
CA THR B 89 8.28 43.05 -6.81
C THR B 89 7.79 43.31 -5.39
N LYS B 90 8.60 44.01 -4.60
CA LYS B 90 8.24 44.27 -3.22
C LYS B 90 8.80 45.61 -2.79
N ILE B 91 8.29 46.11 -1.67
CA ILE B 91 8.78 47.34 -1.05
C ILE B 91 9.17 47.02 0.38
N GLN B 92 10.33 47.52 0.80
CA GLN B 92 10.78 47.40 2.19
C GLN B 92 10.90 48.80 2.79
N LEU B 93 10.29 49.01 3.96
CA LEU B 93 10.38 50.29 4.66
C LEU B 93 11.14 50.09 5.96
N LYS B 94 12.37 50.58 6.01
CA LYS B 94 13.19 50.45 7.20
C LYS B 94 13.18 51.79 7.94
N PRO B 95 12.46 51.94 9.04
CA PRO B 95 12.48 53.21 9.75
C PRO B 95 13.76 53.43 10.54
N VAL B 96 14.18 54.70 10.62
CA VAL B 96 15.33 55.09 11.42
C VAL B 96 14.79 55.88 12.61
N LEU B 97 15.13 55.43 13.81
CA LEU B 97 14.59 55.98 15.04
C LEU B 97 15.62 56.87 15.73
N ASN B 98 15.17 58.03 16.19
CA ASN B 98 16.04 59.00 16.86
C ASN B 98 16.14 58.67 18.35
N LYS B 99 16.75 59.58 19.12
CA LYS B 99 16.96 59.38 20.55
C LYS B 99 15.68 59.58 21.37
N GLU B 100 14.51 59.70 20.73
CA GLU B 100 13.25 59.83 21.46
C GLU B 100 12.22 58.84 20.94
N ASN B 101 12.70 57.72 20.37
CA ASN B 101 11.85 56.63 19.92
C ASN B 101 10.75 57.10 18.98
N GLU B 102 11.03 58.16 18.22
CA GLU B 102 10.13 58.66 17.19
C GLU B 102 10.74 58.39 15.83
N VAL B 103 9.92 57.96 14.88
CA VAL B 103 10.42 57.77 13.52
C VAL B 103 10.68 59.15 12.94
N GLU B 104 11.94 59.46 12.66
CA GLU B 104 12.34 60.72 12.05
C GLU B 104 12.68 60.58 10.58
N LYS B 105 12.86 59.36 10.10
CA LYS B 105 13.26 59.12 8.72
C LYS B 105 12.95 57.67 8.40
N VAL B 106 12.61 57.42 7.14
CA VAL B 106 12.30 56.07 6.66
C VAL B 106 13.13 55.80 5.42
N GLN B 107 13.74 54.63 5.38
CA GLN B 107 14.46 54.17 4.19
C GLN B 107 13.44 53.48 3.29
N PHE B 108 13.32 53.95 2.05
CA PHE B 108 12.43 53.36 1.06
C PHE B 108 13.21 52.48 0.10
N ILE B 109 13.02 51.17 0.20
CA ILE B 109 13.73 50.21 -0.65
C ILE B 109 12.68 49.56 -1.54
N LEU B 110 12.81 49.79 -2.85
CA LEU B 110 11.97 49.16 -3.86
C LEU B 110 12.77 48.07 -4.56
N LYS B 111 12.31 46.82 -4.46
CA LYS B 111 13.01 45.72 -5.09
C LYS B 111 12.09 45.11 -6.14
N TRP B 112 12.64 44.65 -7.25
CA TRP B 112 11.88 43.94 -8.26
C TRP B 112 12.81 43.05 -9.06
N GLY B 113 12.23 42.28 -9.98
CA GLY B 113 12.97 41.43 -10.88
C GLY B 113 13.17 40.00 -10.41
N GLY B 114 14.12 39.36 -11.09
CA GLY B 114 14.40 37.95 -10.91
C GLY B 114 13.35 37.05 -11.50
N GLU B 115 12.41 37.61 -12.34
CA GLU B 115 11.36 36.88 -13.03
C GLU B 115 11.85 36.35 -14.37
N PRO B 116 11.28 35.25 -14.85
CA PRO B 116 11.60 34.79 -16.21
C PRO B 116 11.17 35.81 -17.24
N THR B 117 11.99 35.99 -18.27
CA THR B 117 11.67 36.97 -19.30
C THR B 117 10.63 36.41 -20.28
N HIS B 118 10.11 37.30 -21.12
CA HIS B 118 9.16 36.88 -22.15
C HIS B 118 9.76 35.88 -23.12
N SER B 119 11.09 35.80 -23.19
CA SER B 119 11.75 34.89 -24.10
C SER B 119 11.85 33.46 -23.56
N ALA B 120 11.71 33.29 -22.25
CA ALA B 120 11.97 31.98 -21.65
C ALA B 120 11.10 30.88 -22.25
N LYS B 121 9.83 31.17 -22.49
CA LYS B 121 8.93 30.11 -22.96
C LYS B 121 9.37 29.57 -24.31
N TYR B 122 9.96 30.43 -25.15
CA TYR B 122 10.43 30.01 -26.46
C TYR B 122 11.62 29.06 -26.34
N GLN B 123 12.58 29.42 -25.47
CA GLN B 123 13.76 28.59 -25.27
C GLN B 123 13.39 27.21 -24.75
N ALA B 124 12.48 27.15 -23.79
CA ALA B 124 12.08 25.87 -23.23
C ALA B 124 11.29 25.04 -24.24
N THR B 125 10.40 25.66 -25.01
CA THR B 125 9.65 24.91 -26.02
C THR B 125 10.55 24.32 -27.10
N GLU B 126 11.51 25.09 -27.64
CA GLU B 126 12.42 24.50 -28.62
C GLU B 126 13.07 23.24 -28.07
N LEU B 127 13.51 23.27 -26.81
CA LEU B 127 14.20 22.12 -26.24
C LEU B 127 13.22 20.97 -26.04
N GLY B 128 11.98 21.29 -25.67
CA GLY B 128 11.00 20.25 -25.47
C GLY B 128 10.62 19.61 -26.79
N GLU B 129 10.52 20.40 -27.86
CA GLU B 129 10.17 19.86 -29.17
C GLU B 129 11.30 18.99 -29.70
N GLN B 130 12.53 19.50 -29.63
CA GLN B 130 13.68 18.72 -30.08
C GLN B 130 13.75 17.38 -29.36
N MET B 131 13.54 17.39 -28.04
CA MET B 131 13.61 16.14 -27.28
C MET B 131 12.44 15.22 -27.58
N ARG B 132 11.24 15.78 -27.83
CA ARG B 132 10.15 14.92 -28.30
C ARG B 132 10.47 14.27 -29.62
N GLN B 133 11.02 15.04 -30.56
CA GLN B 133 11.47 14.47 -31.82
C GLN B 133 12.48 13.35 -31.58
N ASP B 134 13.49 13.63 -30.75
CA ASP B 134 14.52 12.62 -30.49
C ASP B 134 13.92 11.34 -29.93
N PHE B 135 12.98 11.46 -28.98
CA PHE B 135 12.42 10.28 -28.34
C PHE B 135 11.53 9.48 -29.29
N ASP B 136 10.69 10.16 -30.07
CA ASP B 136 9.83 9.48 -31.03
C ASP B 136 10.61 8.82 -32.16
N LEU B 137 11.93 8.96 -32.20
CA LEU B 137 12.77 8.25 -33.15
C LEU B 137 13.55 7.10 -32.53
N LEU B 138 13.87 7.18 -31.24
CA LEU B 138 14.54 6.08 -30.57
C LEU B 138 13.55 5.03 -30.08
N ASN B 139 12.58 5.45 -29.27
CA ASN B 139 11.54 4.53 -28.79
C ASN B 139 10.37 5.36 -28.30
N LYS B 140 9.23 5.23 -28.99
CA LYS B 140 8.05 6.03 -28.63
C LYS B 140 7.53 5.70 -27.24
N SER B 141 7.83 4.52 -26.71
CA SER B 141 7.33 4.14 -25.41
C SER B 141 7.95 4.96 -24.29
N ILE B 142 9.07 5.62 -24.56
CA ILE B 142 9.74 6.43 -23.54
C ILE B 142 8.84 7.56 -23.07
N LEU B 143 8.04 8.13 -23.97
CA LEU B 143 7.18 9.23 -23.57
C LEU B 143 6.20 8.83 -22.47
N GLN B 144 5.88 7.54 -22.39
CA GLN B 144 4.95 7.05 -21.37
C GLN B 144 5.64 6.83 -20.04
N ASN B 145 6.95 7.07 -19.96
CA ASN B 145 7.76 6.84 -18.76
C ASN B 145 8.64 8.05 -18.47
N ILE B 146 8.03 9.22 -18.41
CA ILE B 146 8.72 10.48 -18.11
C ILE B 146 8.42 10.85 -16.67
N LYS B 147 9.47 11.17 -15.90
CA LYS B 147 9.35 11.68 -14.55
C LYS B 147 10.07 13.02 -14.44
N ILE B 148 9.38 14.00 -13.87
CA ILE B 148 9.82 15.39 -13.91
C ILE B 148 9.83 15.95 -12.50
N PHE B 149 10.98 16.48 -12.08
CA PHE B 149 11.13 17.21 -10.84
C PHE B 149 11.46 18.67 -11.13
N SER B 150 11.16 19.53 -10.16
CA SER B 150 11.43 20.96 -10.30
C SER B 150 11.70 21.56 -8.93
N SER B 151 12.55 22.58 -8.92
CA SER B 151 12.75 23.38 -7.72
C SER B 151 11.49 24.17 -7.41
N SER B 152 11.45 24.75 -6.20
CA SER B 152 10.33 25.57 -5.79
C SER B 152 10.39 26.97 -6.38
N GLU B 153 11.55 27.39 -6.88
CA GLU B 153 11.68 28.72 -7.43
C GLU B 153 10.70 28.92 -8.57
N ARG B 154 10.11 30.12 -8.63
CA ARG B 154 9.10 30.40 -9.64
C ARG B 154 9.68 30.30 -11.04
N ARG B 155 10.91 30.78 -11.22
CA ARG B 155 11.59 30.75 -12.50
C ARG B 155 11.89 29.33 -12.97
N VAL B 156 12.08 28.39 -12.04
CA VAL B 156 12.41 27.02 -12.41
C VAL B 156 11.17 26.26 -12.89
N LEU B 157 10.09 26.32 -12.12
CA LEU B 157 8.86 25.64 -12.53
C LEU B 157 8.34 26.18 -13.85
N HIS B 158 8.44 27.51 -14.06
CA HIS B 158 8.08 28.07 -15.36
C HIS B 158 8.79 27.36 -16.50
N THR B 159 10.11 27.16 -16.36
CA THR B 159 10.85 26.45 -17.39
C THR B 159 10.35 25.02 -17.53
N ALA B 160 10.10 24.37 -16.39
CA ALA B 160 9.64 22.98 -16.41
C ALA B 160 8.28 22.87 -17.08
N GLN B 161 7.40 23.85 -16.85
CA GLN B 161 6.03 23.74 -17.37
C GLN B 161 6.02 23.84 -18.89
N TYR B 162 6.75 24.80 -19.45
CA TYR B 162 6.77 24.94 -20.91
C TYR B 162 7.57 23.82 -21.57
N TRP B 163 8.61 23.31 -20.91
CA TRP B 163 9.30 22.16 -21.47
C TRP B 163 8.38 20.95 -21.48
N THR B 164 7.62 20.74 -20.40
CA THR B 164 6.68 19.63 -20.36
C THR B 164 5.57 19.80 -21.40
N ARG B 165 5.03 21.00 -21.52
CA ARG B 165 4.00 21.27 -22.53
C ARG B 165 4.54 20.99 -23.93
N ALA B 166 5.77 21.43 -24.21
CA ALA B 166 6.33 21.22 -25.54
C ALA B 166 6.63 19.75 -25.76
N LEU B 167 7.00 19.03 -24.70
CA LEU B 167 7.35 17.63 -24.84
C LEU B 167 6.10 16.81 -25.18
N PHE B 168 4.98 17.10 -24.52
CA PHE B 168 3.75 16.37 -24.76
C PHE B 168 2.88 17.12 -25.77
N ASP B 176 1.56 19.62 -13.65
CA ASP B 176 0.65 18.48 -13.57
C ASP B 176 1.45 17.22 -13.29
N GLU B 177 2.45 16.97 -14.13
CA GLU B 177 3.37 15.84 -13.97
C GLU B 177 4.64 16.21 -13.22
N ILE B 178 4.92 17.51 -13.10
CA ILE B 178 6.12 17.96 -12.41
C ILE B 178 5.95 17.80 -10.91
N SER B 179 6.94 17.19 -10.27
CA SER B 179 6.92 16.83 -8.86
C SER B 179 7.89 17.74 -8.11
N ILE B 180 7.37 18.81 -7.51
CA ILE B 180 8.22 19.71 -6.75
C ILE B 180 8.94 18.91 -5.67
N ARG B 181 10.26 19.10 -5.57
CA ARG B 181 11.11 18.37 -4.64
C ARG B 181 12.06 19.35 -3.96
N LYS B 182 11.59 19.94 -2.84
CA LYS B 182 12.39 20.93 -2.15
C LYS B 182 13.67 20.35 -1.55
N ASP B 183 13.61 19.12 -1.03
CA ASP B 183 14.80 18.56 -0.40
C ASP B 183 15.95 18.36 -1.38
N LEU B 184 15.67 18.13 -2.67
CA LEU B 184 16.76 17.85 -3.59
C LEU B 184 17.17 19.10 -4.36
N LEU B 185 16.20 19.91 -4.79
CA LEU B 185 16.39 20.95 -5.80
C LEU B 185 15.98 22.24 -5.11
N ASP B 186 16.90 22.80 -4.32
CA ASP B 186 16.64 24.07 -3.66
C ASP B 186 17.90 24.49 -2.94
N ASP B 187 17.97 25.76 -2.57
CA ASP B 187 19.14 26.26 -1.86
C ASP B 187 19.19 25.66 -0.45
N SER B 188 20.40 25.32 -0.02
CA SER B 188 20.64 24.79 1.32
C SER B 188 21.71 25.63 1.99
N ASN B 189 21.45 26.03 3.23
CA ASN B 189 22.43 26.77 4.02
C ASN B 189 23.55 25.88 4.56
N ALA B 190 23.61 24.61 4.13
CA ALA B 190 24.66 23.73 4.62
C ALA B 190 26.03 24.17 4.14
N ALA B 191 26.13 24.58 2.88
CA ALA B 191 27.39 25.04 2.31
C ALA B 191 27.60 26.53 2.51
N LYS B 192 26.60 27.25 3.03
CA LYS B 192 26.73 28.69 3.15
C LYS B 192 27.80 29.07 4.17
N ASP B 193 28.03 28.22 5.18
CA ASP B 193 29.12 28.47 6.11
C ASP B 193 30.46 28.39 5.39
N LEU B 194 30.60 27.46 4.46
CA LEU B 194 31.84 27.26 3.73
C LEU B 194 31.95 28.12 2.47
N MET B 195 30.82 28.49 1.86
CA MET B 195 30.88 29.39 0.72
C MET B 195 31.25 30.81 1.13
N ASP B 196 31.02 31.18 2.40
CA ASP B 196 31.50 32.47 2.87
C ASP B 196 33.01 32.46 3.03
N LYS B 197 33.56 31.35 3.56
CA LYS B 197 35.00 31.19 3.61
C LYS B 197 35.61 31.36 2.23
N VAL B 198 34.89 30.91 1.20
CA VAL B 198 35.36 31.01 -0.18
C VAL B 198 35.20 32.43 -0.71
N LYS B 199 34.07 33.08 -0.44
CA LYS B 199 33.85 34.44 -0.93
C LYS B 199 34.96 35.38 -0.48
N LYS B 200 35.40 35.25 0.77
CA LYS B 200 36.48 36.11 1.26
C LYS B 200 37.80 35.76 0.58
N LYS B 201 37.95 34.50 0.18
CA LYS B 201 39.13 34.02 -0.53
C LYS B 201 39.25 34.55 -1.95
N LEU B 202 38.18 35.04 -2.58
CA LEU B 202 38.31 35.50 -3.96
C LEU B 202 38.84 36.94 -4.09
N LYS B 203 38.65 37.79 -3.08
CA LYS B 203 39.12 39.16 -3.20
C LYS B 203 40.62 39.23 -3.49
N PRO B 204 41.49 38.52 -2.78
CA PRO B 204 42.94 38.57 -3.07
C PRO B 204 43.33 38.09 -4.47
N LEU B 205 42.59 37.16 -5.06
CA LEU B 205 42.89 36.70 -6.41
C LEU B 205 42.85 37.82 -7.43
N LEU B 206 41.96 38.80 -7.28
CA LEU B 206 41.91 39.82 -8.33
C LEU B 206 42.93 40.93 -8.10
N ARG B 207 43.26 41.28 -6.87
CA ARG B 207 44.19 42.37 -6.61
C ARG B 207 45.58 41.75 -6.41
N GLU B 208 46.44 41.92 -7.41
CA GLU B 208 47.72 41.21 -7.48
C GLU B 208 47.63 39.80 -6.92
N ALA B 217 41.44 28.81 -14.75
CA ALA B 217 40.98 29.25 -16.06
C ALA B 217 41.35 30.70 -16.30
N TRP B 218 42.32 30.94 -17.19
CA TRP B 218 42.72 32.29 -17.51
C TRP B 218 43.42 32.32 -18.88
N PRO B 219 43.06 33.25 -19.77
CA PRO B 219 43.69 33.28 -21.09
C PRO B 219 45.17 33.61 -21.02
N SER B 220 45.91 33.10 -22.01
CA SER B 220 47.35 33.34 -22.05
C SER B 220 47.68 34.79 -22.35
N LYS B 221 46.90 35.41 -23.24
CA LYS B 221 47.19 36.78 -23.66
C LYS B 221 46.84 37.81 -22.60
N MET B 222 46.14 37.43 -21.52
CA MET B 222 45.80 38.42 -20.51
C MET B 222 47.00 38.65 -19.58
N PRO B 223 47.25 39.90 -19.16
CA PRO B 223 48.34 40.14 -18.20
C PRO B 223 48.15 39.57 -16.80
N GLU B 224 47.06 39.96 -16.13
CA GLU B 224 46.86 39.59 -14.73
C GLU B 224 45.45 40.01 -14.33
N PRO B 225 44.79 39.32 -13.39
CA PRO B 225 43.42 39.74 -13.05
C PRO B 225 43.31 41.20 -12.65
N TYR B 226 44.27 41.71 -11.88
CA TYR B 226 44.15 43.10 -11.44
C TYR B 226 44.27 44.07 -12.60
N LEU B 227 45.05 43.71 -13.63
CA LEU B 227 45.10 44.56 -14.82
C LEU B 227 43.78 44.52 -15.59
N VAL B 228 43.20 43.32 -15.77
CA VAL B 228 41.91 43.23 -16.44
C VAL B 228 40.87 44.09 -15.74
N ILE B 229 40.81 44.00 -14.40
CA ILE B 229 39.86 44.82 -13.65
C ILE B 229 40.11 46.30 -13.94
N LYS B 230 41.39 46.71 -13.92
CA LYS B 230 41.72 48.12 -14.12
C LYS B 230 41.27 48.59 -15.50
N ARG B 231 41.36 47.73 -16.50
CA ARG B 231 40.93 48.13 -17.84
C ARG B 231 39.41 48.24 -17.94
N VAL B 232 38.69 47.34 -17.25
CA VAL B 232 37.24 47.44 -17.24
C VAL B 232 36.79 48.78 -16.65
N VAL B 233 37.35 49.19 -15.51
CA VAL B 233 36.99 50.47 -14.93
C VAL B 233 37.17 51.61 -15.92
N GLU B 234 38.31 51.67 -16.60
CA GLU B 234 38.49 52.72 -17.62
C GLU B 234 37.42 52.61 -18.71
N LEU B 235 37.12 51.41 -19.21
CA LEU B 235 36.09 51.29 -20.23
C LEU B 235 34.72 51.63 -19.68
N MET B 236 34.48 51.34 -18.40
CA MET B 236 33.19 51.64 -17.79
C MET B 236 33.03 53.14 -17.60
N ASN B 237 34.04 53.79 -17.04
CA ASN B 237 34.03 55.24 -16.91
C ASN B 237 33.87 55.91 -18.26
N TYR B 238 34.41 55.30 -19.32
CA TYR B 238 34.27 55.86 -20.66
C TYR B 238 32.80 55.86 -21.10
N HIS B 239 32.11 54.73 -20.94
CA HIS B 239 30.72 54.64 -21.39
C HIS B 239 29.75 55.45 -20.53
N LYS B 240 30.03 55.62 -19.24
CA LYS B 240 29.15 56.47 -18.41
C LYS B 240 29.08 57.86 -19.00
N LYS B 241 30.22 58.41 -19.44
CA LYS B 241 30.24 59.77 -19.99
C LYS B 241 29.49 59.80 -21.32
N ILE B 242 29.60 58.73 -22.11
CA ILE B 242 28.83 58.65 -23.36
C ILE B 242 27.34 58.67 -23.03
N MET B 243 26.92 57.87 -22.04
CA MET B 243 25.51 57.79 -21.71
C MET B 243 24.98 59.15 -21.30
N ASP B 244 25.70 59.82 -20.39
CA ASP B 244 25.29 61.16 -19.96
C ASP B 244 25.23 62.10 -21.15
N ASN B 245 26.25 62.06 -22.01
CA ASN B 245 26.29 62.94 -23.17
C ASN B 245 25.12 62.70 -24.11
N ASN B 246 24.72 61.45 -24.28
CA ASN B 246 23.60 61.13 -25.15
C ASN B 246 22.25 61.52 -24.55
N PHE B 247 22.05 61.28 -23.25
CA PHE B 247 20.82 61.72 -22.59
C PHE B 247 20.66 63.24 -22.61
N ALA B 248 21.74 63.98 -22.40
CA ALA B 248 21.59 65.43 -22.27
C ALA B 248 21.34 66.08 -23.62
N LYS B 249 21.83 65.48 -24.71
CA LYS B 249 21.81 66.10 -26.02
C LYS B 249 20.82 65.45 -26.98
N LYS B 250 20.76 64.12 -27.03
CA LYS B 250 19.95 63.41 -28.02
C LYS B 250 18.57 63.08 -27.45
N ASP B 251 17.63 62.82 -28.35
CA ASP B 251 16.30 62.34 -27.97
C ASP B 251 16.40 60.85 -27.63
N VAL B 252 16.28 60.54 -26.34
CA VAL B 252 16.46 59.16 -25.89
C VAL B 252 15.21 58.31 -26.12
N ASN B 253 14.03 58.94 -26.16
CA ASN B 253 12.79 58.19 -26.31
C ASN B 253 12.58 57.62 -27.71
N SER B 254 13.44 57.98 -28.67
CA SER B 254 13.32 57.47 -30.04
C SER B 254 14.46 56.51 -30.39
N MET B 255 15.24 56.07 -29.40
CA MET B 255 16.38 55.19 -29.66
C MET B 255 16.03 53.71 -29.69
N GLN B 256 14.78 53.32 -29.40
CA GLN B 256 14.39 51.93 -29.59
C GLN B 256 12.87 51.82 -29.67
N THR B 257 12.38 51.19 -30.74
CA THR B 257 10.95 51.04 -30.99
C THR B 257 10.33 49.88 -30.24
N ARG B 258 11.14 49.02 -29.63
CA ARG B 258 10.67 47.80 -28.99
C ARG B 258 11.07 47.79 -27.53
N TRP B 259 10.08 47.70 -26.64
CA TRP B 259 10.30 47.61 -25.21
C TRP B 259 9.50 46.45 -24.62
N CYS B 260 10.15 45.29 -24.48
CA CYS B 260 9.54 44.15 -23.83
C CYS B 260 9.66 44.28 -22.31
N THR B 261 8.91 43.45 -21.60
CA THR B 261 8.94 43.38 -20.14
C THR B 261 8.53 44.69 -19.49
N SER B 262 7.94 45.61 -20.25
CA SER B 262 7.41 46.88 -19.77
C SER B 262 8.49 47.87 -19.36
N GLU B 263 9.75 47.62 -19.69
CA GLU B 263 10.80 48.57 -19.33
C GLU B 263 10.89 49.68 -20.38
N ASP B 264 11.45 50.82 -19.97
CA ASP B 264 11.61 51.96 -20.86
C ASP B 264 12.98 52.57 -20.59
N PRO B 265 13.40 53.63 -21.30
CA PRO B 265 14.79 54.09 -21.18
C PRO B 265 15.20 54.42 -19.75
N SER B 266 14.26 54.78 -18.88
CA SER B 266 14.60 55.14 -17.52
C SER B 266 15.13 53.95 -16.72
N LEU B 267 14.49 52.78 -16.84
CA LEU B 267 15.01 51.59 -16.16
C LEU B 267 16.36 51.16 -16.73
N PHE B 268 16.61 51.37 -18.02
CA PHE B 268 17.92 51.06 -18.59
C PHE B 268 19.00 51.88 -17.89
N LYS B 269 18.82 53.19 -17.82
CA LYS B 269 19.83 54.06 -17.22
C LYS B 269 20.09 53.69 -15.76
N GLU B 270 19.04 53.31 -15.02
CA GLU B 270 19.22 52.99 -13.62
C GLU B 270 20.10 51.76 -13.40
N ARG B 271 19.84 50.67 -14.11
CA ARG B 271 20.67 49.47 -13.90
C ARG B 271 22.12 49.76 -14.21
N TRP B 272 22.38 50.55 -15.25
CA TRP B 272 23.75 50.87 -15.63
C TRP B 272 24.32 51.94 -14.71
N ASP B 273 23.50 52.90 -14.27
CA ASP B 273 23.96 53.88 -13.30
C ASP B 273 24.51 53.17 -12.08
N LYS B 274 23.84 52.10 -11.65
CA LYS B 274 24.33 51.31 -10.52
C LYS B 274 25.68 50.68 -10.84
N LEU B 275 25.77 50.00 -11.98
CA LEU B 275 27.02 49.32 -12.33
C LEU B 275 28.17 50.31 -12.48
N PHE B 276 27.93 51.44 -13.13
CA PHE B 276 28.96 52.46 -13.27
C PHE B 276 29.45 52.94 -11.91
N LYS B 277 28.54 53.05 -10.93
CA LYS B 277 28.93 53.44 -9.58
C LYS B 277 29.81 52.39 -8.93
N GLU B 278 29.53 51.11 -9.18
CA GLU B 278 30.27 50.03 -8.55
C GLU B 278 31.54 49.64 -9.28
N PHE B 279 31.78 50.16 -10.48
CA PHE B 279 32.98 49.86 -11.25
C PHE B 279 33.66 51.16 -11.68
N ASN B 280 33.84 52.07 -10.74
CA ASN B 280 34.57 53.32 -10.98
C ASN B 280 35.85 53.42 -10.15
N ASN B 281 36.22 52.38 -9.42
CA ASN B 281 37.47 52.36 -8.66
C ASN B 281 37.94 50.92 -8.60
N ALA B 282 39.03 50.61 -9.30
CA ALA B 282 39.52 49.24 -9.38
C ALA B 282 39.89 48.67 -8.01
N GLU B 283 40.36 49.51 -7.08
CA GLU B 283 40.71 49.01 -5.75
C GLU B 283 39.49 48.76 -4.87
N LYS B 284 38.28 48.95 -5.39
CA LYS B 284 37.06 48.76 -4.63
C LYS B 284 36.11 47.79 -5.32
N VAL B 285 36.48 47.29 -6.51
CA VAL B 285 35.59 46.42 -7.26
C VAL B 285 35.33 45.17 -6.43
N ASP B 286 34.06 44.88 -6.21
CA ASP B 286 33.67 43.70 -5.44
C ASP B 286 33.53 42.51 -6.38
N PRO B 287 34.20 41.38 -6.10
CA PRO B 287 34.03 40.21 -6.98
C PRO B 287 32.60 39.75 -7.09
N SER B 288 31.76 40.02 -6.09
CA SER B 288 30.35 39.65 -6.19
C SER B 288 29.64 40.45 -7.27
N LYS B 289 30.17 41.62 -7.62
CA LYS B 289 29.55 42.54 -8.57
C LYS B 289 29.98 42.25 -10.01
N ILE B 290 30.91 41.32 -10.21
CA ILE B 290 31.27 40.89 -11.56
C ILE B 290 30.11 40.17 -12.22
N SER B 291 29.41 39.32 -11.47
CA SER B 291 28.28 38.59 -12.04
C SER B 291 27.14 39.52 -12.40
N GLU B 292 26.93 40.59 -11.63
CA GLU B 292 25.88 41.55 -11.98
C GLU B 292 26.20 42.25 -13.29
N LEU B 293 27.43 42.72 -13.46
CA LEU B 293 27.82 43.37 -14.71
C LEU B 293 27.59 42.43 -15.90
N TYR B 294 28.02 41.18 -15.78
CA TYR B 294 27.91 40.25 -16.89
C TYR B 294 26.47 39.84 -17.14
N ASP B 295 25.64 39.80 -16.10
CA ASP B 295 24.25 39.43 -16.30
C ASP B 295 23.49 40.51 -17.05
N THR B 296 23.73 41.78 -16.72
CA THR B 296 23.08 42.87 -17.44
C THR B 296 23.57 42.99 -18.88
N MET B 297 24.85 42.72 -19.14
CA MET B 297 25.33 42.79 -20.51
C MET B 297 24.68 41.75 -21.40
N LYS B 298 24.55 40.51 -20.91
CA LYS B 298 23.76 39.52 -21.64
C LYS B 298 22.31 39.97 -21.80
N TYR B 299 21.71 40.50 -20.73
CA TYR B 299 20.30 40.87 -20.79
C TYR B 299 20.08 41.98 -21.81
N ASP B 300 20.88 43.04 -21.75
CA ASP B 300 20.69 44.19 -22.62
C ASP B 300 21.04 43.83 -24.06
N ALA B 301 22.14 43.10 -24.25
CA ALA B 301 22.52 42.62 -25.57
C ALA B 301 21.46 41.71 -26.17
N LEU B 302 20.56 41.16 -25.34
CA LEU B 302 19.53 40.26 -25.81
C LEU B 302 18.21 40.97 -26.02
N HIS B 303 17.89 41.95 -25.17
CA HIS B 303 16.58 42.60 -25.17
C HIS B 303 16.63 44.09 -25.46
N ASN B 304 17.79 44.71 -25.41
CA ASN B 304 17.92 46.14 -25.68
C ASN B 304 19.09 46.43 -26.60
N ARG B 305 19.29 45.59 -27.63
CA ARG B 305 20.40 45.81 -28.55
C ARG B 305 20.36 47.21 -29.13
N GLN B 306 19.22 47.58 -29.71
CA GLN B 306 19.14 48.85 -30.42
C GLN B 306 19.45 50.01 -29.49
N PHE B 307 18.74 50.10 -28.37
CA PHE B 307 18.98 51.22 -27.46
C PHE B 307 20.42 51.21 -26.96
N LEU B 308 20.93 50.01 -26.66
CA LEU B 308 22.32 49.88 -26.23
C LEU B 308 23.30 50.47 -27.23
N GLU B 309 23.13 50.16 -28.52
CA GLU B 309 24.00 50.75 -29.55
C GLU B 309 23.87 52.27 -29.56
N ASN B 310 22.65 52.78 -29.58
CA ASN B 310 22.46 54.20 -29.87
C ASN B 310 22.84 55.04 -28.66
N ILE B 311 22.53 54.55 -27.47
CA ILE B 311 22.79 55.32 -26.26
C ILE B 311 24.28 55.31 -25.94
N PHE B 312 25.05 54.40 -26.53
CA PHE B 312 26.50 54.34 -26.35
C PHE B 312 27.30 54.70 -27.59
N ASP B 313 26.69 55.25 -28.63
CA ASP B 313 27.46 55.57 -29.85
C ASP B 313 28.29 56.83 -29.61
N PRO B 314 29.63 56.76 -29.71
CA PRO B 314 30.45 57.93 -29.35
C PRO B 314 30.26 59.14 -30.26
N GLY B 315 29.95 58.93 -31.54
CA GLY B 315 29.80 60.05 -32.45
C GLY B 315 30.56 59.81 -33.73
N SER B 316 30.87 60.92 -34.43
CA SER B 316 31.51 60.86 -35.74
C SER B 316 32.88 60.19 -35.72
N SER B 317 33.84 60.78 -35.03
CA SER B 317 35.23 60.37 -35.04
C SER B 317 35.95 60.80 -36.32
N GLY B 318 35.37 61.73 -37.08
CA GLY B 318 36.03 62.20 -38.27
C GLY B 318 35.75 61.36 -39.51
N GLN B 319 36.47 60.24 -39.62
CA GLN B 319 36.46 59.44 -40.84
C GLN B 319 35.18 58.61 -40.96
N PHE B 320 34.88 58.22 -42.20
CA PHE B 320 33.66 57.52 -42.54
C PHE B 320 33.81 56.01 -42.33
N ASP B 321 32.76 55.39 -41.78
CA ASP B 321 32.70 53.96 -41.51
C ASP B 321 33.84 53.48 -40.61
N GLU B 322 34.62 54.39 -40.04
CA GLU B 322 35.65 53.99 -39.11
C GLU B 322 34.98 53.33 -37.90
N PRO B 323 35.35 52.10 -37.53
CA PRO B 323 34.63 51.43 -36.45
C PRO B 323 34.61 52.25 -35.17
N ARG B 324 33.46 52.23 -34.51
CA ARG B 324 33.20 53.04 -33.34
C ARG B 324 32.86 52.24 -32.09
N PHE B 325 32.26 51.07 -32.22
CA PHE B 325 31.93 50.22 -31.07
C PHE B 325 33.02 49.19 -30.79
N MET B 326 34.26 49.69 -30.68
CA MET B 326 35.42 48.89 -30.34
C MET B 326 35.67 48.83 -28.84
N GLN B 327 35.57 49.99 -28.17
CA GLN B 327 35.71 50.03 -26.73
C GLN B 327 34.59 49.27 -26.02
N LEU B 328 33.43 49.16 -26.64
CA LEU B 328 32.32 48.41 -26.04
C LEU B 328 32.51 46.92 -26.21
N ARG B 329 32.87 46.47 -27.41
CA ARG B 329 33.18 45.07 -27.62
C ARG B 329 34.27 44.60 -26.66
N GLU B 330 35.32 45.41 -26.49
CA GLU B 330 36.37 45.08 -25.55
C GLU B 330 35.81 44.90 -24.14
N LEU B 331 34.86 45.77 -23.76
CA LEU B 331 34.29 45.71 -22.42
C LEU B 331 33.50 44.41 -22.22
N TYR B 332 32.73 43.99 -23.23
CA TYR B 332 32.02 42.73 -23.11
C TYR B 332 33.01 41.57 -22.96
N LYS B 333 34.07 41.58 -23.75
CA LYS B 333 35.04 40.49 -23.72
C LYS B 333 35.73 40.40 -22.37
N LEU B 334 36.10 41.54 -21.80
CA LEU B 334 36.81 41.54 -20.51
C LEU B 334 35.89 41.11 -19.36
N ALA B 335 34.60 41.43 -19.42
CA ALA B 335 33.70 41.00 -18.36
C ALA B 335 33.51 39.49 -18.36
N LYS B 336 33.47 38.87 -19.54
CA LYS B 336 33.34 37.43 -19.62
C LYS B 336 34.56 36.71 -19.06
N VAL B 337 35.75 37.29 -19.23
CA VAL B 337 36.95 36.71 -18.64
C VAL B 337 36.84 36.68 -17.12
N LEU B 338 36.45 37.80 -16.52
CA LEU B 338 36.29 37.86 -15.08
C LEU B 338 35.21 36.91 -14.58
N PHE B 339 34.15 36.72 -15.36
CA PHE B 339 33.05 35.83 -15.00
C PHE B 339 33.42 34.36 -15.14
N ASP B 340 34.40 34.07 -15.98
CA ASP B 340 34.87 32.72 -16.29
C ASP B 340 35.91 32.23 -15.28
N PHE B 341 36.46 33.13 -14.47
CA PHE B 341 37.53 32.83 -13.56
C PHE B 341 37.21 33.32 -12.15
N ILE B 342 36.01 33.85 -11.93
CA ILE B 342 35.52 34.13 -10.58
C ILE B 342 34.30 33.29 -10.26
N CYS B 343 33.24 33.37 -11.08
CA CYS B 343 31.99 32.74 -10.66
C CYS B 343 32.09 31.23 -10.54
N PRO B 344 32.70 30.48 -11.47
CA PRO B 344 32.78 29.03 -11.22
C PRO B 344 33.60 28.70 -10.01
N LYS B 345 34.45 29.63 -9.55
CA LYS B 345 35.29 29.41 -8.38
C LYS B 345 34.69 29.99 -7.10
N GLU B 346 33.48 30.56 -7.17
CA GLU B 346 32.71 30.82 -5.97
C GLU B 346 32.19 29.53 -5.32
N TYR B 347 32.14 28.43 -6.07
CA TYR B 347 31.76 27.13 -5.54
C TYR B 347 32.96 26.29 -5.14
N GLY B 348 34.13 26.91 -4.95
CA GLY B 348 35.31 26.20 -4.52
C GLY B 348 36.51 26.44 -5.40
N ILE B 349 37.64 26.76 -4.77
CA ILE B 349 38.90 26.98 -5.47
C ILE B 349 39.70 25.69 -5.49
N SER B 350 40.04 25.18 -4.31
CA SER B 350 40.76 23.93 -4.22
C SER B 350 39.82 22.76 -4.51
N ASP B 351 40.42 21.60 -4.75
CA ASP B 351 39.64 20.39 -5.00
C ASP B 351 38.80 20.02 -3.78
N ALA B 352 39.34 20.21 -2.58
CA ALA B 352 38.58 19.91 -1.37
C ALA B 352 37.38 20.84 -1.23
N GLU B 353 37.54 22.11 -1.60
CA GLU B 353 36.41 23.04 -1.54
C GLU B 353 35.36 22.69 -2.58
N LYS B 354 35.80 22.43 -3.82
CA LYS B 354 34.86 22.00 -4.84
C LYS B 354 34.11 20.75 -4.40
N LEU B 355 34.75 19.90 -3.61
CA LEU B 355 34.11 18.67 -3.17
C LEU B 355 33.09 18.92 -2.06
N ASP B 356 33.51 19.61 -1.00
CA ASP B 356 32.60 19.82 0.13
C ASP B 356 31.41 20.69 -0.23
N ILE B 357 31.64 21.82 -0.92
CA ILE B 357 30.54 22.65 -1.37
C ILE B 357 29.63 21.89 -2.33
N GLY B 358 30.19 21.15 -3.28
CA GLY B 358 29.36 20.40 -4.21
C GLY B 358 28.45 19.39 -3.56
N LEU B 359 28.95 18.66 -2.56
CA LEU B 359 28.11 17.68 -1.87
C LEU B 359 27.11 18.34 -0.93
N LEU B 360 27.56 19.27 -0.09
CA LEU B 360 26.61 19.91 0.82
C LEU B 360 25.44 20.51 0.07
N THR B 361 25.66 20.94 -1.18
CA THR B 361 24.58 21.56 -1.93
C THR B 361 23.76 20.53 -2.70
N SER B 362 24.43 19.57 -3.37
CA SER B 362 23.75 18.73 -4.36
C SER B 362 23.92 17.24 -4.11
N LEU B 363 24.35 16.82 -2.92
CA LEU B 363 24.47 15.39 -2.67
C LEU B 363 23.11 14.70 -2.80
N PRO B 364 22.04 15.23 -2.21
CA PRO B 364 20.72 14.59 -2.39
C PRO B 364 20.34 14.41 -3.84
N LEU B 365 20.49 15.45 -4.66
CA LEU B 365 20.18 15.32 -6.08
C LEU B 365 21.03 14.23 -6.72
N ALA B 366 22.30 14.15 -6.35
CA ALA B 366 23.17 13.13 -6.92
C ALA B 366 22.68 11.73 -6.55
N LYS B 367 22.27 11.53 -5.30
CA LYS B 367 21.72 10.25 -4.89
C LYS B 367 20.43 9.92 -5.64
N GLN B 368 19.58 10.93 -5.88
CA GLN B 368 18.34 10.67 -6.62
C GLN B 368 18.65 10.17 -8.02
N ILE B 369 19.64 10.77 -8.68
CA ILE B 369 19.98 10.40 -10.05
C ILE B 369 20.47 8.96 -10.10
N LEU B 370 21.39 8.59 -9.20
CA LEU B 370 21.95 7.25 -9.22
C LEU B 370 20.88 6.18 -8.99
N ASN B 371 19.93 6.45 -8.11
CA ASN B 371 18.85 5.49 -7.89
C ASN B 371 17.98 5.35 -9.13
N ASP B 372 17.67 6.48 -9.79
CA ASP B 372 16.91 6.43 -11.03
C ASP B 372 17.66 5.68 -12.12
N ILE B 373 18.98 5.89 -12.20
CA ILE B 373 19.80 5.12 -13.13
C ILE B 373 19.78 3.63 -12.77
N GLY B 374 19.80 3.32 -11.47
CA GLY B 374 19.75 1.93 -11.03
C GLY B 374 18.45 1.23 -11.40
N ASP B 375 17.33 1.95 -11.32
CA ASP B 375 16.05 1.37 -11.72
C ASP B 375 16.02 1.07 -13.21
N MET B 376 16.56 1.98 -14.03
CA MET B 376 16.50 1.81 -15.48
C MET B 376 17.22 0.55 -15.94
N LYS B 377 18.27 0.13 -15.25
CA LYS B 377 18.94 -1.12 -15.62
C LYS B 377 18.02 -2.32 -15.50
N ASN B 378 17.19 -2.38 -14.47
CA ASN B 378 16.37 -3.56 -14.24
C ASN B 378 15.05 -3.55 -15.02
N ARG B 379 14.59 -2.37 -15.44
CA ARG B 379 13.37 -2.28 -16.22
C ARG B 379 13.61 -2.76 -17.66
N GLU B 380 12.52 -3.06 -18.36
CA GLU B 380 12.55 -3.42 -19.77
C GLU B 380 11.84 -2.40 -20.66
N THR B 381 11.80 -1.13 -20.24
CA THR B 381 11.18 -0.08 -21.04
C THR B 381 11.98 1.21 -20.85
N PRO B 382 12.33 1.91 -21.93
CA PRO B 382 13.07 3.17 -21.76
C PRO B 382 12.26 4.24 -21.06
N ALA B 383 12.98 5.11 -20.35
CA ALA B 383 12.35 6.17 -19.56
C ALA B 383 13.26 7.40 -19.59
N CYS B 384 12.74 8.52 -19.10
CA CYS B 384 13.51 9.75 -18.96
C CYS B 384 13.12 10.43 -17.66
N VAL B 385 14.11 11.00 -16.98
CA VAL B 385 13.87 11.79 -15.77
C VAL B 385 14.53 13.15 -15.94
N ALA B 386 13.73 14.22 -15.88
CA ALA B 386 14.21 15.59 -16.03
C ALA B 386 14.15 16.33 -14.70
N TYR B 387 15.28 16.91 -14.30
CA TYR B 387 15.38 17.74 -13.09
C TYR B 387 15.63 19.17 -13.53
N PHE B 388 14.67 20.06 -13.27
CA PHE B 388 14.82 21.49 -13.52
C PHE B 388 15.28 22.17 -12.24
N THR B 389 16.43 22.82 -12.29
CA THR B 389 17.12 23.28 -11.11
C THR B 389 17.63 24.71 -11.27
N LYS B 390 17.91 25.34 -10.14
CA LYS B 390 18.56 26.64 -10.10
C LYS B 390 20.01 26.51 -10.56
N GLU B 391 20.65 27.66 -10.80
CA GLU B 391 22.00 27.63 -11.38
C GLU B 391 22.99 26.91 -10.47
N SER B 392 22.78 26.97 -9.15
CA SER B 392 23.82 26.49 -8.25
C SER B 392 24.01 24.97 -8.38
N HIS B 393 22.91 24.24 -8.57
CA HIS B 393 23.00 22.79 -8.56
C HIS B 393 23.74 22.26 -9.79
N ILE B 394 23.72 23.00 -10.90
CA ILE B 394 24.42 22.54 -12.10
C ILE B 394 25.92 22.57 -11.88
N TYR B 395 26.44 23.71 -11.39
CA TYR B 395 27.85 23.82 -11.07
C TYR B 395 28.27 22.75 -10.08
N THR B 396 27.54 22.64 -8.97
CA THR B 396 27.95 21.73 -7.90
C THR B 396 27.91 20.29 -8.36
N LEU B 397 26.89 19.93 -9.16
CA LEU B 397 26.79 18.55 -9.62
C LEU B 397 27.95 18.23 -10.56
N LEU B 398 28.33 19.19 -11.40
CA LEU B 398 29.48 19.02 -12.28
C LEU B 398 30.76 18.82 -11.47
N ASN B 399 30.92 19.57 -10.37
CA ASN B 399 32.11 19.40 -9.56
C ASN B 399 32.20 18.00 -8.97
N ILE B 400 31.05 17.45 -8.55
CA ILE B 400 31.00 16.08 -8.08
C ILE B 400 31.43 15.11 -9.17
N ILE B 401 31.02 15.39 -10.40
CA ILE B 401 31.33 14.52 -11.53
C ILE B 401 32.84 14.38 -11.72
N TYR B 402 33.55 15.50 -11.73
CA TYR B 402 34.99 15.44 -12.01
C TYR B 402 35.77 14.80 -10.87
N GLU B 403 35.52 15.24 -9.64
CA GLU B 403 36.28 14.71 -8.51
C GLU B 403 35.94 13.25 -8.21
N SER B 404 35.03 12.63 -8.95
CA SER B 404 34.69 11.22 -8.75
C SER B 404 35.73 10.26 -9.30
N GLY B 405 36.65 10.74 -10.13
CA GLY B 405 37.66 9.87 -10.72
C GLY B 405 37.23 9.14 -11.97
N ILE B 406 36.06 9.44 -12.53
CA ILE B 406 35.64 8.79 -13.78
C ILE B 406 36.46 9.39 -14.93
N PRO B 407 37.02 8.57 -15.82
CA PRO B 407 37.84 9.13 -16.90
C PRO B 407 37.03 10.01 -17.82
N MET B 408 37.45 11.27 -17.96
CA MET B 408 36.77 12.25 -18.78
C MET B 408 37.63 12.64 -19.98
N ARG B 409 36.97 13.18 -21.00
CA ARG B 409 37.64 13.67 -22.19
C ARG B 409 38.02 15.15 -22.13
N ILE B 410 37.42 15.93 -21.24
CA ILE B 410 37.61 17.38 -21.22
C ILE B 410 37.80 17.84 -19.78
N ALA B 411 38.71 18.80 -19.58
CA ALA B 411 39.01 19.35 -18.27
C ALA B 411 37.96 20.39 -17.85
N ARG B 412 37.87 20.59 -16.53
CA ARG B 412 36.82 21.44 -15.98
C ARG B 412 36.94 22.89 -16.46
N ASN B 413 38.14 23.46 -16.37
CA ASN B 413 38.32 24.85 -16.78
C ASN B 413 37.92 25.08 -18.23
N ALA B 414 38.04 24.06 -19.08
CA ALA B 414 37.76 24.17 -20.51
C ALA B 414 36.27 24.16 -20.84
N LEU B 415 35.41 23.82 -19.90
CA LEU B 415 33.98 23.73 -20.20
C LEU B 415 33.39 25.11 -20.50
N PRO B 416 32.46 25.20 -21.44
CA PRO B 416 31.81 26.49 -21.72
C PRO B 416 30.94 26.94 -20.55
N GLU B 417 30.57 28.22 -20.60
CA GLU B 417 29.75 28.81 -19.55
C GLU B 417 28.41 28.07 -19.43
N LEU B 418 28.02 27.79 -18.18
CA LEU B 418 26.73 27.18 -17.88
C LEU B 418 25.64 28.25 -17.95
N ASP B 419 25.17 28.51 -19.16
CA ASP B 419 24.18 29.55 -19.40
C ASP B 419 22.78 28.98 -19.19
N TYR B 420 21.76 29.73 -19.60
CA TYR B 420 20.39 29.30 -19.39
C TYR B 420 20.09 28.07 -20.23
N LEU B 421 19.36 27.13 -19.63
CA LEU B 421 19.05 25.84 -20.25
C LEU B 421 20.30 25.01 -20.48
N SER B 422 21.33 25.23 -19.69
CA SER B 422 22.47 24.32 -19.70
C SER B 422 22.01 22.96 -19.20
N GLN B 423 22.61 21.90 -19.74
CA GLN B 423 22.13 20.58 -19.42
C GLN B 423 23.29 19.65 -19.05
N ILE B 424 23.00 18.71 -18.15
CA ILE B 424 23.86 17.58 -17.85
C ILE B 424 23.07 16.32 -18.14
N THR B 425 23.65 15.40 -18.90
CA THR B 425 22.93 14.25 -19.41
C THR B 425 23.64 12.97 -18.97
N PHE B 426 22.86 11.99 -18.54
CA PHE B 426 23.37 10.68 -18.19
C PHE B 426 22.63 9.69 -19.08
N GLU B 427 23.28 9.30 -20.16
CA GLU B 427 22.70 8.39 -21.14
C GLU B 427 23.06 6.95 -20.79
N LEU B 428 22.09 6.05 -21.00
CA LEU B 428 22.19 4.67 -20.53
C LEU B 428 21.79 3.74 -21.66
N TYR B 429 22.77 3.08 -22.26
CA TYR B 429 22.55 2.11 -23.32
C TYR B 429 22.68 0.70 -22.76
N GLU B 430 22.01 -0.25 -23.42
CA GLU B 430 21.87 -1.61 -22.90
C GLU B 430 22.10 -2.63 -24.00
N SER B 431 22.98 -3.60 -23.73
CA SER B 431 23.22 -4.71 -24.65
C SER B 431 22.39 -5.92 -24.21
N THR B 432 21.08 -5.79 -24.41
CA THR B 432 20.14 -6.87 -24.09
C THR B 432 20.23 -7.90 -25.21
N ASP B 433 21.14 -8.85 -25.07
CA ASP B 433 21.40 -9.85 -26.10
C ASP B 433 22.25 -10.96 -25.49
N ALA B 434 22.77 -11.84 -26.34
CA ALA B 434 23.58 -12.97 -25.90
C ALA B 434 22.80 -13.82 -24.91
N SER B 435 21.69 -14.37 -25.38
CA SER B 435 20.74 -15.08 -24.53
C SER B 435 20.08 -14.07 -23.58
N GLY B 436 20.08 -14.37 -22.27
CA GLY B 436 19.54 -13.45 -21.30
C GLY B 436 20.53 -12.47 -20.71
N GLN B 437 21.77 -12.46 -21.18
CA GLN B 437 22.78 -11.54 -20.65
C GLN B 437 22.31 -10.10 -20.82
N LYS B 438 22.93 -9.21 -20.05
CA LYS B 438 22.42 -7.85 -19.90
C LYS B 438 23.59 -6.95 -19.50
N SER B 439 24.14 -6.21 -20.46
CA SER B 439 25.30 -5.35 -20.25
C SER B 439 24.93 -3.90 -20.50
N HIS B 440 25.71 -2.98 -19.93
CA HIS B 440 25.33 -1.58 -19.88
C HIS B 440 26.55 -0.67 -20.05
N SER B 441 26.29 0.54 -20.53
CA SER B 441 27.29 1.58 -20.74
C SER B 441 26.63 2.92 -20.48
N ILE B 442 27.35 3.83 -19.80
CA ILE B 442 26.85 5.15 -19.50
C ILE B 442 27.73 6.18 -20.20
N ARG B 443 27.10 7.14 -20.88
CA ARG B 443 27.78 8.25 -21.53
C ARG B 443 27.27 9.59 -21.02
N LEU B 444 28.17 10.45 -20.57
CA LEU B 444 27.84 11.75 -20.02
C LEU B 444 28.05 12.82 -21.09
N LYS B 445 27.06 13.69 -21.28
CA LYS B 445 27.13 14.78 -22.24
C LYS B 445 26.62 16.04 -21.57
N MET B 446 27.07 17.20 -22.05
CA MET B 446 26.61 18.47 -21.51
C MET B 446 26.34 19.44 -22.65
N SER B 447 25.56 20.49 -22.34
CA SER B 447 25.29 21.60 -23.24
C SER B 447 25.38 22.89 -22.45
N PRO B 448 26.02 23.93 -23.00
CA PRO B 448 26.04 25.23 -22.32
C PRO B 448 24.73 26.01 -22.40
N GLY B 449 23.71 25.48 -23.07
CA GLY B 449 22.44 26.18 -23.14
C GLY B 449 22.40 27.21 -24.25
N CYS B 450 21.63 28.28 -24.02
CA CYS B 450 21.50 29.37 -24.98
C CYS B 450 22.63 30.35 -24.70
N HIS B 451 23.78 30.12 -25.33
CA HIS B 451 25.00 30.86 -25.09
C HIS B 451 25.55 31.31 -26.44
N THR B 452 26.07 32.53 -26.49
CA THR B 452 26.67 33.06 -27.70
C THR B 452 28.07 33.61 -27.42
N GLN B 453 28.98 33.35 -28.35
CA GLN B 453 30.35 33.86 -28.27
C GLN B 453 30.49 35.28 -28.83
N ASP B 454 29.44 35.84 -29.42
CA ASP B 454 29.48 37.17 -30.02
C ASP B 454 28.16 37.86 -29.70
N PRO B 455 27.92 38.19 -28.43
CA PRO B 455 26.61 38.73 -28.05
C PRO B 455 26.24 40.02 -28.77
N LEU B 456 27.23 40.80 -29.18
CA LEU B 456 26.98 42.06 -29.86
C LEU B 456 26.72 41.89 -31.35
N ASP B 457 26.80 40.66 -31.87
CA ASP B 457 26.63 40.39 -33.29
C ASP B 457 25.52 39.40 -33.59
N VAL B 458 24.99 38.69 -32.59
CA VAL B 458 23.96 37.70 -32.87
C VAL B 458 22.75 38.37 -33.49
N GLN B 459 22.18 37.72 -34.50
CA GLN B 459 20.98 38.22 -35.13
C GLN B 459 19.78 37.75 -34.31
N LEU B 460 19.01 38.70 -33.80
CA LEU B 460 17.91 38.40 -32.90
C LEU B 460 16.58 38.70 -33.57
N ASP B 461 15.55 38.00 -33.10
CA ASP B 461 14.19 38.25 -33.52
C ASP B 461 13.56 39.22 -32.54
N ASP B 462 12.30 39.59 -32.76
CA ASP B 462 11.64 40.49 -31.82
C ASP B 462 11.45 39.81 -30.47
N ARG B 463 11.52 38.47 -30.43
CA ARG B 463 11.41 37.70 -29.20
C ARG B 463 12.67 37.80 -28.33
N HIS B 464 13.77 38.32 -28.89
CA HIS B 464 15.03 38.42 -28.16
C HIS B 464 15.51 37.04 -27.72
N TYR B 465 15.45 36.09 -28.64
CA TYR B 465 15.55 34.67 -28.32
C TYR B 465 16.66 34.01 -29.15
N ILE B 466 17.58 33.33 -28.46
CA ILE B 466 18.69 32.60 -29.08
C ILE B 466 18.42 31.10 -29.06
N SER B 467 18.71 30.43 -30.18
CA SER B 467 18.61 28.99 -30.25
C SER B 467 19.63 28.33 -29.31
N CYS B 468 19.38 27.07 -28.97
CA CYS B 468 20.22 26.34 -28.03
C CYS B 468 21.39 25.64 -28.71
N ILE B 469 22.47 25.49 -27.95
CA ILE B 469 23.72 24.87 -28.41
C ILE B 469 23.65 23.35 -28.31
N PRO B 470 24.12 22.60 -29.31
CA PRO B 470 24.09 21.14 -29.20
C PRO B 470 24.96 20.64 -28.06
N LYS B 471 24.65 19.42 -27.61
CA LYS B 471 25.37 18.81 -26.50
C LYS B 471 26.76 18.36 -26.93
N ILE B 472 27.67 18.33 -25.95
CA ILE B 472 29.04 17.85 -26.15
C ILE B 472 29.30 16.73 -25.17
N SER B 473 30.16 15.79 -25.57
CA SER B 473 30.41 14.59 -24.80
C SER B 473 31.44 14.84 -23.70
N LEU B 474 31.07 14.50 -22.46
CA LEU B 474 31.99 14.60 -21.33
C LEU B 474 32.81 13.33 -21.14
N THR B 475 32.22 12.17 -21.44
CA THR B 475 32.91 10.89 -21.35
C THR B 475 32.49 10.03 -22.54
N LYS B 476 33.14 8.89 -22.69
CA LYS B 476 32.72 7.90 -23.66
C LYS B 476 31.76 6.90 -23.02
N HIS B 477 31.42 5.84 -23.75
CA HIS B 477 30.62 4.77 -23.19
C HIS B 477 31.48 4.00 -22.20
N LEU B 478 31.14 4.05 -20.93
CA LEU B 478 31.94 3.43 -19.88
C LEU B 478 31.14 2.31 -19.24
N ASP B 479 31.81 1.21 -18.95
CA ASP B 479 31.14 0.07 -18.31
C ASP B 479 30.53 0.53 -17.00
N MET B 480 29.25 0.19 -16.80
CA MET B 480 28.56 0.62 -15.58
C MET B 480 29.31 0.14 -14.35
N ASP B 481 29.63 -1.15 -14.29
CA ASP B 481 30.31 -1.68 -13.10
C ASP B 481 31.60 -0.91 -12.83
N TYR B 482 32.26 -0.42 -13.88
CA TYR B 482 33.46 0.37 -13.67
C TYR B 482 33.08 1.71 -13.04
N VAL B 483 32.07 2.36 -13.62
CA VAL B 483 31.62 3.68 -13.21
C VAL B 483 31.02 3.65 -11.82
N GLN B 484 30.58 2.47 -11.38
CA GLN B 484 30.04 2.29 -10.04
C GLN B 484 31.15 2.15 -9.00
N GLN B 485 32.29 1.56 -9.39
CA GLN B 485 33.39 1.42 -8.46
C GLN B 485 34.00 2.77 -8.13
N LYS B 486 34.25 3.58 -9.16
CA LYS B 486 34.82 4.91 -8.96
C LYS B 486 33.94 5.76 -8.05
N LEU B 487 32.62 5.59 -8.15
CA LEU B 487 31.72 6.35 -7.29
C LEU B 487 31.73 5.82 -5.85
N ARG B 488 31.65 4.49 -5.68
CA ARG B 488 31.61 3.98 -4.32
C ARG B 488 32.95 4.11 -3.62
N ASN B 489 34.02 4.37 -4.36
CA ASN B 489 35.32 4.63 -3.74
C ASN B 489 35.39 6.02 -3.13
N LYS B 490 34.45 6.91 -3.47
CA LYS B 490 34.41 8.27 -2.98
C LYS B 490 33.28 8.54 -2.01
N PHE B 491 32.16 7.83 -2.11
CA PHE B 491 31.08 7.98 -1.15
C PHE B 491 31.37 7.28 0.17
N THR B 492 32.40 6.44 0.22
CA THR B 492 32.87 5.89 1.48
C THR B 492 33.85 6.82 2.20
N ARG B 493 34.36 7.84 1.50
CA ARG B 493 35.27 8.80 2.13
C ARG B 493 34.47 9.88 2.86
N VAL B 494 33.67 10.63 2.12
CA VAL B 494 32.85 11.71 2.69
C VAL B 494 33.68 12.59 3.60
N TRP C 4 -32.15 83.06 3.38
CA TRP C 4 -31.17 82.00 3.54
C TRP C 4 -31.83 80.63 3.53
N VAL C 5 -31.50 79.83 2.52
CA VAL C 5 -32.08 78.51 2.33
C VAL C 5 -31.15 77.48 2.95
N PHE C 6 -31.71 76.57 3.73
CA PHE C 6 -30.93 75.47 4.30
C PHE C 6 -30.28 74.68 3.16
N LYS C 7 -28.97 74.42 3.30
CA LYS C 7 -28.21 73.74 2.27
C LYS C 7 -27.72 72.36 2.67
N GLY C 8 -27.66 72.06 3.97
CA GLY C 8 -27.28 70.73 4.41
C GLY C 8 -26.66 70.76 5.78
N LEU C 9 -26.19 69.59 6.20
CA LEU C 9 -25.72 69.36 7.56
C LEU C 9 -24.62 68.32 7.57
N ALA C 10 -23.50 68.65 8.20
CA ALA C 10 -22.42 67.69 8.45
C ALA C 10 -22.31 67.54 9.97
N ILE C 11 -22.78 66.41 10.47
CA ILE C 11 -22.93 66.18 11.90
C ILE C 11 -22.03 65.03 12.33
N ILE C 12 -21.20 65.28 13.35
CA ILE C 12 -20.35 64.28 13.98
C ILE C 12 -21.02 63.89 15.29
N ILE C 13 -21.17 62.59 15.51
CA ILE C 13 -21.97 62.07 16.61
C ILE C 13 -21.15 61.07 17.41
N ARG C 14 -21.26 61.15 18.73
CA ARG C 14 -20.56 60.23 19.62
C ARG C 14 -21.40 58.96 19.84
N HIS C 15 -20.72 57.90 20.26
CA HIS C 15 -21.39 56.66 20.55
C HIS C 15 -22.37 56.82 21.72
N ALA C 16 -23.34 55.92 21.76
CA ALA C 16 -24.42 55.98 22.73
C ALA C 16 -24.01 55.29 24.03
N ASP C 17 -24.97 55.12 24.95
CA ASP C 17 -24.69 54.60 26.27
C ASP C 17 -23.90 53.30 26.20
N ARG C 18 -22.96 53.14 27.13
CA ARG C 18 -22.04 52.01 27.15
C ARG C 18 -21.89 51.49 28.57
N THR C 19 -21.45 50.23 28.68
CA THR C 19 -21.13 49.67 29.98
C THR C 19 -19.82 50.27 30.47
N PRO C 20 -19.58 50.27 31.78
CA PRO C 20 -18.35 50.89 32.28
C PRO C 20 -17.12 50.18 31.73
N LYS C 21 -16.12 50.98 31.34
CA LYS C 21 -14.83 50.44 30.97
C LYS C 21 -13.99 50.20 32.22
N GLN C 22 -13.35 49.04 32.28
CA GLN C 22 -12.53 48.65 33.41
C GLN C 22 -11.18 48.21 32.85
N LYS C 23 -10.12 48.42 33.62
CA LYS C 23 -8.79 48.03 33.14
C LYS C 23 -7.85 47.76 34.30
N PHE C 24 -7.00 46.75 34.11
CA PHE C 24 -5.82 46.49 34.91
C PHE C 24 -4.57 46.83 34.12
N LYS C 25 -3.61 47.51 34.76
CA LYS C 25 -2.36 47.86 34.10
C LYS C 25 -1.21 47.47 35.01
N HIS C 26 -0.23 46.78 34.43
CA HIS C 26 1.03 46.39 35.05
C HIS C 26 2.10 46.27 33.98
N SER C 27 3.34 46.55 34.37
CA SER C 27 4.48 46.51 33.46
C SER C 27 5.35 45.31 33.80
N PHE C 28 5.78 44.59 32.77
CA PHE C 28 6.62 43.41 32.92
C PHE C 28 7.83 43.50 32.02
N THR C 29 8.91 42.85 32.44
CA THR C 29 10.18 42.84 31.72
C THR C 29 10.63 41.45 31.27
N SER C 30 9.93 40.39 31.66
CA SER C 30 10.40 39.05 31.36
C SER C 30 10.43 38.81 29.85
N PRO C 31 11.37 37.98 29.37
CA PRO C 31 11.43 37.72 27.92
C PRO C 31 10.14 37.17 27.36
N ILE C 32 9.48 36.30 28.12
CA ILE C 32 8.25 35.66 27.68
C ILE C 32 7.17 36.71 27.37
N PHE C 33 7.14 37.81 28.13
CA PHE C 33 6.18 38.87 27.87
C PHE C 33 6.53 39.66 26.62
N ILE C 34 7.81 39.94 26.39
CA ILE C 34 8.18 40.68 25.18
C ILE C 34 7.87 39.90 23.92
N SER C 35 7.98 38.56 23.95
CA SER C 35 7.73 37.81 22.73
C SER C 35 6.27 37.86 22.30
N LEU C 36 5.36 38.19 23.21
CA LEU C 36 3.95 38.32 22.83
C LEU C 36 3.74 39.43 21.82
N LEU C 37 4.61 40.45 21.83
CA LEU C 37 4.51 41.50 20.83
C LEU C 37 4.87 41.02 19.44
N LYS C 38 5.50 39.84 19.33
CA LYS C 38 5.87 39.27 18.05
C LYS C 38 6.65 40.26 17.20
N GLY C 39 7.65 40.88 17.83
CA GLY C 39 8.57 41.77 17.16
C GLY C 39 8.11 43.20 16.98
N HIS C 40 6.81 43.47 17.13
CA HIS C 40 6.32 44.84 16.96
C HIS C 40 6.86 45.74 18.06
N LYS C 41 7.16 46.98 17.69
CA LYS C 41 7.71 47.97 18.60
C LYS C 41 6.75 49.12 18.85
N GLU C 42 5.46 48.92 18.59
CA GLU C 42 4.42 49.89 18.87
C GLU C 42 3.28 49.21 19.61
N GLU C 43 2.29 50.00 20.01
CA GLU C 43 1.15 49.48 20.72
C GLU C 43 0.49 48.37 19.91
N VAL C 44 0.16 47.26 20.59
CA VAL C 44 -0.50 46.12 19.95
C VAL C 44 -1.79 45.84 20.69
N VAL C 45 -2.89 45.71 19.95
CA VAL C 45 -4.20 45.41 20.51
C VAL C 45 -4.57 43.99 20.09
N ILE C 46 -5.09 43.22 21.04
CA ILE C 46 -5.50 41.83 20.80
C ILE C 46 -6.98 41.74 21.13
N ARG C 47 -7.78 41.33 20.13
CA ARG C 47 -9.22 41.17 20.33
C ARG C 47 -9.78 39.86 19.81
N ASN C 48 -9.03 39.07 19.04
CA ASN C 48 -9.53 37.79 18.58
C ASN C 48 -9.52 36.80 19.73
N VAL C 49 -10.68 36.21 20.03
CA VAL C 49 -10.83 35.42 21.25
C VAL C 49 -9.78 34.30 21.29
N ASN C 50 -9.49 33.71 20.13
CA ASN C 50 -8.52 32.63 20.11
C ASN C 50 -7.11 33.13 20.42
N ASP C 51 -6.75 34.32 19.94
CA ASP C 51 -5.45 34.88 20.31
C ASP C 51 -5.37 35.20 21.79
N LEU C 52 -6.47 35.65 22.40
CA LEU C 52 -6.47 35.87 23.84
C LEU C 52 -6.35 34.56 24.59
N LYS C 53 -6.92 33.47 24.06
CA LYS C 53 -6.76 32.17 24.70
C LYS C 53 -5.31 31.73 24.64
N ILE C 54 -4.60 32.04 23.55
CA ILE C 54 -3.17 31.74 23.48
C ILE C 54 -2.41 32.55 24.51
N VAL C 55 -2.71 33.86 24.61
CA VAL C 55 -2.07 34.72 25.59
C VAL C 55 -2.34 34.21 27.00
N LEU C 56 -3.57 33.77 27.27
CA LEU C 56 -3.89 33.22 28.58
C LEU C 56 -2.91 32.11 28.92
N GLN C 57 -2.64 31.23 27.96
CA GLN C 57 -1.67 30.16 28.17
C GLN C 57 -0.28 30.74 28.45
N ALA C 58 0.10 31.80 27.73
CA ALA C 58 1.38 32.45 27.99
C ALA C 58 1.49 32.97 29.43
N LEU C 59 0.40 33.53 29.97
CA LEU C 59 0.46 34.01 31.36
C LEU C 59 0.63 32.85 32.32
N ARG C 60 -0.01 31.71 32.02
CA ARG C 60 0.15 30.53 32.86
C ARG C 60 1.58 30.02 32.80
N ILE C 61 2.21 30.11 31.63
CA ILE C 61 3.63 29.79 31.51
C ILE C 61 4.45 30.73 32.39
N ALA C 62 4.22 32.04 32.26
CA ALA C 62 4.97 33.00 33.07
C ALA C 62 4.87 32.65 34.55
N LEU C 63 3.68 32.30 35.02
CA LEU C 63 3.53 31.91 36.42
C LEU C 63 4.43 30.72 36.71
N ASP C 64 4.40 29.70 35.86
CA ASP C 64 5.20 28.51 36.11
C ASP C 64 6.67 28.88 36.17
N GLU C 65 7.09 29.79 35.30
CA GLU C 65 8.46 30.27 35.30
C GLU C 65 8.56 31.30 36.43
N LYS C 66 9.63 32.09 36.45
CA LYS C 66 9.81 33.12 37.48
C LYS C 66 9.10 34.37 36.99
N ALA C 67 7.77 34.36 37.10
CA ALA C 67 6.98 35.51 36.65
C ALA C 67 7.03 36.55 37.74
N GLY C 68 7.86 37.57 37.54
CA GLY C 68 8.01 38.66 38.49
C GLY C 68 6.69 39.07 39.07
N ASN C 69 6.58 39.01 40.38
CA ASN C 69 5.33 39.33 41.05
C ASN C 69 4.26 38.36 40.58
N PRO C 70 4.30 37.10 41.05
CA PRO C 70 3.28 36.11 40.67
C PRO C 70 1.88 36.65 40.87
N ALA C 71 1.67 37.43 41.94
CA ALA C 71 0.37 38.00 42.23
C ALA C 71 -0.15 38.81 41.04
N LYS C 72 0.72 39.56 40.35
CA LYS C 72 0.19 40.33 39.23
C LYS C 72 -0.13 39.45 38.03
N ILE C 73 0.58 38.34 37.86
CA ILE C 73 0.24 37.42 36.79
C ILE C 73 -1.06 36.70 37.12
N LYS C 74 -1.28 36.41 38.39
CA LYS C 74 -2.50 35.74 38.84
C LYS C 74 -3.73 36.58 38.50
N VAL C 75 -3.69 37.87 38.82
CA VAL C 75 -4.84 38.74 38.58
C VAL C 75 -5.12 38.89 37.08
N LEU C 76 -4.07 39.04 36.28
CA LEU C 76 -4.27 39.13 34.84
C LEU C 76 -4.86 37.86 34.28
N ALA C 77 -4.29 36.70 34.65
CA ALA C 77 -4.77 35.44 34.13
C ALA C 77 -6.20 35.18 34.57
N ASN C 78 -6.49 35.39 35.86
CA ASN C 78 -7.84 35.15 36.37
C ASN C 78 -8.85 36.09 35.72
N ALA C 79 -8.49 37.35 35.52
CA ALA C 79 -9.41 38.28 34.88
C ALA C 79 -9.66 37.88 33.44
N LEU C 80 -8.60 37.49 32.72
CA LEU C 80 -8.75 37.05 31.35
C LEU C 80 -9.61 35.81 31.27
N GLU C 81 -9.37 34.84 32.17
CA GLU C 81 -10.12 33.59 32.15
C GLU C 81 -11.62 33.84 32.28
N LYS C 82 -12.01 34.81 33.12
CA LYS C 82 -13.43 35.05 33.34
C LYS C 82 -14.06 35.84 32.21
N LYS C 83 -13.26 36.63 31.49
CA LYS C 83 -13.76 37.60 30.52
C LYS C 83 -13.37 37.23 29.10
N LEU C 84 -12.70 36.10 28.89
CA LEU C 84 -12.16 35.78 27.57
C LEU C 84 -13.26 35.59 26.53
N ASN C 85 -14.44 35.15 26.96
CA ASN C 85 -15.54 34.90 26.04
C ASN C 85 -16.53 36.06 25.96
N PHE C 86 -16.22 37.21 26.57
CA PHE C 86 -17.18 38.30 26.62
C PHE C 86 -16.86 39.34 25.55
N PRO C 87 -17.83 39.74 24.72
CA PRO C 87 -17.57 40.82 23.76
C PRO C 87 -17.13 42.09 24.48
N GLY C 88 -16.15 42.78 23.86
CA GLY C 88 -15.58 43.97 24.43
C GLY C 88 -14.30 43.73 25.20
N THR C 89 -13.98 42.48 25.52
CA THR C 89 -12.74 42.15 26.20
C THR C 89 -11.58 42.21 25.22
N LYS C 90 -10.54 42.95 25.59
CA LYS C 90 -9.37 43.09 24.74
C LYS C 90 -8.14 43.28 25.62
N ILE C 91 -6.97 43.11 25.01
CA ILE C 91 -5.69 43.35 25.66
C ILE C 91 -4.93 44.39 24.86
N GLN C 92 -4.34 45.34 25.57
CA GLN C 92 -3.47 46.34 24.96
C GLN C 92 -2.09 46.16 25.52
N LEU C 93 -1.09 46.08 24.63
CA LEU C 93 0.31 45.93 25.00
C LEU C 93 1.09 47.16 24.57
N LYS C 94 1.50 47.98 25.54
CA LYS C 94 2.25 49.18 25.18
C LYS C 94 3.73 48.94 25.47
N PRO C 95 4.57 48.73 24.47
CA PRO C 95 5.99 48.55 24.75
C PRO C 95 6.57 49.92 25.07
N VAL C 96 7.56 49.93 25.95
CA VAL C 96 8.25 51.17 26.28
C VAL C 96 9.65 51.10 25.69
N LEU C 97 9.97 52.10 24.87
CA LEU C 97 11.21 52.13 24.11
C LEU C 97 12.17 53.10 24.77
N ASN C 98 13.40 52.64 24.95
CA ASN C 98 14.47 53.44 25.55
C ASN C 98 15.72 52.59 25.45
N LYS C 99 16.81 52.99 26.07
CA LYS C 99 18.04 52.20 26.02
C LYS C 99 18.48 52.02 24.57
N GLU C 100 18.62 53.14 23.86
CA GLU C 100 19.06 53.13 22.48
C GLU C 100 18.07 52.39 21.57
N ASN C 101 16.80 52.76 21.68
CA ASN C 101 15.74 52.20 20.85
C ASN C 101 15.58 50.69 21.02
N GLU C 102 15.81 50.18 22.22
CA GLU C 102 15.56 48.78 22.54
C GLU C 102 14.36 48.66 23.47
N VAL C 103 13.48 47.70 23.19
CA VAL C 103 12.36 47.46 24.09
C VAL C 103 12.89 46.76 25.33
N GLU C 104 12.79 47.45 26.48
CA GLU C 104 13.21 46.87 27.75
C GLU C 104 12.06 46.38 28.61
N LYS C 105 10.83 46.81 28.32
CA LYS C 105 9.68 46.46 29.14
C LYS C 105 8.41 46.71 28.33
N VAL C 106 7.39 45.90 28.61
CA VAL C 106 6.09 45.98 27.97
C VAL C 106 5.02 46.03 29.05
N GLN C 107 4.07 46.95 28.89
CA GLN C 107 2.91 47.03 29.76
C GLN C 107 1.81 46.11 29.25
N PHE C 108 1.34 45.23 30.12
CA PHE C 108 0.26 44.30 29.81
C PHE C 108 -1.02 44.88 30.42
N ILE C 109 -1.91 45.36 29.56
CA ILE C 109 -3.17 45.97 29.96
C ILE C 109 -4.31 45.09 29.51
N LEU C 110 -5.08 44.57 30.46
CA LEU C 110 -6.27 43.78 30.19
C LEU C 110 -7.49 44.66 30.43
N LYS C 111 -8.27 44.86 29.38
CA LYS C 111 -9.48 45.69 29.40
C LYS C 111 -10.71 44.83 29.12
N TRP C 112 -11.83 45.20 29.75
CA TRP C 112 -13.09 44.53 29.46
C TRP C 112 -14.21 45.51 29.73
N GLY C 113 -15.41 45.14 29.29
CA GLY C 113 -16.55 46.03 29.41
C GLY C 113 -16.64 46.94 28.20
N GLY C 114 -17.38 48.03 28.37
CA GLY C 114 -17.56 48.96 27.28
C GLY C 114 -18.49 48.53 26.17
N GLU C 115 -19.34 47.54 26.40
CA GLU C 115 -20.28 47.18 25.35
C GLU C 115 -21.49 48.12 25.43
N PRO C 116 -22.14 48.41 24.31
CA PRO C 116 -23.34 49.26 24.38
C PRO C 116 -24.45 48.62 25.21
N THR C 117 -25.09 49.46 26.02
CA THR C 117 -26.18 49.02 26.89
C THR C 117 -27.49 48.94 26.13
N HIS C 118 -28.49 48.35 26.79
CA HIS C 118 -29.84 48.31 26.22
C HIS C 118 -30.42 49.70 26.03
N SER C 119 -29.89 50.71 26.71
CA SER C 119 -30.44 52.05 26.59
C SER C 119 -29.94 52.78 25.35
N ALA C 120 -28.81 52.37 24.78
CA ALA C 120 -28.23 53.12 23.67
C ALA C 120 -29.20 53.18 22.51
N LYS C 121 -29.90 52.08 22.23
CA LYS C 121 -30.78 52.04 21.06
C LYS C 121 -31.92 53.04 21.16
N TYR C 122 -32.41 53.32 22.38
CA TYR C 122 -33.49 54.28 22.51
C TYR C 122 -33.02 55.69 22.18
N GLN C 123 -31.86 56.08 22.73
CA GLN C 123 -31.31 57.40 22.48
C GLN C 123 -31.00 57.61 21.00
N ALA C 124 -30.38 56.62 20.36
CA ALA C 124 -30.03 56.76 18.94
C ALA C 124 -31.26 56.78 18.05
N THR C 125 -32.24 55.90 18.31
CA THR C 125 -33.46 55.93 17.51
C THR C 125 -34.21 57.24 17.70
N GLU C 126 -34.32 57.70 18.94
CA GLU C 126 -34.93 59.00 19.21
C GLU C 126 -34.26 60.09 18.40
N LEU C 127 -32.92 60.08 18.34
CA LEU C 127 -32.20 61.13 17.64
C LEU C 127 -32.40 61.00 16.14
N GLY C 128 -32.46 59.77 15.63
CA GLY C 128 -32.66 59.58 14.20
C GLY C 128 -34.04 60.02 13.76
N GLU C 129 -35.04 59.76 14.59
CA GLU C 129 -36.41 60.16 14.27
C GLU C 129 -36.55 61.68 14.30
N GLN C 130 -36.03 62.31 15.36
CA GLN C 130 -36.10 63.77 15.45
C GLN C 130 -35.49 64.44 14.22
N MET C 131 -34.33 63.97 13.76
CA MET C 131 -33.73 64.60 12.58
C MET C 131 -34.51 64.28 11.31
N ARG C 132 -35.11 63.09 11.22
CA ARG C 132 -35.98 62.80 10.08
C ARG C 132 -37.15 63.76 10.02
N GLN C 133 -37.80 64.02 11.17
CA GLN C 133 -38.85 65.02 11.19
C GLN C 133 -38.33 66.38 10.74
N ASP C 134 -37.21 66.82 11.31
CA ASP C 134 -36.64 68.12 10.98
C ASP C 134 -36.32 68.24 9.50
N PHE C 135 -35.75 67.19 8.91
CA PHE C 135 -35.33 67.28 7.51
C PHE C 135 -36.53 67.31 6.57
N ASP C 136 -37.55 66.49 6.83
CA ASP C 136 -38.76 66.50 6.01
C ASP C 136 -39.55 67.79 6.15
N LEU C 137 -39.13 68.71 7.01
CA LEU C 137 -39.72 70.03 7.14
C LEU C 137 -38.87 71.13 6.52
N LEU C 138 -37.55 70.96 6.46
CA LEU C 138 -36.69 71.94 5.82
C LEU C 138 -36.63 71.69 4.31
N ASN C 139 -36.25 70.48 3.90
CA ASN C 139 -36.23 70.14 2.48
C ASN C 139 -36.27 68.61 2.40
N LYS C 140 -37.36 68.08 1.84
CA LYS C 140 -37.53 66.64 1.79
C LYS C 140 -36.47 65.95 0.94
N SER C 141 -35.86 66.66 -0.01
CA SER C 141 -34.87 66.06 -0.89
C SER C 141 -33.57 65.71 -0.18
N ILE C 142 -33.33 66.26 1.01
CA ILE C 142 -32.10 65.98 1.73
C ILE C 142 -32.00 64.51 2.10
N LEU C 143 -33.13 63.88 2.41
CA LEU C 143 -33.11 62.47 2.80
C LEU C 143 -32.59 61.56 1.69
N GLN C 144 -32.67 61.99 0.44
CA GLN C 144 -32.20 61.16 -0.67
C GLN C 144 -30.70 61.23 -0.88
N ASN C 145 -29.98 62.07 -0.13
CA ASN C 145 -28.53 62.21 -0.27
C ASN C 145 -27.90 62.15 1.12
N ILE C 146 -27.92 60.96 1.72
CA ILE C 146 -27.34 60.71 3.04
C ILE C 146 -26.06 59.92 2.87
N LYS C 147 -24.98 60.38 3.51
CA LYS C 147 -23.72 59.65 3.56
C LYS C 147 -23.32 59.44 5.01
N ILE C 148 -22.98 58.20 5.36
CA ILE C 148 -22.81 57.81 6.76
C ILE C 148 -21.46 57.12 6.90
N PHE C 149 -20.64 57.63 7.82
CA PHE C 149 -19.39 56.99 8.22
C PHE C 149 -19.48 56.57 9.67
N SER C 150 -18.67 55.58 10.04
CA SER C 150 -18.66 55.09 11.41
C SER C 150 -17.27 54.56 11.75
N SER C 151 -16.91 54.69 13.03
CA SER C 151 -15.71 54.07 13.54
C SER C 151 -15.86 52.55 13.56
N SER C 152 -14.74 51.86 13.75
CA SER C 152 -14.76 50.41 13.85
C SER C 152 -15.17 49.93 15.24
N GLU C 153 -15.13 50.81 16.24
CA GLU C 153 -15.46 50.40 17.59
C GLU C 153 -16.89 49.89 17.66
N ARG C 154 -17.09 48.85 18.48
CA ARG C 154 -18.40 48.22 18.59
C ARG C 154 -19.43 49.21 19.10
N ARG C 155 -19.05 50.05 20.07
CA ARG C 155 -19.99 51.02 20.61
C ARG C 155 -20.40 52.06 19.58
N VAL C 156 -19.51 52.38 18.63
CA VAL C 156 -19.84 53.41 17.65
C VAL C 156 -20.75 52.86 16.57
N LEU C 157 -20.39 51.71 15.98
CA LEU C 157 -21.22 51.10 14.95
C LEU C 157 -22.61 50.76 15.46
N HIS C 158 -22.70 50.25 16.68
CA HIS C 158 -24.02 50.00 17.27
C HIS C 158 -24.88 51.26 17.20
N THR C 159 -24.33 52.40 17.63
CA THR C 159 -25.08 53.65 17.55
C THR C 159 -25.42 54.02 16.11
N ALA C 160 -24.46 53.86 15.20
CA ALA C 160 -24.69 54.22 13.81
C ALA C 160 -25.77 53.36 13.17
N GLN C 161 -25.80 52.08 13.51
CA GLN C 161 -26.74 51.17 12.85
C GLN C 161 -28.18 51.46 13.25
N TYR C 162 -28.41 51.66 14.54
CA TYR C 162 -29.76 51.94 15.01
C TYR C 162 -30.22 53.35 14.61
N TRP C 163 -29.29 54.30 14.56
CA TRP C 163 -29.65 55.62 14.06
C TRP C 163 -30.03 55.59 12.59
N THR C 164 -29.29 54.82 11.78
CA THR C 164 -29.62 54.72 10.36
C THR C 164 -30.98 54.06 10.16
N ARG C 165 -31.26 52.99 10.91
CA ARG C 165 -32.57 52.34 10.82
C ARG C 165 -33.69 53.30 11.17
N ALA C 166 -33.51 54.11 12.21
CA ALA C 166 -34.58 55.03 12.61
C ALA C 166 -34.77 56.13 11.57
N LEU C 167 -33.69 56.57 10.92
CA LEU C 167 -33.83 57.65 9.95
C LEU C 167 -34.60 57.16 8.74
N PHE C 168 -34.29 55.95 8.27
CA PHE C 168 -34.89 55.32 7.11
C PHE C 168 -36.02 54.41 7.59
N GLY C 169 -36.50 53.54 6.70
CA GLY C 169 -37.47 52.52 7.06
C GLY C 169 -36.77 51.18 7.28
N ALA C 170 -37.03 50.60 8.45
CA ALA C 170 -36.45 49.30 8.80
C ALA C 170 -37.54 48.24 8.95
N GLY C 174 -29.36 48.29 3.96
CA GLY C 174 -28.36 47.77 3.03
C GLY C 174 -27.01 47.57 3.69
N SER C 175 -26.25 46.58 3.21
CA SER C 175 -24.95 46.30 3.80
C SER C 175 -24.01 47.48 3.63
N ASP C 176 -23.87 47.98 2.41
CA ASP C 176 -23.03 49.16 2.16
C ASP C 176 -23.81 50.45 2.35
N GLU C 177 -24.52 50.54 3.48
CA GLU C 177 -25.25 51.75 3.84
C GLU C 177 -24.45 52.62 4.80
N ILE C 178 -23.51 52.02 5.52
CA ILE C 178 -22.60 52.72 6.42
C ILE C 178 -21.18 52.37 5.98
N SER C 179 -20.34 53.39 5.82
CA SER C 179 -18.99 53.24 5.27
C SER C 179 -17.96 53.40 6.39
N ILE C 180 -17.55 52.27 6.97
CA ILE C 180 -16.53 52.31 7.99
C ILE C 180 -15.25 52.92 7.42
N ARG C 181 -14.67 53.86 8.15
CA ARG C 181 -13.46 54.60 7.75
C ARG C 181 -12.51 54.61 8.94
N LYS C 182 -11.65 53.58 9.03
CA LYS C 182 -10.77 53.46 10.18
C LYS C 182 -9.79 54.63 10.28
N ASP C 183 -9.33 55.14 9.14
CA ASP C 183 -8.37 56.24 9.18
C ASP C 183 -8.95 57.52 9.79
N LEU C 184 -10.26 57.74 9.68
CA LEU C 184 -10.84 59.00 10.18
C LEU C 184 -11.44 58.87 11.57
N LEU C 185 -12.11 57.75 11.86
CA LEU C 185 -13.02 57.67 12.99
C LEU C 185 -12.63 56.61 14.01
N ASP C 186 -11.72 55.71 13.66
CA ASP C 186 -11.19 54.75 14.62
C ASP C 186 -10.03 55.38 15.37
N ASP C 187 -9.68 54.79 16.50
CA ASP C 187 -8.58 55.32 17.30
C ASP C 187 -7.26 55.14 16.56
N SER C 188 -6.38 56.13 16.70
CA SER C 188 -5.06 56.11 16.09
C SER C 188 -4.00 56.31 17.16
N ASN C 189 -2.96 55.48 17.12
CA ASN C 189 -1.84 55.58 18.06
C ASN C 189 -0.91 56.75 17.75
N ALA C 190 -1.25 57.63 16.82
CA ALA C 190 -0.39 58.77 16.52
C ALA C 190 -0.31 59.74 17.69
N ALA C 191 -1.44 60.00 18.34
CA ALA C 191 -1.48 60.93 19.46
C ALA C 191 -1.20 60.26 20.80
N LYS C 192 -1.15 58.92 20.85
CA LYS C 192 -0.91 58.26 22.13
C LYS C 192 0.49 58.55 22.64
N ASP C 193 1.44 58.80 21.73
CA ASP C 193 2.78 59.19 22.14
C ASP C 193 2.76 60.52 22.87
N LEU C 194 1.92 61.46 22.43
CA LEU C 194 1.86 62.78 23.04
C LEU C 194 0.89 62.86 24.20
N MET C 195 -0.15 62.01 24.22
CA MET C 195 -1.04 61.97 25.36
C MET C 195 -0.39 61.36 26.59
N ASP C 196 0.66 60.56 26.43
CA ASP C 196 1.38 60.08 27.61
C ASP C 196 2.21 61.19 28.26
N LYS C 197 2.87 62.03 27.47
CA LYS C 197 3.54 63.20 28.04
C LYS C 197 2.56 64.05 28.85
N VAL C 198 1.31 64.13 28.41
CA VAL C 198 0.31 64.92 29.12
C VAL C 198 -0.16 64.19 30.38
N LYS C 199 -0.42 62.89 30.26
CA LYS C 199 -0.89 62.13 31.42
C LYS C 199 0.08 62.26 32.58
N LYS C 200 1.38 62.21 32.31
CA LYS C 200 2.39 62.35 33.36
C LYS C 200 2.40 63.77 33.92
N LYS C 201 2.06 64.75 33.08
CA LYS C 201 1.98 66.15 33.48
C LYS C 201 0.80 66.44 34.41
N LEU C 202 -0.21 65.60 34.43
CA LEU C 202 -1.38 65.82 35.29
C LEU C 202 -1.17 65.33 36.72
N LYS C 203 -0.29 64.36 36.93
CA LYS C 203 -0.06 63.79 38.26
C LYS C 203 0.31 64.84 39.31
N PRO C 204 1.29 65.74 39.08
CA PRO C 204 1.66 66.74 40.10
C PRO C 204 0.55 67.72 40.51
N LEU C 205 -0.37 68.05 39.61
CA LEU C 205 -1.50 68.94 39.89
C LEU C 205 -2.36 68.42 41.04
N LEU C 206 -2.47 67.10 41.13
CA LEU C 206 -3.30 66.38 42.10
C LEU C 206 -2.59 66.19 43.43
N ARG C 207 -1.26 66.16 43.46
CA ARG C 207 -0.52 65.85 44.66
C ARG C 207 -0.17 67.09 45.49
N GLU C 208 -0.10 66.87 46.80
CA GLU C 208 -0.01 67.86 47.88
C GLU C 208 -0.31 69.31 47.48
N GLY C 209 0.57 70.25 47.85
CA GLY C 209 0.18 71.63 48.03
C GLY C 209 0.13 72.47 46.77
N LYS C 210 0.07 71.81 45.62
CA LYS C 210 0.02 72.50 44.33
C LYS C 210 -1.44 72.81 44.01
N GLU C 211 -1.84 74.05 44.26
CA GLU C 211 -3.21 74.50 44.03
C GLU C 211 -3.64 74.25 42.59
N ALA C 212 -4.95 74.26 42.35
CA ALA C 212 -5.46 74.02 41.01
C ALA C 212 -5.06 75.17 40.08
N PRO C 213 -4.49 74.88 38.90
CA PRO C 213 -4.17 75.96 37.97
C PRO C 213 -5.42 76.73 37.60
N PRO C 214 -5.29 78.03 37.29
CA PRO C 214 -6.47 78.84 36.97
C PRO C 214 -7.04 78.59 35.58
N GLN C 215 -6.18 78.20 34.63
CA GLN C 215 -6.67 77.97 33.27
C GLN C 215 -7.70 76.86 33.24
N PHE C 216 -7.51 75.83 34.07
CA PHE C 216 -8.58 74.87 34.28
C PHE C 216 -9.72 75.54 35.03
N ALA C 217 -10.94 75.14 34.69
CA ALA C 217 -12.05 75.41 35.59
C ALA C 217 -11.73 74.79 36.95
N TRP C 218 -12.16 75.44 38.01
CA TRP C 218 -12.12 74.87 39.34
C TRP C 218 -12.96 75.81 40.20
N PRO C 219 -13.85 75.33 41.07
CA PRO C 219 -14.63 76.28 41.85
C PRO C 219 -13.70 77.10 42.73
N SER C 220 -14.07 78.36 42.95
CA SER C 220 -13.21 79.24 43.73
C SER C 220 -13.23 78.85 45.21
N LYS C 221 -14.39 78.46 45.71
CA LYS C 221 -14.57 78.08 47.10
C LYS C 221 -13.93 76.75 47.44
N MET C 222 -13.47 75.99 46.43
CA MET C 222 -12.93 74.66 46.66
C MET C 222 -11.49 74.72 47.17
N PRO C 223 -11.12 73.82 48.08
CA PRO C 223 -9.70 73.71 48.47
C PRO C 223 -8.88 73.13 47.33
N GLU C 224 -7.61 72.86 47.57
CA GLU C 224 -6.74 72.40 46.50
C GLU C 224 -7.12 70.99 46.08
N PRO C 225 -6.80 70.60 44.84
CA PRO C 225 -7.19 69.27 44.35
C PRO C 225 -6.82 68.13 45.28
N TYR C 226 -5.66 68.19 45.93
CA TYR C 226 -5.23 67.08 46.77
C TYR C 226 -6.14 66.92 47.98
N LEU C 227 -6.72 68.01 48.48
CA LEU C 227 -7.70 67.85 49.57
C LEU C 227 -8.98 67.20 49.07
N VAL C 228 -9.48 67.61 47.90
CA VAL C 228 -10.66 66.98 47.33
C VAL C 228 -10.45 65.47 47.17
N ILE C 229 -9.29 65.09 46.63
CA ILE C 229 -8.98 63.65 46.49
C ILE C 229 -9.05 62.97 47.85
N LYS C 230 -8.46 63.61 48.87
CA LYS C 230 -8.40 63.03 50.20
C LYS C 230 -9.79 62.81 50.79
N ARG C 231 -10.73 63.70 50.48
CA ARG C 231 -12.10 63.57 50.99
C ARG C 231 -12.84 62.44 50.28
N VAL C 232 -12.60 62.27 48.99
CA VAL C 232 -13.19 61.14 48.26
C VAL C 232 -12.76 59.81 48.85
N VAL C 233 -11.46 59.64 49.13
CA VAL C 233 -10.98 58.38 49.72
C VAL C 233 -11.72 58.03 51.00
N GLU C 234 -11.88 59.00 51.91
CA GLU C 234 -12.65 58.72 53.13
C GLU C 234 -14.08 58.28 52.80
N LEU C 235 -14.75 58.96 51.86
CA LEU C 235 -16.10 58.56 51.50
C LEU C 235 -16.14 57.19 50.84
N MET C 236 -15.10 56.83 50.09
CA MET C 236 -15.10 55.52 49.44
C MET C 236 -14.92 54.43 50.48
N ASN C 237 -13.92 54.60 51.36
CA ASN C 237 -13.76 53.66 52.46
C ASN C 237 -15.03 53.59 53.31
N TYR C 238 -15.76 54.70 53.42
CA TYR C 238 -17.00 54.68 54.17
C TYR C 238 -18.03 53.78 53.51
N HIS C 239 -18.24 53.92 52.20
CA HIS C 239 -19.24 53.11 51.53
C HIS C 239 -18.80 51.66 51.38
N LYS C 240 -17.50 51.40 51.25
CA LYS C 240 -17.02 50.02 51.20
C LYS C 240 -17.46 49.25 52.45
N LYS C 241 -17.36 49.87 53.62
CA LYS C 241 -17.75 49.19 54.85
C LYS C 241 -19.25 48.95 54.89
N ILE C 242 -20.03 49.91 54.38
CA ILE C 242 -21.47 49.71 54.30
C ILE C 242 -21.76 48.54 53.37
N MET C 243 -21.11 48.52 52.20
CA MET C 243 -21.36 47.47 51.23
C MET C 243 -21.06 46.09 51.81
N ASP C 244 -19.87 45.94 52.41
CA ASP C 244 -19.51 44.67 53.02
C ASP C 244 -20.52 44.28 54.10
N ASN C 245 -20.88 45.22 54.97
CA ASN C 245 -21.82 44.92 56.04
C ASN C 245 -23.18 44.49 55.49
N ASN C 246 -23.61 45.12 54.39
CA ASN C 246 -24.89 44.76 53.78
C ASN C 246 -24.82 43.42 53.05
N PHE C 247 -23.73 43.14 52.33
CA PHE C 247 -23.59 41.82 51.73
C PHE C 247 -23.55 40.74 52.80
N ALA C 248 -22.86 40.99 53.90
CA ALA C 248 -22.67 39.99 54.94
C ALA C 248 -23.94 39.80 55.77
N LYS C 249 -24.77 40.84 55.85
CA LYS C 249 -25.91 40.89 56.75
C LYS C 249 -27.26 40.81 56.05
N LYS C 250 -27.46 41.57 54.99
CA LYS C 250 -28.75 41.66 54.31
C LYS C 250 -28.82 40.73 53.11
N ASP C 251 -30.04 40.45 52.67
CA ASP C 251 -30.25 39.72 51.42
C ASP C 251 -30.02 40.67 50.26
N VAL C 252 -28.92 40.46 49.53
CA VAL C 252 -28.57 41.36 48.44
C VAL C 252 -29.36 41.04 47.19
N ASN C 253 -29.79 39.79 47.02
CA ASN C 253 -30.51 39.38 45.82
C ASN C 253 -31.92 39.94 45.76
N SER C 254 -32.40 40.57 46.83
CA SER C 254 -33.73 41.16 46.85
C SER C 254 -33.68 42.69 46.88
N MET C 255 -32.49 43.27 46.67
CA MET C 255 -32.30 44.71 46.67
C MET C 255 -32.58 45.36 45.32
N GLN C 256 -32.87 44.58 44.29
CA GLN C 256 -33.29 45.12 43.01
C GLN C 256 -34.01 44.03 42.24
N THR C 257 -35.25 44.31 41.83
CA THR C 257 -36.07 43.31 41.16
C THR C 257 -35.74 43.16 39.68
N ARG C 258 -35.00 44.11 39.10
CA ARG C 258 -34.71 44.12 37.67
C ARG C 258 -33.21 44.20 37.46
N TRP C 259 -32.66 43.26 36.72
CA TRP C 259 -31.25 43.27 36.36
C TRP C 259 -31.14 43.17 34.85
N CYS C 260 -30.98 44.31 34.19
CA CYS C 260 -30.74 44.33 32.76
C CYS C 260 -29.28 43.96 32.48
N THR C 261 -28.99 43.68 31.23
CA THR C 261 -27.64 43.33 30.77
C THR C 261 -27.13 42.03 31.40
N SER C 262 -28.01 41.26 32.05
CA SER C 262 -27.71 39.94 32.60
C SER C 262 -26.77 39.99 33.80
N GLU C 263 -26.52 41.16 34.38
CA GLU C 263 -25.62 41.26 35.51
C GLU C 263 -26.33 40.92 36.81
N ASP C 264 -25.53 40.57 37.83
CA ASP C 264 -26.06 40.23 39.15
C ASP C 264 -25.20 40.88 40.23
N PRO C 265 -25.59 40.78 41.51
CA PRO C 265 -24.86 41.54 42.55
C PRO C 265 -23.38 41.21 42.65
N SER C 266 -22.95 40.02 42.24
CA SER C 266 -21.54 39.67 42.36
C SER C 266 -20.66 40.50 41.42
N LEU C 267 -21.06 40.66 40.17
CA LEU C 267 -20.32 41.52 39.26
C LEU C 267 -20.36 42.98 39.69
N PHE C 268 -21.47 43.42 40.31
CA PHE C 268 -21.52 44.78 40.84
C PHE C 268 -20.41 44.98 41.86
N LYS C 269 -20.35 44.07 42.84
CA LYS C 269 -19.35 44.18 43.90
C LYS C 269 -17.95 44.14 43.31
N GLU C 270 -17.74 43.36 42.25
CA GLU C 270 -16.42 43.25 41.65
C GLU C 270 -15.94 44.58 41.07
N ARG C 271 -16.77 45.27 40.31
CA ARG C 271 -16.34 46.56 39.77
C ARG C 271 -16.08 47.56 40.88
N TRP C 272 -16.93 47.55 41.93
CA TRP C 272 -16.74 48.48 43.04
C TRP C 272 -15.66 48.04 44.01
N ASP C 273 -15.52 46.73 44.25
CA ASP C 273 -14.42 46.27 45.09
C ASP C 273 -13.09 46.76 44.57
N LYS C 274 -12.91 46.74 43.25
CA LYS C 274 -11.68 47.27 42.65
C LYS C 274 -11.54 48.77 42.92
N LEU C 275 -12.58 49.55 42.64
CA LEU C 275 -12.46 51.00 42.84
C LEU C 275 -12.22 51.31 44.31
N PHE C 276 -12.93 50.63 45.21
CA PHE C 276 -12.71 50.82 46.64
C PHE C 276 -11.26 50.52 47.00
N LYS C 277 -10.67 49.51 46.34
CA LYS C 277 -9.27 49.17 46.55
C LYS C 277 -8.34 50.29 46.08
N GLU C 278 -8.70 50.95 44.98
CA GLU C 278 -7.85 51.98 44.39
C GLU C 278 -8.06 53.35 45.02
N PHE C 279 -9.03 53.49 45.92
CA PHE C 279 -9.32 54.75 46.60
C PHE C 279 -9.31 54.54 48.10
N ASN C 280 -8.24 53.89 48.57
CA ASN C 280 -7.98 53.71 49.99
C ASN C 280 -6.71 54.44 50.43
N ASN C 281 -6.08 55.18 49.54
CA ASN C 281 -4.90 55.98 49.88
C ASN C 281 -4.87 57.17 48.94
N ALA C 282 -5.09 58.36 49.50
CA ALA C 282 -5.11 59.58 48.71
C ALA C 282 -3.79 59.79 47.97
N GLU C 283 -2.69 59.32 48.56
CA GLU C 283 -1.36 59.45 47.98
C GLU C 283 -1.10 58.48 46.84
N LYS C 284 -2.09 57.70 46.41
CA LYS C 284 -1.91 56.73 45.34
C LYS C 284 -2.91 56.90 44.21
N VAL C 285 -3.86 57.84 44.32
CA VAL C 285 -4.89 57.98 43.30
C VAL C 285 -4.23 58.30 41.98
N ASP C 286 -4.48 57.49 40.98
CA ASP C 286 -3.99 57.71 39.63
C ASP C 286 -5.02 58.51 38.84
N PRO C 287 -4.64 59.59 38.14
CA PRO C 287 -5.66 60.36 37.42
C PRO C 287 -6.47 59.54 36.43
N SER C 288 -5.93 58.44 35.92
CA SER C 288 -6.70 57.59 35.01
C SER C 288 -7.87 56.93 35.74
N LYS C 289 -7.77 56.77 37.06
CA LYS C 289 -8.81 56.05 37.78
C LYS C 289 -9.96 56.95 38.22
N ILE C 290 -9.84 58.26 38.01
CA ILE C 290 -10.96 59.16 38.27
C ILE C 290 -12.08 58.91 37.27
N SER C 291 -11.71 58.72 35.99
CA SER C 291 -12.71 58.49 34.96
C SER C 291 -13.39 57.14 35.15
N GLU C 292 -12.64 56.14 35.64
CA GLU C 292 -13.24 54.85 35.92
C GLU C 292 -14.27 54.94 37.04
N LEU C 293 -13.91 55.61 38.13
CA LEU C 293 -14.87 55.80 39.23
C LEU C 293 -16.13 56.49 38.73
N TYR C 294 -15.95 57.55 37.94
CA TYR C 294 -17.08 58.34 37.47
C TYR C 294 -17.87 57.56 36.43
N ASP C 295 -17.21 56.69 35.67
CA ASP C 295 -17.94 55.91 34.67
C ASP C 295 -18.87 54.90 35.34
N THR C 296 -18.39 54.23 36.38
CA THR C 296 -19.26 53.28 37.08
C THR C 296 -20.38 53.97 37.85
N MET C 297 -20.11 55.15 38.42
CA MET C 297 -21.17 55.85 39.14
C MET C 297 -22.29 56.32 38.24
N LYS C 298 -21.96 56.86 37.06
CA LYS C 298 -23.00 57.16 36.08
C LYS C 298 -23.78 55.92 35.68
N TYR C 299 -23.08 54.82 35.43
CA TYR C 299 -23.74 53.62 34.95
C TYR C 299 -24.73 53.11 36.00
N ASP C 300 -24.27 53.01 37.24
CA ASP C 300 -25.10 52.43 38.31
C ASP C 300 -26.26 53.36 38.65
N ALA C 301 -26.00 54.66 38.72
CA ALA C 301 -27.07 55.64 38.94
C ALA C 301 -28.11 55.60 37.82
N LEU C 302 -27.76 55.03 36.66
CA LEU C 302 -28.67 54.97 35.52
C LEU C 302 -29.38 53.63 35.41
N HIS C 303 -28.71 52.53 35.74
CA HIS C 303 -29.23 51.20 35.54
C HIS C 303 -29.40 50.38 36.81
N ASN C 304 -28.80 50.80 37.92
CA ASN C 304 -28.89 50.07 39.18
C ASN C 304 -29.17 51.02 40.34
N ARG C 305 -30.06 52.00 40.12
CA ARG C 305 -30.36 52.94 41.19
C ARG C 305 -30.83 52.23 42.44
N GLN C 306 -31.81 51.34 42.29
CA GLN C 306 -32.38 50.69 43.47
C GLN C 306 -31.30 49.94 44.25
N PHE C 307 -30.57 49.07 43.57
CA PHE C 307 -29.53 48.31 44.27
C PHE C 307 -28.48 49.24 44.87
N LEU C 308 -28.11 50.28 44.13
CA LEU C 308 -27.16 51.28 44.63
C LEU C 308 -27.64 51.87 45.95
N GLU C 309 -28.93 52.22 46.02
CA GLU C 309 -29.51 52.75 47.24
C GLU C 309 -29.36 51.75 48.39
N ASN C 310 -29.75 50.50 48.16
CA ASN C 310 -29.90 49.56 49.26
C ASN C 310 -28.54 49.09 49.76
N ILE C 311 -27.60 48.88 48.83
CA ILE C 311 -26.30 48.34 49.21
C ILE C 311 -25.45 49.39 49.91
N PHE C 312 -25.82 50.67 49.78
CA PHE C 312 -25.16 51.76 50.49
C PHE C 312 -26.06 52.40 51.56
N ASP C 313 -27.18 51.76 51.90
CA ASP C 313 -28.09 52.33 52.88
C ASP C 313 -27.55 52.15 54.30
N PRO C 314 -27.28 53.23 55.04
CA PRO C 314 -26.71 53.06 56.38
C PRO C 314 -27.64 52.41 57.39
N GLY C 315 -28.95 52.63 57.27
CA GLY C 315 -29.91 52.08 58.22
C GLY C 315 -30.92 53.09 58.74
N SER C 316 -30.87 53.39 60.05
CA SER C 316 -31.83 54.30 60.66
C SER C 316 -31.18 55.52 61.29
N SER C 317 -30.20 55.33 62.18
CA SER C 317 -29.61 56.42 62.94
C SER C 317 -30.65 57.14 63.81
N GLY C 318 -31.51 56.36 64.46
CA GLY C 318 -32.49 56.90 65.39
C GLY C 318 -33.78 57.41 64.78
N GLN C 319 -33.74 58.66 64.31
CA GLN C 319 -34.92 59.37 63.86
C GLN C 319 -35.33 58.96 62.45
N PHE C 320 -36.57 59.29 62.09
CA PHE C 320 -37.13 58.86 60.80
C PHE C 320 -36.69 59.77 59.67
N ASP C 321 -36.97 61.07 59.80
CA ASP C 321 -36.61 62.03 58.76
C ASP C 321 -35.12 62.29 58.70
N GLU C 322 -34.29 61.56 59.43
CA GLU C 322 -32.85 61.76 59.35
C GLU C 322 -32.34 61.43 57.95
N PRO C 323 -31.79 62.38 57.21
CA PRO C 323 -31.22 62.05 55.90
C PRO C 323 -30.08 61.06 56.05
N ARG C 324 -30.01 60.10 55.14
CA ARG C 324 -29.01 59.05 55.23
C ARG C 324 -28.10 58.99 54.02
N PHE C 325 -28.59 59.35 52.84
CA PHE C 325 -27.76 59.35 51.62
C PHE C 325 -27.16 60.72 51.35
N MET C 326 -26.52 61.28 52.38
CA MET C 326 -25.79 62.54 52.29
C MET C 326 -24.33 62.30 51.94
N GLN C 327 -23.71 61.31 52.58
CA GLN C 327 -22.34 60.94 52.27
C GLN C 327 -22.21 60.39 50.85
N LEU C 328 -23.28 59.79 50.31
CA LEU C 328 -23.22 59.29 48.95
C LEU C 328 -23.37 60.41 47.93
N ARG C 329 -24.35 61.30 48.12
CA ARG C 329 -24.47 62.46 47.24
C ARG C 329 -23.18 63.26 47.23
N GLU C 330 -22.57 63.46 48.40
CA GLU C 330 -21.29 64.17 48.46
C GLU C 330 -20.24 63.47 47.60
N LEU C 331 -20.21 62.14 47.64
CA LEU C 331 -19.22 61.40 46.87
C LEU C 331 -19.45 61.57 45.36
N TYR C 332 -20.71 61.54 44.93
CA TYR C 332 -21.01 61.76 43.52
C TYR C 332 -20.59 63.16 43.07
N LYS C 333 -20.89 64.18 43.89
CA LYS C 333 -20.57 65.56 43.49
C LYS C 333 -19.06 65.73 43.36
N LEU C 334 -18.29 65.16 44.30
CA LEU C 334 -16.84 65.29 44.27
C LEU C 334 -16.25 64.51 43.11
N ALA C 335 -16.88 63.40 42.73
CA ALA C 335 -16.40 62.63 41.59
C ALA C 335 -16.58 63.42 40.30
N LYS C 336 -17.66 64.18 40.20
CA LYS C 336 -17.87 65.03 39.03
C LYS C 336 -16.80 66.11 38.92
N VAL C 337 -16.35 66.65 40.05
CA VAL C 337 -15.26 67.62 40.01
C VAL C 337 -13.98 67.00 39.45
N LEU C 338 -13.58 65.85 39.99
CA LEU C 338 -12.35 65.23 39.49
C LEU C 338 -12.44 64.84 38.01
N PHE C 339 -13.61 64.40 37.56
CA PHE C 339 -13.75 64.05 36.15
C PHE C 339 -13.81 65.27 35.25
N ASP C 340 -14.23 66.40 35.81
CA ASP C 340 -14.41 67.65 35.11
C ASP C 340 -13.15 68.48 35.02
N PHE C 341 -12.12 68.17 35.79
CA PHE C 341 -10.98 69.08 35.79
C PHE C 341 -9.67 68.33 35.56
N ILE C 342 -9.74 67.02 35.26
CA ILE C 342 -8.60 66.24 34.79
C ILE C 342 -8.83 65.72 33.38
N CYS C 343 -9.94 65.01 33.16
CA CYS C 343 -10.10 64.29 31.90
C CYS C 343 -10.16 65.18 30.67
N PRO C 344 -10.88 66.32 30.65
CA PRO C 344 -10.85 67.15 29.43
C PRO C 344 -9.46 67.66 29.11
N LYS C 345 -8.55 67.66 30.08
CA LYS C 345 -7.20 68.14 29.89
C LYS C 345 -6.22 67.00 29.60
N GLU C 346 -6.71 65.77 29.47
CA GLU C 346 -5.94 64.69 28.88
C GLU C 346 -5.70 64.85 27.38
N TYR C 347 -6.49 65.67 26.69
CA TYR C 347 -6.28 65.99 25.29
C TYR C 347 -5.51 67.28 25.07
N GLY C 348 -4.82 67.76 26.11
CA GLY C 348 -4.00 68.96 26.00
C GLY C 348 -4.30 69.99 27.06
N ILE C 349 -3.25 70.45 27.73
CA ILE C 349 -3.39 71.49 28.76
C ILE C 349 -3.13 72.86 28.13
N SER C 350 -1.92 73.05 27.62
CA SER C 350 -1.57 74.30 26.95
C SER C 350 -2.23 74.38 25.58
N ASP C 351 -2.21 75.59 25.01
CA ASP C 351 -2.79 75.77 23.68
C ASP C 351 -2.02 74.97 22.64
N ALA C 352 -0.69 74.89 22.78
CA ALA C 352 0.11 74.10 21.84
C ALA C 352 -0.21 72.62 21.96
N GLU C 353 -0.47 72.14 23.18
CA GLU C 353 -0.82 70.74 23.39
C GLU C 353 -2.19 70.42 22.81
N LYS C 354 -3.18 71.28 23.09
CA LYS C 354 -4.51 71.08 22.51
C LYS C 354 -4.44 71.03 20.99
N LEU C 355 -3.49 71.76 20.40
CA LEU C 355 -3.37 71.81 18.95
C LEU C 355 -2.77 70.52 18.39
N ASP C 356 -1.62 70.10 18.91
CA ASP C 356 -0.94 68.92 18.37
C ASP C 356 -1.75 67.65 18.58
N ILE C 357 -2.29 67.45 19.78
CA ILE C 357 -3.14 66.29 20.02
C ILE C 357 -4.38 66.33 19.12
N GLY C 358 -4.99 67.51 18.97
CA GLY C 358 -6.16 67.60 18.11
C GLY C 358 -5.91 67.19 16.67
N LEU C 359 -4.76 67.58 16.11
CA LEU C 359 -4.48 67.20 14.72
C LEU C 359 -4.09 65.72 14.62
N LEU C 360 -3.16 65.25 15.46
CA LEU C 360 -2.76 63.86 15.36
C LEU C 360 -3.95 62.91 15.47
N THR C 361 -5.00 63.30 16.19
CA THR C 361 -6.14 62.41 16.36
C THR C 361 -7.15 62.56 15.23
N SER C 362 -7.47 63.80 14.84
CA SER C 362 -8.62 64.06 14.00
C SER C 362 -8.28 64.85 12.74
N LEU C 363 -7.00 64.92 12.35
CA LEU C 363 -6.67 65.64 11.12
C LEU C 363 -7.35 65.00 9.92
N PRO C 364 -7.31 63.67 9.75
CA PRO C 364 -8.02 63.06 8.60
C PRO C 364 -9.49 63.40 8.59
N LEU C 365 -10.15 63.26 9.75
CA LEU C 365 -11.55 63.60 9.88
C LEU C 365 -11.81 65.06 9.54
N ALA C 366 -10.94 65.97 9.98
CA ALA C 366 -11.17 67.39 9.70
C ALA C 366 -11.15 67.69 8.21
N LYS C 367 -10.18 67.14 7.46
CA LYS C 367 -10.20 67.34 6.02
C LYS C 367 -11.44 66.73 5.38
N GLN C 368 -11.86 65.55 5.85
CA GLN C 368 -13.05 64.93 5.28
C GLN C 368 -14.26 65.83 5.47
N ILE C 369 -14.39 66.42 6.66
CA ILE C 369 -15.56 67.28 6.92
C ILE C 369 -15.50 68.46 5.97
N LEU C 370 -14.35 69.12 5.88
CA LEU C 370 -14.22 70.28 5.02
C LEU C 370 -14.46 69.92 3.57
N ASN C 371 -13.97 68.75 3.14
CA ASN C 371 -14.19 68.30 1.77
C ASN C 371 -15.67 67.98 1.53
N ASP C 372 -16.33 67.32 2.48
CA ASP C 372 -17.76 67.08 2.34
C ASP C 372 -18.53 68.39 2.32
N ILE C 373 -18.12 69.35 3.14
CA ILE C 373 -18.72 70.69 3.08
C ILE C 373 -18.44 71.33 1.74
N GLY C 374 -17.23 71.13 1.22
CA GLY C 374 -16.91 71.69 -0.10
C GLY C 374 -17.75 71.08 -1.20
N ASP C 375 -18.03 69.78 -1.12
CA ASP C 375 -18.91 69.18 -2.12
C ASP C 375 -20.32 69.72 -1.96
N MET C 376 -20.78 69.83 -0.73
CA MET C 376 -22.15 70.29 -0.46
C MET C 376 -22.35 71.70 -1.00
N LYS C 377 -21.30 72.52 -0.96
CA LYS C 377 -21.36 73.86 -1.52
C LYS C 377 -21.63 73.80 -3.02
N ASN C 378 -21.02 72.85 -3.71
CA ASN C 378 -21.10 72.73 -5.16
C ASN C 378 -22.32 71.97 -5.63
N ARG C 379 -22.98 71.23 -4.74
CA ARG C 379 -24.16 70.47 -5.09
C ARG C 379 -25.35 71.39 -5.36
N GLU C 380 -26.39 70.80 -5.95
CA GLU C 380 -27.65 71.49 -6.20
C GLU C 380 -28.78 70.99 -5.31
N THR C 381 -28.60 69.85 -4.66
CA THR C 381 -29.55 69.30 -3.72
C THR C 381 -28.97 69.32 -2.31
N PRO C 382 -29.70 69.75 -1.29
CA PRO C 382 -29.18 69.67 0.07
C PRO C 382 -28.87 68.23 0.43
N ALA C 383 -27.88 68.06 1.30
CA ALA C 383 -27.40 66.74 1.67
C ALA C 383 -26.98 66.76 3.13
N CYS C 384 -26.73 65.56 3.67
CA CYS C 384 -26.22 65.43 5.02
C CYS C 384 -25.18 64.32 5.06
N VAL C 385 -24.12 64.54 5.85
CA VAL C 385 -23.09 63.54 6.08
C VAL C 385 -22.94 63.39 7.59
N ALA C 386 -23.17 62.18 8.09
CA ALA C 386 -23.08 61.89 9.52
C ALA C 386 -21.87 61.02 9.81
N TYR C 387 -21.03 61.48 10.76
CA TYR C 387 -19.86 60.76 11.22
C TYR C 387 -20.09 60.31 12.66
N PHE C 388 -20.17 59.01 12.88
CA PHE C 388 -20.27 58.41 14.21
C PHE C 388 -18.88 58.01 14.68
N THR C 389 -18.44 58.56 15.81
CA THR C 389 -17.06 58.42 16.26
C THR C 389 -17.01 58.08 17.74
N LYS C 390 -15.90 57.47 18.14
CA LYS C 390 -15.63 57.22 19.55
C LYS C 390 -15.29 58.52 20.28
N GLU C 391 -15.19 58.41 21.62
CA GLU C 391 -15.07 59.60 22.45
C GLU C 391 -13.87 60.46 22.12
N SER C 392 -12.76 59.86 21.67
CA SER C 392 -11.54 60.67 21.57
C SER C 392 -11.68 61.75 20.51
N HIS C 393 -12.33 61.44 19.40
CA HIS C 393 -12.39 62.40 18.30
C HIS C 393 -13.27 63.60 18.63
N ILE C 394 -14.25 63.43 19.51
CA ILE C 394 -15.13 64.54 19.86
C ILE C 394 -14.37 65.60 20.64
N TYR C 395 -13.64 65.20 21.68
CA TYR C 395 -12.84 66.15 22.43
C TYR C 395 -11.84 66.85 21.51
N THR C 396 -11.09 66.07 20.74
CA THR C 396 -10.01 66.63 19.92
C THR C 396 -10.56 67.55 18.84
N LEU C 397 -11.69 67.18 18.22
CA LEU C 397 -12.24 68.02 17.16
C LEU C 397 -12.71 69.35 17.73
N LEU C 398 -13.31 69.32 18.92
CA LEU C 398 -13.72 70.56 19.58
C LEU C 398 -12.52 71.44 19.86
N ASN C 399 -11.39 70.85 20.27
CA ASN C 399 -10.19 71.64 20.53
C ASN C 399 -9.69 72.30 19.26
N ILE C 400 -9.78 71.60 18.13
CA ILE C 400 -9.43 72.18 16.84
C ILE C 400 -10.32 73.37 16.54
N ILE C 401 -11.60 73.29 16.88
CA ILE C 401 -12.53 74.37 16.58
C ILE C 401 -12.06 75.66 17.25
N TYR C 402 -11.74 75.59 18.54
CA TYR C 402 -11.35 76.81 19.25
C TYR C 402 -9.99 77.29 18.78
N GLU C 403 -9.01 76.38 18.73
CA GLU C 403 -7.65 76.77 18.35
C GLU C 403 -7.55 77.17 16.88
N SER C 404 -8.64 77.09 16.12
CA SER C 404 -8.65 77.51 14.72
C SER C 404 -8.67 79.02 14.57
N GLY C 405 -8.96 79.75 15.63
CA GLY C 405 -9.06 81.19 15.57
C GLY C 405 -10.40 81.71 15.10
N ILE C 406 -11.37 80.84 14.90
CA ILE C 406 -12.71 81.30 14.50
C ILE C 406 -13.39 81.93 15.71
N PRO C 407 -14.00 83.11 15.60
CA PRO C 407 -14.61 83.73 16.77
C PRO C 407 -15.74 82.88 17.34
N MET C 408 -15.65 82.56 18.61
CA MET C 408 -16.61 81.73 19.32
C MET C 408 -17.43 82.57 20.28
N ARG C 409 -18.62 82.04 20.62
CA ARG C 409 -19.49 82.70 21.58
C ARG C 409 -19.26 82.25 23.01
N ILE C 410 -18.68 81.07 23.22
CA ILE C 410 -18.59 80.46 24.54
C ILE C 410 -17.23 79.81 24.72
N ALA C 411 -16.69 79.92 25.93
CA ALA C 411 -15.42 79.31 26.26
C ALA C 411 -15.59 77.82 26.53
N ARG C 412 -14.50 77.07 26.36
CA ARG C 412 -14.58 75.61 26.44
C ARG C 412 -15.05 75.15 27.82
N ASN C 413 -14.47 75.71 28.88
CA ASN C 413 -14.84 75.28 30.23
C ASN C 413 -16.33 75.44 30.48
N ALA C 414 -16.98 76.41 29.82
CA ALA C 414 -18.41 76.62 30.04
C ALA C 414 -19.28 75.60 29.33
N LEU C 415 -18.73 74.84 28.39
CA LEU C 415 -19.53 73.83 27.70
C LEU C 415 -19.82 72.67 28.65
N PRO C 416 -21.01 72.09 28.58
CA PRO C 416 -21.28 70.90 29.41
C PRO C 416 -20.44 69.72 28.94
N GLU C 417 -20.37 68.70 29.78
CA GLU C 417 -19.58 67.52 29.46
C GLU C 417 -20.05 66.90 28.15
N LEU C 418 -19.09 66.54 27.30
CA LEU C 418 -19.39 65.83 26.06
C LEU C 418 -19.66 64.38 26.42
N ASP C 419 -20.90 64.13 26.82
CA ASP C 419 -21.32 62.82 27.30
C ASP C 419 -21.75 61.96 26.11
N TYR C 420 -22.42 60.85 26.40
CA TYR C 420 -22.79 59.90 25.36
C TYR C 420 -23.77 60.53 24.37
N LEU C 421 -23.56 60.23 23.10
CA LEU C 421 -24.31 60.81 21.98
C LEU C 421 -24.08 62.31 21.86
N SER C 422 -22.92 62.79 22.31
CA SER C 422 -22.55 64.16 22.01
C SER C 422 -22.35 64.28 20.51
N GLN C 423 -22.74 65.42 19.95
CA GLN C 423 -22.70 65.63 18.51
C GLN C 423 -22.08 66.98 18.22
N ILE C 424 -21.42 67.07 17.08
CA ILE C 424 -20.96 68.32 16.50
C ILE C 424 -21.60 68.48 15.13
N THR C 425 -22.17 69.66 14.89
CA THR C 425 -23.01 69.92 13.72
C THR C 425 -22.41 71.08 12.95
N PHE C 426 -22.38 70.93 11.63
CA PHE C 426 -21.94 71.98 10.71
C PHE C 426 -23.09 72.25 9.75
N GLU C 427 -23.86 73.31 10.03
CA GLU C 427 -25.01 73.66 9.22
C GLU C 427 -24.59 74.63 8.13
N LEU C 428 -24.94 74.31 6.89
CA LEU C 428 -24.58 75.11 5.73
C LEU C 428 -25.84 75.73 5.13
N TYR C 429 -25.77 77.02 4.82
CA TYR C 429 -26.92 77.77 4.31
C TYR C 429 -26.53 78.48 3.03
N GLU C 430 -27.48 78.58 2.10
CA GLU C 430 -27.24 79.19 0.79
C GLU C 430 -28.38 80.15 0.47
N SER C 431 -28.06 81.43 0.38
CA SER C 431 -28.97 82.45 -0.12
C SER C 431 -28.49 82.87 -1.51
N THR C 432 -29.41 82.95 -2.46
CA THR C 432 -29.06 83.16 -3.86
C THR C 432 -29.21 84.64 -4.20
N ASP C 433 -28.13 85.24 -4.69
CA ASP C 433 -28.18 86.63 -5.13
C ASP C 433 -28.93 86.73 -6.46
N ALA C 434 -29.56 87.87 -6.67
CA ALA C 434 -30.30 88.10 -7.91
C ALA C 434 -29.37 87.96 -9.11
N SER C 435 -29.78 87.14 -10.07
CA SER C 435 -29.01 86.89 -11.29
C SER C 435 -27.64 86.29 -10.97
N GLY C 436 -27.68 85.14 -10.28
CA GLY C 436 -26.48 84.38 -10.00
C GLY C 436 -25.66 84.96 -8.86
N GLN C 437 -24.44 84.43 -8.73
CA GLN C 437 -23.49 84.85 -7.70
C GLN C 437 -24.07 84.60 -6.30
N LYS C 438 -24.29 83.32 -6.00
CA LYS C 438 -24.83 82.92 -4.72
C LYS C 438 -23.74 82.91 -3.65
N SER C 439 -24.16 83.05 -2.39
CA SER C 439 -23.25 83.08 -1.25
C SER C 439 -23.62 81.97 -0.27
N HIS C 440 -22.77 81.78 0.74
CA HIS C 440 -22.90 80.65 1.65
C HIS C 440 -22.66 81.10 3.09
N SER C 441 -23.34 80.41 4.02
CA SER C 441 -23.25 80.69 5.45
C SER C 441 -23.16 79.38 6.21
N ILE C 442 -22.28 79.35 7.22
CA ILE C 442 -22.10 78.17 8.08
C ILE C 442 -22.48 78.52 9.51
N ARG C 443 -23.27 77.65 10.14
CA ARG C 443 -23.65 77.77 11.54
C ARG C 443 -23.23 76.53 12.33
N LEU C 444 -22.49 76.75 13.41
CA LEU C 444 -21.99 75.66 14.26
C LEU C 444 -22.86 75.51 15.51
N LYS C 445 -23.28 74.28 15.80
CA LYS C 445 -24.07 73.98 16.98
C LYS C 445 -23.46 72.73 17.63
N MET C 446 -23.65 72.58 18.94
CA MET C 446 -23.16 71.39 19.62
C MET C 446 -24.21 70.91 20.62
N SER C 447 -24.09 69.64 21.01
CA SER C 447 -24.91 69.06 22.06
C SER C 447 -24.03 68.22 22.99
N PRO C 448 -24.22 68.32 24.30
CA PRO C 448 -23.47 67.44 25.21
C PRO C 448 -23.97 66.00 25.21
N GLY C 449 -25.01 65.68 24.43
CA GLY C 449 -25.51 64.34 24.35
C GLY C 449 -26.53 64.04 25.44
N CYS C 450 -26.59 62.77 25.83
CA CYS C 450 -27.50 62.33 26.89
C CYS C 450 -26.75 62.46 28.21
N HIS C 451 -26.83 63.64 28.80
CA HIS C 451 -26.09 63.99 30.00
C HIS C 451 -27.03 64.61 31.01
N THR C 452 -26.84 64.27 32.28
CA THR C 452 -27.62 64.85 33.37
C THR C 452 -26.67 65.40 34.43
N GLN C 453 -27.02 66.57 34.96
CA GLN C 453 -26.25 67.20 36.02
C GLN C 453 -26.66 66.74 37.41
N ASP C 454 -27.69 65.92 37.53
CA ASP C 454 -28.19 65.45 38.82
C ASP C 454 -28.59 63.98 38.69
N PRO C 455 -27.61 63.08 38.54
CA PRO C 455 -27.94 61.67 38.29
C PRO C 455 -28.75 61.03 39.41
N LEU C 456 -28.62 61.51 40.63
CA LEU C 456 -29.35 60.93 41.76
C LEU C 456 -30.77 61.48 41.89
N ASP C 457 -31.18 62.40 41.03
CA ASP C 457 -32.50 63.01 41.08
C ASP C 457 -33.30 62.82 39.82
N VAL C 458 -32.68 62.37 38.72
CA VAL C 458 -33.39 62.22 37.46
C VAL C 458 -34.52 61.21 37.62
N GLN C 459 -35.66 61.51 37.01
CA GLN C 459 -36.81 60.62 37.00
C GLN C 459 -36.67 59.63 35.84
N LEU C 460 -36.55 58.35 36.16
CA LEU C 460 -36.33 57.33 35.14
C LEU C 460 -37.51 56.37 35.06
N ASP C 461 -37.70 55.83 33.85
CA ASP C 461 -38.64 54.75 33.59
C ASP C 461 -37.88 53.44 33.55
N ASP C 462 -38.59 52.36 33.20
CA ASP C 462 -37.96 51.05 33.10
C ASP C 462 -36.92 51.01 31.99
N ARG C 463 -36.97 51.95 31.03
CA ARG C 463 -36.04 51.97 29.92
C ARG C 463 -34.63 52.41 30.30
N HIS C 464 -34.43 53.01 31.49
CA HIS C 464 -33.11 53.48 31.90
C HIS C 464 -32.56 54.49 30.90
N TYR C 465 -33.39 55.44 30.51
CA TYR C 465 -33.13 56.31 29.37
C TYR C 465 -33.17 57.77 29.78
N ILE C 466 -32.11 58.50 29.47
CA ILE C 466 -32.03 59.95 29.69
C ILE C 466 -32.23 60.65 28.37
N SER C 467 -33.06 61.70 28.37
CA SER C 467 -33.23 62.49 27.17
C SER C 467 -31.93 63.20 26.83
N CYS C 468 -31.81 63.61 25.56
CA CYS C 468 -30.62 64.29 25.10
C CYS C 468 -30.77 65.79 25.34
N ILE C 469 -29.64 66.46 25.52
CA ILE C 469 -29.66 67.88 25.85
C ILE C 469 -29.86 68.70 24.57
N PRO C 470 -30.69 69.74 24.60
CA PRO C 470 -30.91 70.54 23.38
C PRO C 470 -29.61 71.16 22.90
N LYS C 471 -29.52 71.34 21.58
CA LYS C 471 -28.33 71.91 20.96
C LYS C 471 -28.21 73.39 21.27
N ILE C 472 -26.97 73.87 21.33
CA ILE C 472 -26.69 75.27 21.56
C ILE C 472 -25.80 75.81 20.45
N SER C 473 -25.95 77.10 20.15
CA SER C 473 -25.24 77.72 19.05
C SER C 473 -23.85 78.14 19.50
N LEU C 474 -22.83 77.71 18.75
CA LEU C 474 -21.45 78.11 19.02
C LEU C 474 -21.08 79.41 18.34
N THR C 475 -21.65 79.68 17.17
CA THR C 475 -21.39 80.90 16.42
C THR C 475 -22.69 81.40 15.84
N LYS C 476 -22.63 82.57 15.22
CA LYS C 476 -23.75 83.09 14.45
C LYS C 476 -23.58 82.61 13.01
N HIS C 477 -24.42 83.07 12.10
CA HIS C 477 -24.23 82.74 10.69
C HIS C 477 -23.00 83.49 10.19
N LEU C 478 -21.95 82.75 9.84
CA LEU C 478 -20.68 83.35 9.45
C LEU C 478 -20.40 83.02 7.99
N ASP C 479 -19.92 84.02 7.25
CA ASP C 479 -19.59 83.80 5.86
C ASP C 479 -18.55 82.69 5.71
N MET C 480 -18.85 81.73 4.84
CA MET C 480 -17.93 80.62 4.63
C MET C 480 -16.56 81.11 4.18
N ASP C 481 -16.52 81.96 3.15
CA ASP C 481 -15.26 82.42 2.61
C ASP C 481 -14.39 83.06 3.69
N TYR C 482 -15.00 83.68 4.70
CA TYR C 482 -14.20 84.25 5.78
C TYR C 482 -13.56 83.12 6.59
N VAL C 483 -14.37 82.14 6.98
CA VAL C 483 -13.91 81.06 7.83
C VAL C 483 -12.91 80.18 7.12
N GLN C 484 -12.91 80.18 5.78
CA GLN C 484 -11.93 79.39 5.05
C GLN C 484 -10.59 80.08 4.93
N GLN C 485 -10.54 81.42 4.82
CA GLN C 485 -9.24 82.06 4.72
C GLN C 485 -8.48 81.97 6.04
N LYS C 486 -9.15 82.33 7.14
CA LYS C 486 -8.49 82.27 8.45
C LYS C 486 -8.03 80.86 8.79
N LEU C 487 -8.81 79.86 8.40
CA LEU C 487 -8.44 78.47 8.66
C LEU C 487 -7.33 77.97 7.74
N ARG C 488 -7.44 78.21 6.43
CA ARG C 488 -6.43 77.68 5.53
C ARG C 488 -5.10 78.42 5.64
N ASN C 489 -5.06 79.59 6.28
CA ASN C 489 -3.79 80.27 6.50
C ASN C 489 -3.00 79.59 7.62
N LYS C 490 -3.68 79.23 8.70
CA LYS C 490 -3.06 78.58 9.85
C LYS C 490 -3.08 77.06 9.68
N LEU D 9 23.18 -73.67 0.31
CA LEU D 9 22.90 -73.94 -1.10
C LEU D 9 21.64 -73.10 -1.41
N ALA D 10 20.61 -73.67 -2.04
CA ALA D 10 19.33 -72.96 -2.20
C ALA D 10 18.25 -73.74 -1.46
N ILE D 11 17.86 -73.24 -0.29
CA ILE D 11 16.95 -73.96 0.62
C ILE D 11 15.68 -73.13 0.80
N ILE D 12 14.53 -73.74 0.54
CA ILE D 12 13.23 -73.11 0.79
C ILE D 12 12.68 -73.71 2.08
N ILE D 13 12.25 -72.85 3.01
CA ILE D 13 11.91 -73.28 4.36
C ILE D 13 10.53 -72.75 4.73
N ARG D 14 9.72 -73.61 5.34
CA ARG D 14 8.39 -73.23 5.82
C ARG D 14 8.48 -72.66 7.23
N HIS D 15 7.45 -71.91 7.62
CA HIS D 15 7.37 -71.34 8.95
C HIS D 15 7.26 -72.45 10.00
N ALA D 16 7.64 -72.09 11.23
CA ALA D 16 7.70 -73.04 12.32
C ALA D 16 6.35 -73.17 13.02
N ASP D 17 6.31 -73.91 14.12
CA ASP D 17 5.06 -74.23 14.79
C ASP D 17 4.25 -72.96 15.08
N ARG D 18 2.94 -73.08 14.90
CA ARG D 18 2.02 -71.96 15.02
C ARG D 18 0.77 -72.38 15.78
N THR D 19 0.04 -71.38 16.29
CA THR D 19 -1.23 -71.64 16.93
C THR D 19 -2.28 -71.96 15.87
N PRO D 20 -3.35 -72.67 16.25
CA PRO D 20 -4.35 -73.05 15.25
C PRO D 20 -5.00 -71.84 14.61
N LYS D 21 -5.21 -71.94 13.30
CA LYS D 21 -5.97 -70.93 12.56
C LYS D 21 -7.46 -71.16 12.72
N GLN D 22 -8.19 -70.08 12.99
CA GLN D 22 -9.64 -70.14 13.16
C GLN D 22 -10.23 -69.05 12.30
N LYS D 23 -11.45 -69.30 11.80
CA LYS D 23 -12.09 -68.31 10.95
C LYS D 23 -13.60 -68.45 11.01
N PHE D 24 -14.27 -67.30 10.96
CA PHE D 24 -15.69 -67.20 10.67
C PHE D 24 -15.84 -66.63 9.28
N LYS D 25 -16.74 -67.21 8.48
CA LYS D 25 -16.98 -66.74 7.13
C LYS D 25 -18.47 -66.57 6.93
N HIS D 26 -18.85 -65.41 6.41
CA HIS D 26 -20.22 -65.12 6.05
C HIS D 26 -20.23 -64.09 4.93
N SER D 27 -21.26 -64.18 4.07
CA SER D 27 -21.37 -63.29 2.93
C SER D 27 -22.54 -62.34 3.18
N PHE D 28 -22.33 -61.05 2.89
CA PHE D 28 -23.35 -60.03 3.09
C PHE D 28 -23.50 -59.19 1.84
N THR D 29 -24.72 -58.66 1.65
CA THR D 29 -25.06 -57.82 0.52
C THR D 29 -25.49 -56.42 0.90
N SER D 30 -25.61 -56.12 2.19
CA SER D 30 -26.14 -54.82 2.61
C SER D 30 -25.19 -53.70 2.21
N PRO D 31 -25.72 -52.51 1.92
CA PRO D 31 -24.84 -51.40 1.50
C PRO D 31 -23.76 -51.09 2.52
N ILE D 32 -24.09 -51.14 3.81
CA ILE D 32 -23.12 -50.83 4.85
C ILE D 32 -21.92 -51.74 4.77
N PHE D 33 -22.15 -53.01 4.42
CA PHE D 33 -21.03 -53.95 4.27
C PHE D 33 -20.23 -53.70 2.99
N ILE D 34 -20.90 -53.38 1.88
CA ILE D 34 -20.16 -53.09 0.65
C ILE D 34 -19.28 -51.86 0.79
N SER D 35 -19.72 -50.85 1.53
CA SER D 35 -18.91 -49.65 1.64
C SER D 35 -17.60 -49.88 2.39
N LEU D 36 -17.52 -50.94 3.19
CA LEU D 36 -16.28 -51.25 3.90
C LEU D 36 -15.15 -51.55 2.94
N LEU D 37 -15.46 -52.05 1.74
CA LEU D 37 -14.43 -52.30 0.74
C LEU D 37 -13.82 -50.99 0.22
N LYS D 38 -14.48 -49.86 0.48
CA LYS D 38 -14.00 -48.55 0.06
C LYS D 38 -13.69 -48.55 -1.44
N GLY D 39 -14.62 -49.08 -2.23
CA GLY D 39 -14.56 -49.02 -3.67
C GLY D 39 -13.72 -50.10 -4.33
N HIS D 40 -12.87 -50.79 -3.58
CA HIS D 40 -12.04 -51.83 -4.18
C HIS D 40 -12.90 -52.98 -4.67
N LYS D 41 -12.51 -53.56 -5.81
CA LYS D 41 -13.24 -54.66 -6.42
C LYS D 41 -12.45 -55.97 -6.40
N GLU D 42 -11.44 -56.06 -5.53
CA GLU D 42 -10.70 -57.30 -5.30
C GLU D 42 -10.62 -57.55 -3.80
N GLU D 43 -10.05 -58.70 -3.44
CA GLU D 43 -9.96 -59.06 -2.03
C GLU D 43 -9.21 -57.96 -1.26
N VAL D 44 -9.76 -57.61 -0.09
CA VAL D 44 -9.18 -56.59 0.77
C VAL D 44 -8.88 -57.22 2.12
N VAL D 45 -7.67 -57.01 2.62
CA VAL D 45 -7.22 -57.52 3.90
C VAL D 45 -7.06 -56.33 4.84
N ILE D 46 -7.55 -56.50 6.08
CA ILE D 46 -7.49 -55.46 7.10
C ILE D 46 -6.68 -56.01 8.27
N ARG D 47 -5.59 -55.31 8.62
CA ARG D 47 -4.75 -55.71 9.74
C ARG D 47 -4.40 -54.59 10.70
N ASN D 48 -4.67 -53.33 10.36
CA ASN D 48 -4.40 -52.24 11.30
C ASN D 48 -5.44 -52.26 12.41
N VAL D 49 -4.98 -52.32 13.66
CA VAL D 49 -5.88 -52.54 14.77
C VAL D 49 -6.97 -51.47 14.80
N ASN D 50 -6.61 -50.24 14.47
CA ASN D 50 -7.59 -49.16 14.50
C ASN D 50 -8.65 -49.32 13.41
N ASP D 51 -8.26 -49.79 12.22
CA ASP D 51 -9.24 -50.06 11.18
C ASP D 51 -10.19 -51.19 11.55
N LEU D 52 -9.71 -52.22 12.25
CA LEU D 52 -10.62 -53.27 12.71
C LEU D 52 -11.60 -52.75 13.74
N LYS D 53 -11.18 -51.83 14.60
CA LYS D 53 -12.12 -51.23 15.54
C LYS D 53 -13.18 -50.43 14.80
N ILE D 54 -12.79 -49.76 13.71
CA ILE D 54 -13.76 -49.04 12.89
C ILE D 54 -14.72 -50.02 12.23
N VAL D 55 -14.20 -51.12 11.68
CA VAL D 55 -15.06 -52.13 11.06
C VAL D 55 -16.03 -52.70 12.09
N LEU D 56 -15.54 -52.95 13.31
CA LEU D 56 -16.42 -53.43 14.37
C LEU D 56 -17.61 -52.51 14.55
N GLN D 57 -17.37 -51.20 14.53
CA GLN D 57 -18.45 -50.22 14.64
C GLN D 57 -19.41 -50.35 13.47
N ALA D 58 -18.90 -50.56 12.26
CA ALA D 58 -19.77 -50.76 11.10
C ALA D 58 -20.70 -51.95 11.28
N LEU D 59 -20.22 -53.05 11.87
CA LEU D 59 -21.09 -54.19 12.07
C LEU D 59 -22.18 -53.88 13.09
N ARG D 60 -21.86 -53.09 14.12
CA ARG D 60 -22.87 -52.68 15.08
C ARG D 60 -23.91 -51.78 14.44
N ILE D 61 -23.48 -50.91 13.51
CA ILE D 61 -24.43 -50.11 12.75
C ILE D 61 -25.33 -51.02 11.92
N ALA D 62 -24.73 -51.95 11.18
CA ALA D 62 -25.52 -52.88 10.37
C ALA D 62 -26.57 -53.59 11.22
N LEU D 63 -26.20 -54.03 12.42
CA LEU D 63 -27.15 -54.69 13.31
C LEU D 63 -28.34 -53.79 13.62
N ASP D 64 -28.08 -52.55 14.06
CA ASP D 64 -29.17 -51.65 14.44
C ASP D 64 -30.08 -51.33 13.26
N GLU D 65 -29.51 -51.14 12.07
CA GLU D 65 -30.30 -50.86 10.88
C GLU D 65 -30.96 -52.10 10.28
N LYS D 66 -30.74 -53.26 10.87
CA LYS D 66 -31.19 -54.52 10.28
C LYS D 66 -30.67 -54.63 8.85
N ALA D 67 -29.35 -54.74 8.76
CA ALA D 67 -28.69 -54.83 7.47
C ALA D 67 -28.47 -56.27 7.04
N GLY D 68 -28.20 -57.16 8.00
CA GLY D 68 -27.98 -58.56 7.71
C GLY D 68 -28.51 -59.40 8.83
N ASN D 69 -28.35 -60.72 8.68
CA ASN D 69 -28.75 -61.70 9.66
C ASN D 69 -28.22 -61.29 11.04
N PRO D 70 -29.08 -60.80 11.94
CA PRO D 70 -28.57 -60.32 13.23
C PRO D 70 -27.74 -61.35 13.99
N ALA D 71 -28.17 -62.62 13.99
CA ALA D 71 -27.39 -63.64 14.68
C ALA D 71 -25.97 -63.72 14.13
N LYS D 72 -25.83 -63.63 12.81
CA LYS D 72 -24.51 -63.70 12.21
C LYS D 72 -23.71 -62.43 12.43
N ILE D 73 -24.37 -61.29 12.56
CA ILE D 73 -23.64 -60.06 12.87
C ILE D 73 -23.16 -60.09 14.32
N LYS D 74 -23.95 -60.67 15.22
CA LYS D 74 -23.52 -60.74 16.62
C LYS D 74 -22.22 -61.53 16.76
N VAL D 75 -22.15 -62.70 16.13
CA VAL D 75 -20.96 -63.53 16.28
C VAL D 75 -19.72 -62.85 15.70
N LEU D 76 -19.86 -62.22 14.53
CA LEU D 76 -18.71 -61.51 13.97
C LEU D 76 -18.30 -60.35 14.86
N ALA D 77 -19.27 -59.52 15.27
CA ALA D 77 -18.96 -58.37 16.10
C ALA D 77 -18.40 -58.80 17.45
N ASN D 78 -19.08 -59.75 18.09
CA ASN D 78 -18.63 -60.23 19.40
C ASN D 78 -17.27 -60.90 19.32
N ALA D 79 -17.04 -61.70 18.28
CA ALA D 79 -15.75 -62.36 18.14
C ALA D 79 -14.64 -61.36 17.87
N LEU D 80 -14.90 -60.37 17.01
CA LEU D 80 -13.90 -59.35 16.73
C LEU D 80 -13.59 -58.53 17.97
N GLU D 81 -14.62 -58.14 18.73
CA GLU D 81 -14.38 -57.31 19.91
C GLU D 81 -13.45 -58.02 20.90
N LYS D 82 -13.58 -59.33 21.03
CA LYS D 82 -12.77 -60.06 21.99
C LYS D 82 -11.36 -60.29 21.46
N LYS D 83 -11.20 -60.30 20.14
CA LYS D 83 -9.97 -60.70 19.47
C LYS D 83 -9.32 -59.51 18.78
N LEU D 84 -9.90 -58.32 18.90
CA LEU D 84 -9.44 -57.16 18.14
C LEU D 84 -8.05 -56.69 18.54
N ASN D 85 -7.66 -56.88 19.81
CA ASN D 85 -6.37 -56.43 20.30
C ASN D 85 -5.31 -57.52 20.28
N PHE D 86 -5.60 -58.66 19.67
CA PHE D 86 -4.69 -59.79 19.70
C PHE D 86 -3.90 -59.84 18.40
N PRO D 87 -2.57 -59.94 18.44
CA PRO D 87 -1.80 -60.07 17.20
C PRO D 87 -2.26 -61.28 16.39
N GLY D 88 -2.31 -61.10 15.08
CA GLY D 88 -2.78 -62.13 14.17
C GLY D 88 -4.23 -61.98 13.77
N THR D 89 -4.99 -61.13 14.45
CA THR D 89 -6.38 -60.90 14.11
C THR D 89 -6.47 -60.00 12.87
N LYS D 90 -7.24 -60.44 11.88
CA LYS D 90 -7.40 -59.68 10.66
C LYS D 90 -8.80 -59.92 10.12
N ILE D 91 -9.20 -59.08 9.18
CA ILE D 91 -10.46 -59.21 8.47
C ILE D 91 -10.13 -59.29 6.99
N GLN D 92 -10.77 -60.22 6.29
CA GLN D 92 -10.64 -60.32 4.83
C GLN D 92 -12.01 -60.08 4.22
N LEU D 93 -12.08 -59.17 3.26
CA LEU D 93 -13.32 -58.88 2.57
C LEU D 93 -13.13 -59.32 1.13
N LYS D 94 -13.77 -60.42 0.74
CA LYS D 94 -13.65 -60.90 -0.63
C LYS D 94 -14.91 -60.52 -1.38
N PRO D 95 -14.88 -59.53 -2.26
CA PRO D 95 -16.09 -59.18 -3.00
C PRO D 95 -16.37 -60.18 -4.10
N VAL D 96 -17.65 -60.39 -4.37
CA VAL D 96 -18.11 -61.22 -5.46
C VAL D 96 -18.73 -60.29 -6.48
N LEU D 97 -18.24 -60.32 -7.70
CA LEU D 97 -18.63 -59.37 -8.73
C LEU D 97 -19.59 -60.04 -9.70
N ASN D 98 -20.68 -59.35 -10.03
CA ASN D 98 -21.64 -59.90 -10.98
C ASN D 98 -21.10 -59.71 -12.39
N LYS D 99 -21.92 -59.98 -13.40
CA LYS D 99 -21.46 -59.89 -14.77
C LYS D 99 -21.47 -58.47 -15.32
N GLU D 100 -21.66 -57.45 -14.47
CA GLU D 100 -21.60 -56.06 -14.89
C GLU D 100 -20.55 -55.30 -14.08
N ASN D 101 -19.51 -56.01 -13.63
CA ASN D 101 -18.42 -55.39 -12.87
C ASN D 101 -18.96 -54.61 -11.68
N GLU D 102 -20.08 -55.07 -11.13
CA GLU D 102 -20.68 -54.50 -9.94
C GLU D 102 -20.51 -55.45 -8.76
N VAL D 103 -20.15 -54.91 -7.61
CA VAL D 103 -20.13 -55.71 -6.40
C VAL D 103 -21.58 -55.96 -6.00
N GLU D 104 -22.01 -57.22 -6.04
CA GLU D 104 -23.35 -57.55 -5.62
C GLU D 104 -23.42 -58.18 -4.24
N LYS D 105 -22.28 -58.64 -3.73
CA LYS D 105 -22.19 -59.31 -2.45
C LYS D 105 -20.73 -59.29 -2.03
N VAL D 106 -20.49 -59.23 -0.73
CA VAL D 106 -19.14 -59.23 -0.19
C VAL D 106 -19.08 -60.32 0.86
N GLN D 107 -18.02 -61.13 0.80
CA GLN D 107 -17.75 -62.14 1.81
C GLN D 107 -16.95 -61.50 2.95
N PHE D 108 -17.48 -61.61 4.16
CA PHE D 108 -16.84 -61.10 5.37
C PHE D 108 -16.18 -62.26 6.09
N ILE D 109 -14.86 -62.29 6.08
CA ILE D 109 -14.07 -63.34 6.70
C ILE D 109 -13.33 -62.75 7.88
N LEU D 110 -13.63 -63.23 9.09
CA LEU D 110 -12.93 -62.83 10.30
C LEU D 110 -11.97 -63.95 10.65
N LYS D 111 -10.68 -63.62 10.66
CA LYS D 111 -9.61 -64.58 10.96
C LYS D 111 -8.87 -64.18 12.22
N TRP D 112 -8.43 -65.18 12.96
CA TRP D 112 -7.58 -64.96 14.13
C TRP D 112 -6.74 -66.22 14.36
N GLY D 113 -5.75 -66.10 15.22
CA GLY D 113 -4.84 -67.21 15.48
C GLY D 113 -3.66 -67.18 14.53
N GLY D 114 -3.00 -68.33 14.44
CA GLY D 114 -1.85 -68.44 13.57
C GLY D 114 -0.57 -67.79 14.07
N GLU D 115 -0.48 -67.47 15.35
CA GLU D 115 0.75 -66.88 15.85
C GLU D 115 1.78 -67.96 16.15
N PRO D 116 3.07 -67.64 16.03
CA PRO D 116 4.08 -68.65 16.39
C PRO D 116 3.99 -69.02 17.86
N THR D 117 4.09 -70.31 18.14
CA THR D 117 4.04 -70.80 19.50
C THR D 117 5.40 -70.68 20.18
N HIS D 118 5.41 -70.93 21.48
CA HIS D 118 6.67 -70.96 22.23
C HIS D 118 7.62 -72.03 21.72
N SER D 119 7.10 -73.03 21.00
CA SER D 119 7.94 -74.11 20.50
C SER D 119 8.70 -73.75 19.23
N ALA D 120 8.24 -72.74 18.49
CA ALA D 120 8.85 -72.46 17.19
C ALA D 120 10.34 -72.13 17.33
N LYS D 121 10.71 -71.38 18.37
CA LYS D 121 12.10 -70.95 18.50
C LYS D 121 13.04 -72.13 18.68
N TYR D 122 12.57 -73.19 19.33
CA TYR D 122 13.40 -74.37 19.53
C TYR D 122 13.66 -75.08 18.21
N GLN D 123 12.61 -75.26 17.41
CA GLN D 123 12.75 -75.92 16.11
C GLN D 123 13.70 -75.16 15.20
N ALA D 124 13.55 -73.83 15.14
CA ALA D 124 14.42 -73.04 14.28
C ALA D 124 15.86 -73.03 14.77
N THR D 125 16.07 -72.90 16.08
CA THR D 125 17.43 -72.96 16.61
C THR D 125 18.07 -74.31 16.36
N GLU D 126 17.31 -75.40 16.60
CA GLU D 126 17.81 -76.73 16.29
C GLU D 126 18.29 -76.82 14.86
N LEU D 127 17.51 -76.26 13.93
CA LEU D 127 17.85 -76.35 12.51
C LEU D 127 19.06 -75.49 12.18
N GLY D 128 19.19 -74.33 12.81
CA GLY D 128 20.32 -73.47 12.51
C GLY D 128 21.63 -74.07 12.99
N GLU D 129 21.61 -74.71 14.15
CA GLU D 129 22.83 -75.35 14.67
C GLU D 129 23.23 -76.53 13.82
N GLN D 130 22.27 -77.41 13.50
CA GLN D 130 22.55 -78.56 12.66
C GLN D 130 23.17 -78.14 11.33
N MET D 131 22.62 -77.10 10.70
CA MET D 131 23.15 -76.65 9.41
C MET D 131 24.51 -76.00 9.55
N ARG D 132 24.76 -75.31 10.67
CA ARG D 132 26.10 -74.76 10.93
C ARG D 132 27.13 -75.88 11.01
N GLN D 133 26.82 -76.96 11.73
CA GLN D 133 27.73 -78.11 11.75
C GLN D 133 28.00 -78.63 10.35
N ASP D 134 26.94 -78.84 9.56
CA ASP D 134 27.10 -79.37 8.22
C ASP D 134 28.02 -78.50 7.38
N PHE D 135 27.84 -77.17 7.47
CA PHE D 135 28.63 -76.27 6.62
C PHE D 135 30.09 -76.23 7.05
N ASP D 136 30.35 -76.17 8.36
CA ASP D 136 31.70 -76.16 8.91
C ASP D 136 32.46 -77.47 8.73
N LEU D 137 31.83 -78.51 8.17
CA LEU D 137 32.53 -79.75 7.85
C LEU D 137 32.82 -79.91 6.37
N LEU D 138 31.99 -79.34 5.50
CA LEU D 138 32.26 -79.41 4.07
C LEU D 138 33.23 -78.31 3.66
N ASN D 139 32.91 -77.05 3.98
CA ASN D 139 33.81 -75.94 3.72
C ASN D 139 33.40 -74.79 4.61
N LYS D 140 34.28 -74.40 5.54
CA LYS D 140 33.92 -73.34 6.48
C LYS D 140 33.66 -72.01 5.78
N SER D 141 34.21 -71.82 4.58
CA SER D 141 34.03 -70.55 3.88
C SER D 141 32.58 -70.36 3.42
N ILE D 142 31.78 -71.42 3.37
CA ILE D 142 30.39 -71.31 2.94
C ILE D 142 29.60 -70.42 3.88
N LEU D 143 29.93 -70.45 5.17
CA LEU D 143 29.21 -69.63 6.15
C LEU D 143 29.32 -68.16 5.84
N GLN D 144 30.37 -67.75 5.14
CA GLN D 144 30.61 -66.35 4.80
C GLN D 144 29.81 -65.89 3.58
N ASN D 145 29.03 -66.76 2.96
CA ASN D 145 28.28 -66.46 1.74
C ASN D 145 26.83 -66.90 1.88
N ILE D 146 26.16 -66.43 2.93
CA ILE D 146 24.76 -66.76 3.20
C ILE D 146 23.90 -65.58 2.77
N LYS D 147 22.85 -65.87 2.00
CA LYS D 147 21.84 -64.90 1.60
C LYS D 147 20.47 -65.40 2.04
N ILE D 148 19.70 -64.54 2.70
CA ILE D 148 18.49 -64.97 3.39
C ILE D 148 17.31 -64.09 2.96
N PHE D 149 16.25 -64.72 2.49
CA PHE D 149 14.99 -64.04 2.22
C PHE D 149 13.89 -64.57 3.13
N SER D 150 12.87 -63.75 3.33
CA SER D 150 11.75 -64.12 4.18
C SER D 150 10.48 -63.43 3.71
N SER D 151 9.35 -64.11 3.89
CA SER D 151 8.05 -63.48 3.69
C SER D 151 7.81 -62.42 4.77
N SER D 152 6.77 -61.61 4.56
CA SER D 152 6.40 -60.58 5.53
C SER D 152 5.62 -61.09 6.74
N GLU D 153 5.06 -62.29 6.66
CA GLU D 153 4.26 -62.80 7.77
C GLU D 153 5.08 -62.92 9.04
N ARG D 154 4.44 -62.61 10.17
CA ARG D 154 5.12 -62.63 11.45
C ARG D 154 5.66 -64.01 11.76
N ARG D 155 4.86 -65.04 11.47
CA ARG D 155 5.29 -66.40 11.74
C ARG D 155 6.49 -66.79 10.88
N VAL D 156 6.59 -66.21 9.68
CA VAL D 156 7.70 -66.54 8.79
C VAL D 156 8.97 -65.83 9.23
N LEU D 157 8.88 -64.52 9.45
CA LEU D 157 10.05 -63.79 9.90
C LEU D 157 10.58 -64.30 11.24
N HIS D 158 9.68 -64.62 12.17
CA HIS D 158 10.11 -65.23 13.42
C HIS D 158 10.97 -66.46 13.20
N THR D 159 10.52 -67.38 12.34
CA THR D 159 11.32 -68.57 12.06
C THR D 159 12.64 -68.20 11.39
N ALA D 160 12.59 -67.27 10.43
CA ALA D 160 13.81 -66.87 9.71
C ALA D 160 14.82 -66.24 10.64
N GLN D 161 14.35 -65.45 11.60
CA GLN D 161 15.26 -64.71 12.46
C GLN D 161 16.02 -65.66 13.40
N TYR D 162 15.31 -66.61 14.00
CA TYR D 162 15.94 -67.54 14.92
C TYR D 162 16.84 -68.54 14.20
N TRP D 163 16.51 -68.94 12.98
CA TRP D 163 17.43 -69.79 12.23
C TRP D 163 18.73 -69.06 11.92
N THR D 164 18.64 -67.80 11.53
CA THR D 164 19.85 -67.02 11.27
C THR D 164 20.68 -66.83 12.54
N ARG D 165 20.01 -66.53 13.65
CA ARG D 165 20.73 -66.38 14.93
C ARG D 165 21.47 -67.66 15.30
N ALA D 166 20.82 -68.82 15.13
CA ALA D 166 21.45 -70.08 15.50
C ALA D 166 22.59 -70.43 14.54
N LEU D 167 22.46 -70.04 13.28
CA LEU D 167 23.49 -70.38 12.29
C LEU D 167 24.78 -69.62 12.56
N PHE D 168 24.67 -68.33 12.91
CA PHE D 168 25.86 -67.51 13.17
C PHE D 168 26.19 -67.47 14.66
N GLY D 169 25.26 -66.98 15.47
CA GLY D 169 25.47 -66.84 16.90
C GLY D 169 25.42 -65.39 17.35
N ASP D 176 20.70 -56.48 9.54
CA ASP D 176 19.50 -56.46 8.71
C ASP D 176 19.73 -57.25 7.42
N GLU D 177 19.99 -58.55 7.59
CA GLU D 177 20.21 -59.46 6.47
C GLU D 177 18.94 -60.21 6.08
N ILE D 178 17.94 -60.24 6.95
CA ILE D 178 16.66 -60.90 6.72
C ILE D 178 16.26 -60.74 5.25
N SER D 179 16.44 -59.54 4.71
CA SER D 179 16.06 -59.23 3.33
C SER D 179 14.65 -59.74 3.01
N ILE D 180 13.67 -59.10 3.65
CA ILE D 180 12.28 -59.41 3.36
C ILE D 180 12.05 -59.14 1.88
N ARG D 181 11.38 -60.08 1.20
CA ARG D 181 11.13 -59.98 -0.23
C ARG D 181 9.65 -60.27 -0.46
N LYS D 182 8.85 -59.21 -0.39
CA LYS D 182 7.42 -59.36 -0.64
C LYS D 182 7.21 -59.81 -2.07
N ASP D 183 8.05 -59.35 -2.99
CA ASP D 183 7.86 -59.71 -4.39
C ASP D 183 8.06 -61.21 -4.59
N LEU D 184 8.90 -61.86 -3.78
CA LEU D 184 9.16 -63.27 -4.01
C LEU D 184 8.32 -64.15 -3.10
N LEU D 185 8.20 -63.76 -1.83
CA LEU D 185 7.73 -64.61 -0.74
C LEU D 185 6.53 -63.91 -0.12
N ASP D 186 5.35 -64.08 -0.71
CA ASP D 186 4.17 -63.50 -0.11
C ASP D 186 2.96 -63.96 -0.89
N ASP D 187 1.79 -63.78 -0.29
CA ASP D 187 0.55 -64.18 -0.95
C ASP D 187 0.32 -63.29 -2.17
N SER D 188 -0.18 -63.90 -3.23
CA SER D 188 -0.49 -63.20 -4.47
C SER D 188 -1.94 -63.48 -4.85
N ASN D 189 -2.68 -62.43 -5.19
CA ASN D 189 -4.06 -62.61 -5.64
C ASN D 189 -4.12 -63.15 -7.07
N ALA D 190 -2.98 -63.47 -7.67
CA ALA D 190 -2.99 -64.00 -9.03
C ALA D 190 -3.63 -65.39 -9.06
N ALA D 191 -3.32 -66.22 -8.08
CA ALA D 191 -3.89 -67.56 -8.01
C ALA D 191 -5.22 -67.60 -7.26
N LYS D 192 -5.62 -66.51 -6.62
CA LYS D 192 -6.89 -66.54 -5.89
C LYS D 192 -8.06 -66.67 -6.84
N ASP D 193 -7.91 -66.14 -8.07
CA ASP D 193 -8.95 -66.34 -9.07
C ASP D 193 -9.07 -67.81 -9.45
N LEU D 194 -7.94 -68.52 -9.52
CA LEU D 194 -7.94 -69.92 -9.90
C LEU D 194 -8.10 -70.87 -8.73
N MET D 195 -7.67 -70.49 -7.53
CA MET D 195 -7.91 -71.35 -6.38
C MET D 195 -9.38 -71.35 -5.98
N ASP D 196 -10.14 -70.32 -6.34
CA ASP D 196 -11.58 -70.35 -6.10
C ASP D 196 -12.23 -71.34 -7.06
N LYS D 197 -11.77 -71.35 -8.32
CA LYS D 197 -12.21 -72.36 -9.28
C LYS D 197 -11.99 -73.75 -8.72
N VAL D 198 -10.89 -73.92 -7.96
CA VAL D 198 -10.54 -75.20 -7.34
C VAL D 198 -11.41 -75.48 -6.13
N LYS D 199 -11.62 -74.49 -5.27
CA LYS D 199 -12.42 -74.71 -4.05
C LYS D 199 -13.80 -75.27 -4.39
N LYS D 200 -14.43 -74.76 -5.45
CA LYS D 200 -15.76 -75.25 -5.82
C LYS D 200 -15.69 -76.68 -6.34
N LYS D 201 -14.58 -77.07 -6.96
CA LYS D 201 -14.40 -78.44 -7.45
C LYS D 201 -14.21 -79.46 -6.33
N LEU D 202 -13.81 -79.04 -5.13
CA LEU D 202 -13.62 -80.02 -4.07
C LEU D 202 -14.90 -80.36 -3.33
N LYS D 203 -15.89 -79.46 -3.30
CA LYS D 203 -17.13 -79.72 -2.58
C LYS D 203 -17.80 -81.01 -3.07
N PRO D 204 -17.98 -81.22 -4.38
CA PRO D 204 -18.61 -82.46 -4.89
C PRO D 204 -17.86 -83.73 -4.56
N LEU D 205 -16.54 -83.67 -4.43
CA LEU D 205 -15.72 -84.83 -4.11
C LEU D 205 -16.10 -85.49 -2.80
N LEU D 206 -16.51 -84.73 -1.79
CA LEU D 206 -16.82 -85.31 -0.48
C LEU D 206 -18.26 -85.83 -0.36
N ARG D 207 -19.02 -85.87 -1.44
CA ARG D 207 -20.43 -86.28 -1.41
C ARG D 207 -20.57 -87.77 -1.74
N GLU D 208 -21.65 -88.37 -1.25
CA GLU D 208 -21.84 -89.82 -1.27
C GLU D 208 -21.42 -90.52 -2.56
N GLY D 209 -22.09 -90.21 -3.68
CA GLY D 209 -21.93 -91.03 -4.86
C GLY D 209 -20.49 -91.10 -5.33
N LYS D 210 -19.83 -89.96 -5.40
CA LYS D 210 -18.44 -89.91 -5.84
C LYS D 210 -17.54 -90.67 -4.88
N GLU D 211 -16.62 -91.46 -5.43
CA GLU D 211 -15.62 -92.15 -4.64
C GLU D 211 -14.27 -91.46 -4.77
N ALA D 212 -13.33 -91.89 -3.93
CA ALA D 212 -11.96 -91.41 -3.95
C ALA D 212 -11.39 -91.48 -5.36
N PRO D 213 -11.06 -90.35 -5.98
CA PRO D 213 -10.39 -90.40 -7.28
C PRO D 213 -9.08 -91.15 -7.19
N PRO D 214 -8.53 -91.60 -8.32
CA PRO D 214 -7.24 -92.31 -8.28
C PRO D 214 -6.03 -91.41 -8.11
N GLN D 215 -6.14 -90.12 -8.39
CA GLN D 215 -4.99 -89.22 -8.37
C GLN D 215 -4.66 -88.71 -6.98
N PHE D 216 -5.53 -88.90 -6.00
CA PHE D 216 -5.36 -88.34 -4.67
C PHE D 216 -4.82 -89.39 -3.71
N ALA D 217 -4.25 -88.92 -2.60
CA ALA D 217 -3.74 -89.81 -1.58
C ALA D 217 -4.92 -90.43 -0.84
N TRP D 218 -5.18 -91.71 -1.08
CA TRP D 218 -6.30 -92.38 -0.43
C TRP D 218 -6.02 -93.87 -0.42
N PRO D 219 -6.21 -94.57 0.70
CA PRO D 219 -5.93 -96.00 0.72
C PRO D 219 -6.87 -96.74 -0.23
N SER D 220 -6.36 -97.84 -0.80
CA SER D 220 -7.18 -98.60 -1.75
C SER D 220 -8.30 -99.33 -1.03
N LYS D 221 -8.02 -99.90 0.13
CA LYS D 221 -9.01 -100.65 0.90
C LYS D 221 -10.01 -99.74 1.60
N MET D 222 -9.79 -98.42 1.60
CA MET D 222 -10.66 -97.50 2.32
C MET D 222 -11.95 -97.25 1.53
N PRO D 223 -13.09 -97.09 2.22
CA PRO D 223 -14.34 -96.74 1.52
C PRO D 223 -14.31 -95.33 0.94
N GLU D 224 -15.44 -94.90 0.40
CA GLU D 224 -15.49 -93.62 -0.29
C GLU D 224 -15.38 -92.46 0.70
N PRO D 225 -14.89 -91.30 0.24
CA PRO D 225 -14.71 -90.16 1.16
C PRO D 225 -15.93 -89.79 1.98
N TYR D 226 -17.13 -89.87 1.39
CA TYR D 226 -18.32 -89.47 2.11
C TYR D 226 -18.60 -90.39 3.30
N LEU D 227 -18.21 -91.66 3.20
CA LEU D 227 -18.35 -92.54 4.36
C LEU D 227 -17.37 -92.14 5.47
N VAL D 228 -16.13 -91.82 5.10
CA VAL D 228 -15.15 -91.36 6.08
C VAL D 228 -15.67 -90.13 6.82
N ILE D 229 -16.24 -89.17 6.09
CA ILE D 229 -16.80 -87.98 6.71
C ILE D 229 -17.86 -88.36 7.74
N LYS D 230 -18.74 -89.29 7.39
CA LYS D 230 -19.83 -89.67 8.29
C LYS D 230 -19.31 -90.26 9.60
N ARG D 231 -18.19 -91.00 9.54
CA ARG D 231 -17.63 -91.58 10.76
C ARG D 231 -16.98 -90.52 11.63
N VAL D 232 -16.33 -89.54 11.04
CA VAL D 232 -15.77 -88.45 11.81
C VAL D 232 -16.86 -87.70 12.59
N VAL D 233 -17.96 -87.35 11.92
CA VAL D 233 -19.06 -86.65 12.60
C VAL D 233 -19.55 -87.42 13.82
N GLU D 234 -19.80 -88.73 13.67
CA GLU D 234 -20.20 -89.52 14.82
C GLU D 234 -19.15 -89.46 15.93
N LEU D 235 -17.86 -89.60 15.56
CA LEU D 235 -16.82 -89.53 16.57
C LEU D 235 -16.75 -88.14 17.18
N MET D 236 -17.06 -87.11 16.40
CA MET D 236 -17.02 -85.74 16.92
C MET D 236 -18.20 -85.54 17.88
N ASN D 237 -19.40 -85.93 17.44
CA ASN D 237 -20.56 -85.88 18.33
C ASN D 237 -20.30 -86.69 19.59
N TYR D 238 -19.54 -87.78 19.48
CA TYR D 238 -19.20 -88.58 20.65
C TYR D 238 -18.38 -87.76 21.64
N HIS D 239 -17.33 -87.10 21.16
CA HIS D 239 -16.46 -86.35 22.05
C HIS D 239 -17.11 -85.08 22.59
N LYS D 240 -18.01 -84.45 21.83
CA LYS D 240 -18.71 -83.28 22.38
C LYS D 240 -19.46 -83.65 23.66
N LYS D 241 -20.12 -84.80 23.67
CA LYS D 241 -20.89 -85.21 24.84
C LYS D 241 -19.95 -85.53 26.01
N ILE D 242 -18.79 -86.13 25.74
CA ILE D 242 -17.82 -86.38 26.79
C ILE D 242 -17.35 -85.07 27.39
N MET D 243 -17.00 -84.11 26.53
CA MET D 243 -16.47 -82.83 26.99
C MET D 243 -17.47 -82.13 27.91
N ASP D 244 -18.73 -82.03 27.47
CA ASP D 244 -19.75 -81.40 28.29
C ASP D 244 -19.89 -82.10 29.64
N ASN D 245 -19.94 -83.43 29.64
CA ASN D 245 -20.09 -84.16 30.90
C ASN D 245 -18.92 -83.88 31.83
N ASN D 246 -17.72 -83.78 31.28
CA ASN D 246 -16.54 -83.50 32.10
C ASN D 246 -16.53 -82.05 32.57
N PHE D 247 -16.90 -81.11 31.69
CA PHE D 247 -17.01 -79.71 32.10
C PHE D 247 -18.07 -79.54 33.18
N ALA D 248 -19.21 -80.21 33.04
CA ALA D 248 -20.31 -80.00 33.96
C ALA D 248 -20.08 -80.64 35.33
N LYS D 249 -19.30 -81.71 35.39
CA LYS D 249 -19.15 -82.52 36.59
C LYS D 249 -17.79 -82.39 37.26
N LYS D 250 -16.70 -82.38 36.49
CA LYS D 250 -15.36 -82.43 37.05
C LYS D 250 -14.79 -81.04 37.21
N ASP D 251 -13.74 -80.94 38.04
CA ASP D 251 -12.99 -79.69 38.18
C ASP D 251 -12.10 -79.54 36.95
N VAL D 252 -12.45 -78.60 36.08
CA VAL D 252 -11.73 -78.45 34.82
C VAL D 252 -10.44 -77.67 35.02
N ASN D 253 -10.39 -76.80 36.02
CA ASN D 253 -9.21 -75.98 36.23
C ASN D 253 -8.06 -76.80 36.80
N SER D 254 -8.32 -78.05 37.16
CA SER D 254 -7.32 -78.96 37.68
C SER D 254 -6.99 -80.07 36.69
N MET D 255 -7.38 -79.91 35.42
CA MET D 255 -7.11 -80.94 34.44
C MET D 255 -5.69 -80.84 33.90
N GLN D 256 -4.99 -79.75 34.19
CA GLN D 256 -3.57 -79.64 33.90
C GLN D 256 -2.93 -78.45 34.60
N THR D 257 -1.82 -78.69 35.30
CA THR D 257 -1.13 -77.66 36.06
C THR D 257 -0.28 -76.74 35.19
N ARG D 258 -0.07 -77.07 33.92
CA ARG D 258 0.81 -76.34 33.02
C ARG D 258 0.01 -75.89 31.81
N TRP D 259 -0.03 -74.58 31.57
CA TRP D 259 -0.72 -74.00 30.41
C TRP D 259 0.21 -73.03 29.68
N CYS D 260 0.81 -73.47 28.57
CA CYS D 260 1.59 -72.54 27.77
C CYS D 260 0.65 -71.68 26.92
N THR D 261 1.20 -70.61 26.35
CA THR D 261 0.50 -69.68 25.48
C THR D 261 -0.66 -68.94 26.16
N SER D 262 -0.75 -69.02 27.49
CA SER D 262 -1.68 -68.25 28.33
C SER D 262 -3.16 -68.60 28.16
N GLU D 263 -3.50 -69.69 27.48
CA GLU D 263 -4.91 -70.02 27.33
C GLU D 263 -5.40 -70.80 28.56
N ASP D 264 -6.71 -70.85 28.71
CA ASP D 264 -7.38 -71.52 29.81
C ASP D 264 -8.54 -72.33 29.25
N PRO D 265 -9.22 -73.13 30.08
CA PRO D 265 -10.20 -74.07 29.53
C PRO D 265 -11.33 -73.42 28.75
N SER D 266 -11.67 -72.16 29.01
CA SER D 266 -12.78 -71.53 28.30
C SER D 266 -12.44 -71.30 26.83
N LEU D 267 -11.24 -70.79 26.53
CA LEU D 267 -10.83 -70.65 25.13
C LEU D 267 -10.67 -71.99 24.46
N PHE D 268 -10.25 -73.02 25.21
CA PHE D 268 -10.18 -74.36 24.65
C PHE D 268 -11.57 -74.77 24.17
N LYS D 269 -12.56 -74.63 25.04
CA LYS D 269 -13.93 -75.02 24.71
C LYS D 269 -14.42 -74.28 23.49
N GLU D 270 -14.03 -73.01 23.33
CA GLU D 270 -14.49 -72.23 22.18
C GLU D 270 -13.99 -72.85 20.89
N ARG D 271 -12.70 -73.19 20.84
CA ARG D 271 -12.13 -73.76 19.63
C ARG D 271 -12.82 -75.06 19.25
N TRP D 272 -13.09 -75.92 20.25
CA TRP D 272 -13.70 -77.21 19.95
C TRP D 272 -15.23 -77.11 19.82
N ASP D 273 -15.87 -76.27 20.63
CA ASP D 273 -17.31 -76.07 20.44
C ASP D 273 -17.64 -75.64 19.02
N LYS D 274 -16.81 -74.77 18.45
CA LYS D 274 -16.99 -74.36 17.07
C LYS D 274 -16.82 -75.56 16.14
N LEU D 275 -15.72 -76.30 16.30
CA LEU D 275 -15.47 -77.43 15.41
C LEU D 275 -16.56 -78.48 15.58
N PHE D 276 -16.98 -78.76 16.82
CA PHE D 276 -18.07 -79.70 17.03
C PHE D 276 -19.33 -79.26 16.30
N LYS D 277 -19.58 -77.95 16.27
CA LYS D 277 -20.72 -77.41 15.53
C LYS D 277 -20.55 -77.62 14.04
N GLU D 278 -19.33 -77.51 13.54
CA GLU D 278 -19.07 -77.62 12.11
C GLU D 278 -18.90 -79.06 11.66
N PHE D 279 -18.86 -80.01 12.58
CA PHE D 279 -18.78 -81.43 12.29
C PHE D 279 -19.90 -82.18 13.00
N ASN D 280 -21.11 -81.65 12.88
CA ASN D 280 -22.31 -82.30 13.38
C ASN D 280 -23.25 -82.72 12.26
N ASN D 281 -22.85 -82.53 11.00
CA ASN D 281 -23.64 -82.97 9.86
C ASN D 281 -22.69 -83.30 8.72
N ALA D 282 -22.61 -84.60 8.39
CA ALA D 282 -21.72 -85.06 7.33
C ALA D 282 -22.03 -84.39 6.00
N GLU D 283 -23.30 -84.05 5.78
CA GLU D 283 -23.77 -83.42 4.55
C GLU D 283 -23.41 -81.94 4.44
N LYS D 284 -22.66 -81.38 5.39
CA LYS D 284 -22.31 -79.96 5.36
C LYS D 284 -20.81 -79.74 5.45
N VAL D 285 -20.02 -80.79 5.61
CA VAL D 285 -18.59 -80.62 5.83
C VAL D 285 -17.97 -79.90 4.63
N ASP D 286 -17.34 -78.80 4.91
CA ASP D 286 -16.58 -77.95 3.99
C ASP D 286 -15.13 -78.39 4.00
N PRO D 287 -14.49 -78.61 2.85
CA PRO D 287 -13.08 -79.02 2.88
C PRO D 287 -12.24 -78.04 3.69
N SER D 288 -12.69 -76.78 3.78
CA SER D 288 -11.95 -75.84 4.60
C SER D 288 -12.01 -76.21 6.06
N LYS D 289 -13.04 -76.95 6.50
CA LYS D 289 -13.15 -77.25 7.92
C LYS D 289 -12.38 -78.50 8.32
N ILE D 290 -11.85 -79.24 7.34
CA ILE D 290 -10.97 -80.36 7.65
C ILE D 290 -9.66 -79.84 8.23
N SER D 291 -9.15 -78.76 7.64
CA SER D 291 -7.90 -78.17 8.10
C SER D 291 -8.01 -77.56 9.49
N GLU D 292 -9.17 -76.97 9.82
CA GLU D 292 -9.31 -76.45 11.17
C GLU D 292 -9.27 -77.58 12.20
N LEU D 293 -10.05 -78.64 11.95
CA LEU D 293 -10.03 -79.79 12.85
C LEU D 293 -8.61 -80.36 12.95
N TYR D 294 -7.96 -80.54 11.80
CA TYR D 294 -6.64 -81.14 11.80
C TYR D 294 -5.59 -80.20 12.36
N ASP D 295 -5.78 -78.90 12.20
CA ASP D 295 -4.80 -77.96 12.74
C ASP D 295 -4.85 -77.96 14.26
N THR D 296 -6.06 -77.98 14.83
CA THR D 296 -6.19 -78.03 16.28
C THR D 296 -5.75 -79.38 16.85
N MET D 297 -6.01 -80.48 16.12
CA MET D 297 -5.59 -81.79 16.63
C MET D 297 -4.08 -81.92 16.69
N LYS D 298 -3.37 -81.47 15.65
CA LYS D 298 -1.91 -81.42 15.75
C LYS D 298 -1.48 -80.52 16.89
N TYR D 299 -2.10 -79.35 17.03
CA TYR D 299 -1.70 -78.39 18.05
C TYR D 299 -1.91 -78.97 19.45
N ASP D 300 -3.11 -79.50 19.71
CA ASP D 300 -3.46 -79.97 21.04
C ASP D 300 -2.68 -81.24 21.39
N ALA D 301 -2.57 -82.17 20.46
CA ALA D 301 -1.77 -83.36 20.68
C ALA D 301 -0.32 -83.02 20.94
N LEU D 302 0.13 -81.82 20.56
CA LEU D 302 1.52 -81.42 20.74
C LEU D 302 1.71 -80.57 22.00
N HIS D 303 0.73 -79.73 22.35
CA HIS D 303 0.83 -78.77 23.44
C HIS D 303 -0.18 -79.00 24.55
N ASN D 304 -1.23 -79.77 24.32
CA ASN D 304 -2.25 -80.04 25.33
C ASN D 304 -2.61 -81.52 25.38
N ARG D 305 -1.58 -82.38 25.32
CA ARG D 305 -1.83 -83.82 25.37
C ARG D 305 -2.67 -84.17 26.59
N GLN D 306 -2.19 -83.74 27.74
CA GLN D 306 -2.81 -84.08 29.02
C GLN D 306 -4.25 -83.60 29.11
N PHE D 307 -4.49 -82.31 28.87
CA PHE D 307 -5.86 -81.81 28.99
C PHE D 307 -6.76 -82.52 27.99
N LEU D 308 -6.25 -82.75 26.78
CA LEU D 308 -7.00 -83.48 25.76
C LEU D 308 -7.45 -84.85 26.25
N GLU D 309 -6.56 -85.61 26.89
CA GLU D 309 -6.95 -86.91 27.42
C GLU D 309 -8.08 -86.76 28.45
N ASN D 310 -7.92 -85.86 29.43
CA ASN D 310 -8.85 -85.91 30.56
C ASN D 310 -10.20 -85.35 30.16
N ILE D 311 -10.20 -84.30 29.34
CA ILE D 311 -11.47 -83.66 28.99
C ILE D 311 -12.23 -84.51 27.99
N PHE D 312 -11.55 -85.46 27.34
CA PHE D 312 -12.18 -86.44 26.47
C PHE D 312 -12.18 -87.83 27.07
N ASP D 313 -11.89 -87.94 28.36
CA ASP D 313 -11.88 -89.24 29.01
C ASP D 313 -13.31 -89.72 29.21
N PRO D 314 -13.72 -90.85 28.63
CA PRO D 314 -15.14 -91.25 28.74
C PRO D 314 -15.57 -91.55 30.15
N GLY D 315 -14.64 -91.98 31.00
CA GLY D 315 -14.97 -92.36 32.35
C GLY D 315 -14.28 -93.64 32.75
N SER D 316 -13.68 -94.35 31.80
CA SER D 316 -12.94 -95.57 32.10
C SER D 316 -13.73 -96.46 33.05
N SER D 317 -14.79 -97.07 32.52
CA SER D 317 -15.72 -97.85 33.32
C SER D 317 -15.53 -99.34 33.07
N GLY D 318 -15.82 -100.13 34.09
CA GLY D 318 -15.75 -101.59 34.02
C GLY D 318 -14.34 -102.10 34.34
N GLN D 319 -13.72 -102.75 33.38
CA GLN D 319 -12.44 -103.43 33.57
C GLN D 319 -11.30 -102.40 33.55
N PHE D 320 -10.14 -102.81 34.05
CA PHE D 320 -9.03 -101.87 34.20
C PHE D 320 -8.26 -101.69 32.89
N ASP D 321 -7.65 -102.76 32.41
CA ASP D 321 -6.83 -102.73 31.20
C ASP D 321 -7.63 -102.58 29.93
N GLU D 322 -8.94 -102.38 29.99
CA GLU D 322 -9.71 -102.16 28.78
C GLU D 322 -9.30 -100.83 28.16
N PRO D 323 -8.80 -100.81 26.92
CA PRO D 323 -8.43 -99.53 26.31
C PRO D 323 -9.63 -98.61 26.21
N ARG D 324 -9.41 -97.32 26.47
CA ARG D 324 -10.50 -96.36 26.53
C ARG D 324 -10.37 -95.23 25.52
N PHE D 325 -9.15 -94.83 25.14
CA PHE D 325 -8.95 -93.77 24.16
C PHE D 325 -8.80 -94.31 22.75
N MET D 326 -9.76 -95.14 22.35
CA MET D 326 -9.83 -95.72 21.01
C MET D 326 -10.65 -94.87 20.06
N GLN D 327 -11.81 -94.39 20.50
CA GLN D 327 -12.62 -93.52 19.65
C GLN D 327 -11.93 -92.19 19.37
N LEU D 328 -11.07 -91.72 20.27
CA LEU D 328 -10.34 -90.48 20.01
C LEU D 328 -9.17 -90.72 19.08
N ARG D 329 -8.40 -91.77 19.37
CA ARG D 329 -7.30 -92.19 18.52
C ARG D 329 -7.79 -92.46 17.09
N GLU D 330 -8.94 -93.14 16.97
CA GLU D 330 -9.54 -93.39 15.66
C GLU D 330 -9.81 -92.08 14.92
N LEU D 331 -10.30 -91.08 15.66
CA LEU D 331 -10.64 -89.79 15.09
C LEU D 331 -9.40 -89.08 14.53
N TYR D 332 -8.29 -89.15 15.25
CA TYR D 332 -7.05 -88.56 14.76
C TYR D 332 -6.64 -89.21 13.44
N LYS D 333 -6.71 -90.54 13.35
CA LYS D 333 -6.26 -91.22 12.15
C LYS D 333 -7.12 -90.83 10.94
N LEU D 334 -8.44 -90.74 11.13
CA LEU D 334 -9.35 -90.41 10.03
C LEU D 334 -9.20 -88.96 9.59
N ALA D 335 -8.86 -88.05 10.51
CA ALA D 335 -8.66 -86.66 10.13
C ALA D 335 -7.43 -86.52 9.25
N LYS D 336 -6.39 -87.31 9.51
CA LYS D 336 -5.20 -87.28 8.69
C LYS D 336 -5.46 -87.74 7.26
N VAL D 337 -6.35 -88.73 7.07
CA VAL D 337 -6.69 -89.15 5.71
C VAL D 337 -7.36 -88.02 4.93
N LEU D 338 -8.36 -87.38 5.52
CA LEU D 338 -9.06 -86.29 4.84
C LEU D 338 -8.16 -85.09 4.56
N PHE D 339 -7.21 -84.80 5.46
CA PHE D 339 -6.30 -83.68 5.26
C PHE D 339 -5.25 -84.00 4.20
N ASP D 340 -5.00 -85.28 3.98
CA ASP D 340 -4.03 -85.85 3.06
C ASP D 340 -4.59 -86.00 1.66
N PHE D 341 -5.91 -85.85 1.50
CA PHE D 341 -6.60 -86.11 0.25
C PHE D 341 -7.48 -84.93 -0.16
N ILE D 342 -7.46 -83.84 0.60
CA ILE D 342 -8.05 -82.57 0.17
C ILE D 342 -6.99 -81.48 0.04
N CYS D 343 -6.20 -81.25 1.10
CA CYS D 343 -5.38 -80.05 1.13
C CYS D 343 -4.32 -79.95 0.05
N PRO D 344 -3.57 -80.99 -0.31
CA PRO D 344 -2.61 -80.82 -1.40
C PRO D 344 -3.28 -80.49 -2.72
N LYS D 345 -4.56 -80.78 -2.85
CA LYS D 345 -5.30 -80.53 -4.07
C LYS D 345 -6.07 -79.22 -4.03
N GLU D 346 -5.93 -78.44 -2.95
CA GLU D 346 -6.33 -77.04 -2.96
C GLU D 346 -5.45 -76.17 -3.85
N TYR D 347 -4.24 -76.63 -4.18
CA TYR D 347 -3.36 -75.95 -5.10
C TYR D 347 -3.47 -76.46 -6.53
N GLY D 348 -4.55 -77.19 -6.84
CA GLY D 348 -4.77 -77.69 -8.18
C GLY D 348 -4.97 -79.19 -8.21
N ILE D 349 -6.03 -79.64 -8.89
CA ILE D 349 -6.31 -81.06 -9.03
C ILE D 349 -5.69 -81.55 -10.33
N SER D 350 -6.06 -80.95 -11.47
CA SER D 350 -5.49 -81.36 -12.74
C SER D 350 -4.06 -80.86 -12.87
N ASP D 351 -3.34 -81.43 -13.83
CA ASP D 351 -1.96 -81.02 -14.07
C ASP D 351 -1.87 -79.59 -14.56
N ALA D 352 -2.83 -79.16 -15.39
CA ALA D 352 -2.85 -77.78 -15.87
C ALA D 352 -3.11 -76.81 -14.73
N GLU D 353 -3.96 -77.20 -13.78
CA GLU D 353 -4.24 -76.35 -12.63
C GLU D 353 -3.03 -76.26 -11.71
N LYS D 354 -2.38 -77.40 -11.42
CA LYS D 354 -1.17 -77.35 -10.62
C LYS D 354 -0.13 -76.44 -11.26
N LEU D 355 -0.12 -76.37 -12.59
CA LEU D 355 0.86 -75.55 -13.29
C LEU D 355 0.52 -74.07 -13.18
N ASP D 356 -0.72 -73.71 -13.53
CA ASP D 356 -1.10 -72.30 -13.52
C ASP D 356 -1.08 -71.73 -12.11
N ILE D 357 -1.65 -72.45 -11.16
CA ILE D 357 -1.59 -72.01 -9.77
C ILE D 357 -0.14 -71.94 -9.28
N GLY D 358 0.68 -72.94 -9.63
CA GLY D 358 2.06 -72.92 -9.22
C GLY D 358 2.86 -71.73 -9.71
N LEU D 359 2.66 -71.32 -10.97
CA LEU D 359 3.37 -70.16 -11.49
C LEU D 359 2.84 -68.85 -10.92
N LEU D 360 1.52 -68.65 -10.95
CA LEU D 360 0.97 -67.41 -10.44
C LEU D 360 1.41 -67.15 -9.00
N THR D 361 1.65 -68.21 -8.24
CA THR D 361 2.04 -68.06 -6.83
C THR D 361 3.54 -67.88 -6.64
N SER D 362 4.35 -68.69 -7.35
CA SER D 362 5.77 -68.80 -7.02
C SER D 362 6.69 -68.52 -8.21
N LEU D 363 6.19 -67.89 -9.27
CA LEU D 363 7.10 -67.59 -10.38
C LEU D 363 8.23 -66.68 -9.93
N PRO D 364 7.97 -65.59 -9.19
CA PRO D 364 9.10 -64.76 -8.73
C PRO D 364 10.11 -65.55 -7.93
N LEU D 365 9.66 -66.36 -6.97
CA LEU D 365 10.58 -67.18 -6.20
C LEU D 365 11.34 -68.15 -7.09
N ALA D 366 10.66 -68.75 -8.07
CA ALA D 366 11.31 -69.71 -8.96
C ALA D 366 12.41 -69.05 -9.80
N LYS D 367 12.15 -67.86 -10.34
CA LYS D 367 13.17 -67.14 -11.09
C LYS D 367 14.35 -66.76 -10.21
N GLN D 368 14.10 -66.35 -8.96
CA GLN D 368 15.19 -66.00 -8.07
C GLN D 368 16.11 -67.18 -7.82
N ILE D 369 15.53 -68.37 -7.63
CA ILE D 369 16.34 -69.56 -7.34
C ILE D 369 17.25 -69.88 -8.52
N LEU D 370 16.70 -69.90 -9.74
CA LEU D 370 17.52 -70.25 -10.89
C LEU D 370 18.65 -69.25 -11.07
N ASN D 371 18.38 -67.96 -10.85
CA ASN D 371 19.44 -66.98 -10.96
C ASN D 371 20.48 -67.20 -9.87
N ASP D 372 20.03 -67.47 -8.64
CA ASP D 372 20.95 -67.78 -7.56
C ASP D 372 21.71 -69.07 -7.86
N ILE D 373 21.03 -70.07 -8.43
CA ILE D 373 21.69 -71.29 -8.86
C ILE D 373 22.68 -70.98 -9.98
N GLY D 374 22.32 -70.08 -10.88
CA GLY D 374 23.21 -69.70 -11.96
C GLY D 374 24.47 -69.01 -11.46
N ASP D 375 24.34 -68.18 -10.42
CA ASP D 375 25.53 -67.56 -9.85
C ASP D 375 26.45 -68.58 -9.20
N MET D 376 25.89 -69.54 -8.46
CA MET D 376 26.74 -70.51 -7.77
C MET D 376 27.58 -71.32 -8.76
N LYS D 377 27.05 -71.58 -9.94
CA LYS D 377 27.81 -72.29 -10.97
C LYS D 377 29.04 -71.51 -11.39
N ASN D 378 28.94 -70.19 -11.51
CA ASN D 378 30.06 -69.41 -12.03
C ASN D 378 31.07 -69.02 -10.96
N ARG D 379 30.65 -68.89 -9.70
CA ARG D 379 31.59 -68.59 -8.63
C ARG D 379 32.36 -69.85 -8.23
N GLU D 380 33.47 -69.64 -7.52
CA GLU D 380 34.24 -70.73 -6.92
C GLU D 380 34.23 -70.68 -5.40
N THR D 381 33.37 -69.85 -4.81
CA THR D 381 33.23 -69.76 -3.36
C THR D 381 31.87 -70.31 -2.95
N PRO D 382 31.80 -71.36 -2.13
CA PRO D 382 30.49 -71.93 -1.79
C PRO D 382 29.60 -70.90 -1.09
N ALA D 383 28.29 -71.05 -1.29
CA ALA D 383 27.33 -70.11 -0.75
C ALA D 383 26.06 -70.85 -0.39
N CYS D 384 25.17 -70.14 0.32
CA CYS D 384 23.86 -70.66 0.66
C CYS D 384 22.83 -69.55 0.54
N VAL D 385 21.64 -69.88 0.05
CA VAL D 385 20.53 -68.95 -0.03
C VAL D 385 19.34 -69.61 0.64
N ALA D 386 18.82 -68.99 1.69
CA ALA D 386 17.69 -69.50 2.44
C ALA D 386 16.46 -68.64 2.18
N TYR D 387 15.37 -69.28 1.77
CA TYR D 387 14.09 -68.59 1.56
C TYR D 387 13.12 -69.11 2.61
N PHE D 388 12.72 -68.22 3.53
CA PHE D 388 11.71 -68.53 4.51
C PHE D 388 10.38 -68.04 3.98
N THR D 389 9.43 -68.96 3.81
CA THR D 389 8.22 -68.67 3.05
C THR D 389 7.00 -69.18 3.79
N LYS D 390 5.84 -68.62 3.43
CA LYS D 390 4.57 -69.09 3.94
C LYS D 390 4.27 -70.48 3.36
N GLU D 391 3.26 -71.13 3.93
CA GLU D 391 2.97 -72.51 3.56
C GLU D 391 2.63 -72.63 2.07
N SER D 392 2.02 -71.61 1.48
CA SER D 392 1.47 -71.76 0.14
C SER D 392 2.59 -71.97 -0.88
N HIS D 393 3.73 -71.30 -0.70
CA HIS D 393 4.77 -71.36 -1.72
C HIS D 393 5.43 -72.73 -1.74
N ILE D 394 5.40 -73.46 -0.63
CA ILE D 394 6.02 -74.78 -0.61
C ILE D 394 5.25 -75.75 -1.49
N TYR D 395 3.92 -75.81 -1.34
CA TYR D 395 3.12 -76.66 -2.21
C TYR D 395 3.32 -76.27 -3.67
N THR D 396 3.17 -74.99 -3.99
CA THR D 396 3.22 -74.58 -5.38
C THR D 396 4.61 -74.79 -5.99
N LEU D 397 5.66 -74.52 -5.22
CA LEU D 397 7.00 -74.71 -5.78
C LEU D 397 7.28 -76.19 -6.01
N LEU D 398 6.82 -77.03 -5.07
CA LEU D 398 6.94 -78.47 -5.22
C LEU D 398 6.18 -78.98 -6.44
N ASN D 399 4.99 -78.42 -6.71
CA ASN D 399 4.21 -78.83 -7.88
C ASN D 399 4.95 -78.51 -9.17
N ILE D 400 5.62 -77.36 -9.21
CA ILE D 400 6.45 -77.00 -10.36
C ILE D 400 7.55 -78.03 -10.59
N ILE D 401 8.14 -78.53 -9.51
CA ILE D 401 9.24 -79.49 -9.64
C ILE D 401 8.78 -80.73 -10.40
N TYR D 402 7.63 -81.29 -10.02
CA TYR D 402 7.19 -82.53 -10.66
C TYR D 402 6.75 -82.27 -12.09
N GLU D 403 5.91 -81.26 -12.30
CA GLU D 403 5.39 -80.99 -13.63
C GLU D 403 6.45 -80.49 -14.60
N SER D 404 7.70 -80.33 -14.16
CA SER D 404 8.78 -79.90 -15.04
C SER D 404 9.26 -81.01 -15.97
N GLY D 405 8.88 -82.26 -15.73
CA GLY D 405 9.35 -83.37 -16.53
C GLY D 405 10.69 -83.91 -16.12
N ILE D 406 11.26 -83.42 -15.02
CA ILE D 406 12.54 -83.94 -14.53
C ILE D 406 12.31 -85.33 -13.94
N PRO D 407 13.14 -86.32 -14.25
CA PRO D 407 12.90 -87.67 -13.71
C PRO D 407 12.92 -87.66 -12.19
N MET D 408 11.83 -88.13 -11.60
CA MET D 408 11.68 -88.16 -10.15
C MET D 408 11.74 -89.59 -9.63
N ARG D 409 12.13 -89.70 -8.36
CA ARG D 409 12.18 -90.99 -7.69
C ARG D 409 10.90 -91.34 -6.93
N ILE D 410 10.10 -90.35 -6.56
CA ILE D 410 8.94 -90.57 -5.69
C ILE D 410 7.76 -89.75 -6.20
N ALA D 411 6.56 -90.34 -6.13
CA ALA D 411 5.37 -89.63 -6.55
C ALA D 411 4.90 -88.69 -5.45
N ARG D 412 4.15 -87.66 -5.85
CA ARG D 412 3.77 -86.62 -4.90
C ARG D 412 2.88 -87.18 -3.79
N ASN D 413 1.88 -87.99 -4.14
CA ASN D 413 0.99 -88.53 -3.14
C ASN D 413 1.75 -89.32 -2.07
N ALA D 414 2.87 -89.94 -2.45
CA ALA D 414 3.66 -90.71 -1.50
C ALA D 414 4.53 -89.84 -0.62
N LEU D 415 4.70 -88.56 -0.94
CA LEU D 415 5.52 -87.69 -0.13
C LEU D 415 4.82 -87.43 1.21
N PRO D 416 5.55 -87.34 2.31
CA PRO D 416 4.92 -87.03 3.59
C PRO D 416 4.32 -85.64 3.57
N GLU D 417 3.49 -85.37 4.56
CA GLU D 417 2.84 -84.06 4.66
C GLU D 417 3.90 -82.97 4.69
N LEU D 418 3.67 -81.90 3.93
CA LEU D 418 4.55 -80.74 3.97
C LEU D 418 4.21 -79.99 5.25
N ASP D 419 4.79 -80.45 6.34
CA ASP D 419 4.46 -79.95 7.67
C ASP D 419 5.31 -78.72 7.97
N TYR D 420 5.29 -78.28 9.22
CA TYR D 420 5.99 -77.07 9.62
C TYR D 420 7.50 -77.25 9.52
N LEU D 421 8.17 -76.22 9.02
CA LEU D 421 9.62 -76.23 8.79
C LEU D 421 10.03 -77.24 7.73
N SER D 422 9.13 -77.56 6.81
CA SER D 422 9.49 -78.34 5.64
C SER D 422 10.48 -77.56 4.79
N GLN D 423 11.37 -78.29 4.11
CA GLN D 423 12.45 -77.65 3.37
C GLN D 423 12.50 -78.22 1.96
N ILE D 424 12.92 -77.39 1.01
CA ILE D 424 13.26 -77.81 -0.34
C ILE D 424 14.72 -77.45 -0.65
N THR D 425 15.47 -78.43 -1.16
CA THR D 425 16.92 -78.32 -1.33
C THR D 425 17.24 -78.59 -2.79
N PHE D 426 18.13 -77.77 -3.38
CA PHE D 426 18.60 -77.99 -4.74
C PHE D 426 20.12 -78.14 -4.79
N GLU D 427 20.62 -79.37 -4.82
CA GLU D 427 22.06 -79.60 -4.85
C GLU D 427 22.52 -79.71 -6.29
N SER D 441 26.24 -81.75 -12.08
CA SER D 441 25.16 -82.64 -11.68
C SER D 441 24.29 -81.98 -10.62
N ILE D 442 22.97 -82.15 -10.73
CA ILE D 442 22.02 -81.59 -9.78
C ILE D 442 21.25 -82.72 -9.10
N ARG D 443 21.16 -82.67 -7.78
CA ARG D 443 20.37 -83.61 -6.98
C ARG D 443 19.34 -82.88 -6.13
N LEU D 444 18.08 -83.28 -6.26
CA LEU D 444 16.98 -82.64 -5.52
C LEU D 444 16.59 -83.50 -4.31
N LYS D 445 16.50 -82.87 -3.14
CA LYS D 445 16.10 -83.54 -1.91
C LYS D 445 15.07 -82.68 -1.17
N MET D 446 14.24 -83.33 -0.37
CA MET D 446 13.24 -82.65 0.45
C MET D 446 13.21 -83.23 1.85
N SER D 447 12.63 -82.46 2.78
CA SER D 447 12.36 -82.88 4.16
C SER D 447 10.96 -82.43 4.52
N PRO D 448 10.16 -83.27 5.19
CA PRO D 448 8.83 -82.85 5.63
C PRO D 448 8.82 -81.95 6.86
N GLY D 449 9.97 -81.62 7.43
CA GLY D 449 9.99 -80.74 8.58
C GLY D 449 9.74 -81.47 9.88
N CYS D 450 9.13 -80.77 10.84
CA CYS D 450 8.81 -81.34 12.14
C CYS D 450 7.43 -81.99 12.03
N HIS D 451 7.43 -83.25 11.62
CA HIS D 451 6.20 -83.99 11.35
C HIS D 451 6.26 -85.33 12.06
N THR D 452 5.13 -85.74 12.64
CA THR D 452 5.02 -87.04 13.29
C THR D 452 3.80 -87.77 12.77
N GLN D 453 3.96 -89.07 12.55
CA GLN D 453 2.85 -89.90 12.11
C GLN D 453 2.01 -90.44 13.27
N ASP D 454 2.42 -90.18 14.51
CA ASP D 454 1.73 -90.68 15.70
C ASP D 454 1.77 -89.60 16.77
N PRO D 455 1.01 -88.52 16.58
CA PRO D 455 1.13 -87.38 17.51
C PRO D 455 0.81 -87.72 18.96
N LEU D 456 -0.01 -88.73 19.19
CA LEU D 456 -0.42 -89.10 20.55
C LEU D 456 0.58 -90.00 21.27
N ASP D 457 1.67 -90.42 20.62
CA ASP D 457 2.60 -91.35 21.24
C ASP D 457 4.05 -90.86 21.34
N VAL D 458 4.41 -89.78 20.64
CA VAL D 458 5.78 -89.28 20.71
C VAL D 458 6.11 -88.85 22.13
N GLN D 459 7.36 -89.11 22.54
CA GLN D 459 7.83 -88.72 23.86
C GLN D 459 8.18 -87.24 23.82
N LEU D 460 7.51 -86.43 24.64
CA LEU D 460 7.70 -84.99 24.63
C LEU D 460 8.27 -84.49 25.95
N ASP D 461 9.02 -83.39 25.84
CA ASP D 461 9.50 -82.63 26.98
C ASP D 461 8.55 -81.45 27.20
N ASP D 462 8.87 -80.61 28.20
CA ASP D 462 8.06 -79.43 28.43
C ASP D 462 8.17 -78.43 27.28
N ARG D 463 9.20 -78.54 26.43
CA ARG D 463 9.36 -77.63 25.31
C ARG D 463 8.34 -77.86 24.21
N HIS D 464 7.64 -79.00 24.23
CA HIS D 464 6.63 -79.32 23.23
C HIS D 464 7.23 -79.33 21.82
N TYR D 465 8.37 -79.99 21.69
CA TYR D 465 9.17 -79.93 20.47
C TYR D 465 9.45 -81.35 19.98
N ILE D 466 9.08 -81.62 18.72
CA ILE D 466 9.36 -82.89 18.06
C ILE D 466 10.50 -82.69 17.07
N SER D 467 11.43 -83.64 17.04
CA SER D 467 12.56 -83.54 16.13
C SER D 467 12.09 -83.60 14.67
N CYS D 468 12.96 -83.09 13.79
CA CYS D 468 12.71 -82.98 12.37
C CYS D 468 13.16 -84.23 11.62
N ILE D 469 12.55 -84.46 10.46
CA ILE D 469 12.80 -85.63 9.63
C ILE D 469 14.08 -85.43 8.84
N PRO D 470 14.96 -86.46 8.74
CA PRO D 470 16.26 -86.30 8.07
C PRO D 470 16.27 -85.96 6.59
N LYS D 471 15.11 -85.79 5.94
CA LYS D 471 15.02 -85.48 4.52
C LYS D 471 15.15 -86.74 3.66
N ILE D 472 14.49 -86.73 2.50
CA ILE D 472 14.53 -87.83 1.53
C ILE D 472 14.92 -87.30 0.16
N SER D 473 15.58 -88.15 -0.63
CA SER D 473 16.07 -87.75 -1.95
C SER D 473 14.95 -87.89 -2.98
N LEU D 474 14.70 -86.80 -3.72
CA LEU D 474 13.67 -86.79 -4.75
C LEU D 474 14.15 -87.24 -6.13
N THR D 475 15.42 -86.99 -6.47
CA THR D 475 15.94 -87.37 -7.78
C THR D 475 17.34 -87.95 -7.63
N LYS D 476 17.86 -88.46 -8.74
CA LYS D 476 19.24 -88.90 -8.80
C LYS D 476 20.13 -87.75 -9.27
N HIS D 477 21.41 -88.07 -9.47
CA HIS D 477 22.35 -87.11 -10.02
C HIS D 477 22.10 -86.96 -11.52
N LEU D 478 21.65 -85.78 -11.93
CA LEU D 478 21.29 -85.50 -13.30
C LEU D 478 22.22 -84.45 -13.88
N ASP D 479 22.61 -84.62 -15.14
CA ASP D 479 23.48 -83.65 -15.79
C ASP D 479 22.85 -82.26 -15.71
N MET D 480 23.63 -81.28 -15.27
CA MET D 480 23.10 -79.94 -15.10
C MET D 480 22.50 -79.41 -16.39
N ASP D 481 23.26 -79.46 -17.49
CA ASP D 481 22.77 -78.92 -18.76
C ASP D 481 21.45 -79.58 -19.15
N TYR D 482 21.26 -80.85 -18.79
CA TYR D 482 20.01 -81.54 -19.09
C TYR D 482 18.88 -80.95 -18.26
N VAL D 483 19.12 -80.77 -16.95
CA VAL D 483 18.09 -80.33 -16.03
C VAL D 483 17.69 -78.88 -16.31
N GLN D 484 18.54 -78.11 -16.98
CA GLN D 484 18.21 -76.74 -17.34
C GLN D 484 17.33 -76.68 -18.59
N GLN D 485 17.51 -77.63 -19.53
CA GLN D 485 16.69 -77.64 -20.73
C GLN D 485 15.25 -78.02 -20.40
N LYS D 486 15.09 -79.06 -19.57
CA LYS D 486 13.77 -79.53 -19.18
C LYS D 486 12.97 -78.44 -18.47
N LEU D 487 13.65 -77.56 -17.73
CA LEU D 487 12.98 -76.47 -17.04
C LEU D 487 12.54 -75.37 -18.01
N ARG D 488 13.42 -74.95 -18.92
CA ARG D 488 13.05 -73.85 -19.81
C ARG D 488 11.99 -74.25 -20.83
N ASN D 489 11.74 -75.54 -21.00
CA ASN D 489 10.66 -76.00 -21.89
C ASN D 489 9.29 -75.79 -21.25
#